data_3H44
#
_entry.id   3H44
#
_cell.length_a   262.737
_cell.length_b   262.737
_cell.length_c   90.502
_cell.angle_alpha   90.00
_cell.angle_beta   90.00
_cell.angle_gamma   120.00
#
_symmetry.space_group_name_H-M   'P 65'
#
loop_
_entity.id
_entity.type
_entity.pdbx_description
1 polymer 'Insulin-degrading enzyme'
2 polymer 'C-C motif chemokine 3'
3 non-polymer '1,4-DIETHYLENE DIOXIDE'
4 non-polymer 'ZINC ION'
5 water water
#
loop_
_entity_poly.entity_id
_entity_poly.type
_entity_poly.pdbx_seq_one_letter_code
_entity_poly.pdbx_strand_id
1 'polypeptide(L)'
;MHHHHHHAAGIPMNNPAIKRIGNHITKSPEDKREYRGLELANGIKVLLISDPTTDKSSAALDVHIGSLSDPPNIAGLSHF
LQHMLFLGTKKYPKENEYSQFLSEHAGSSNAFTSGEHTNYYFDVSHEHLEGALDRFAQFFLSPLFDESAKDREVNAVDSE
HEKNVMNDAWRLFQLEKATGNPKHPFSKFGTGNKYTLETRPNQEGIDVRQELLKFHSAYYSSNLMAVVVLGRESLDDLTN
LVVKLFSEVENKNVPLPEFPEHPFQEEHLKQLYKIVPIKDIRNLYVTFPIPDLQKYYKSNPGHYLGHLIGHEGPGSLLSE
LKSKGWVNTLVGGQKEGARGFMFFIINVDLTEEGLLHVEDIILHMFQYIQKLRAEGPQEWVFQELKDLNAVAFRFKDKER
PRGYTSKIAGILHYYPLEEVLTAEYLLEEFRPDLIEMVLDKLRPENVRVAIVSKSFEGKTDRTEEWYGTQYKQEAIPDEV
IKKWQNADLNGKFKLPTKNEFIPTNFEILPLEKEATPYPALIKDTAMSKLWFKQDDKFFLPKANLNFEFFSPFAYVDPLH
SNMAYLYLELLKDSLNEYAYAAELAGLSYDLQNTIYGMYLSVKGYNDKQPILLKKIIEKMATFEIDEKRFEIIKEAYMRS
LNNFRAEQPHQHAMYYLRLLMTEVAWTKDELKEALDDVTLPRLKAFIPQLLSRLHIEALLHGNITKQAALGIMQMVEDTL
IEHAHTKPLLPSQLVRYREVQLPDRGWFVYQQRNEVHNNSGIEIYYQTDMQSTSENMFLELFAQIISEPAFNTLRTKEQL
GYIVFSGPRRANGIQGLRFIIQSEKPPHYLESRVEAFLITMEKSIEDMTEEAFQKHIQALAIRRLDKPKKLSAESAKYWG
EIISQQYNFDRDNTEVAYLKTLTKEDIIKFYKEMLAVDAPRRHKVSVHVLAREMDSNPVVGEFPAQNDINLSQAPALPQP
EVIQNMTEFKRGLPLFPLVKPHINFMAAKL
;
A,B
2 'polypeptide(L)' ASLAADTPTACCFSYTSRQIPQNFIADYFETSSQCSKPGVIFLTKRSRQVCADPSEEWVQKYVSDLELSA C,D
#
# COMPACT_ATOMS: atom_id res chain seq x y z
N ASN A 14 13.75 1.28 -37.73
CA ASN A 14 12.26 1.15 -37.72
C ASN A 14 11.66 0.38 -36.49
N ASN A 15 10.45 0.78 -36.03
CA ASN A 15 9.70 0.16 -34.87
C ASN A 15 8.24 -0.24 -35.21
N PRO A 16 7.86 -1.53 -35.02
CA PRO A 16 6.54 -2.03 -35.44
C PRO A 16 5.37 -1.48 -34.66
N ALA A 17 5.62 -0.99 -33.45
CA ALA A 17 4.57 -0.52 -32.55
C ALA A 17 4.00 0.85 -32.94
N ILE A 18 4.80 1.64 -33.65
CA ILE A 18 4.37 2.94 -34.12
C ILE A 18 3.88 2.82 -35.56
N LYS A 19 2.68 3.35 -35.84
CA LYS A 19 2.23 3.55 -37.23
C LYS A 19 2.93 4.71 -37.95
N ARG A 20 3.17 5.84 -37.26
CA ARG A 20 3.95 6.96 -37.81
C ARG A 20 4.23 8.08 -36.79
N ILE A 21 5.15 8.96 -37.16
CA ILE A 21 5.51 10.14 -36.38
C ILE A 21 5.09 11.29 -37.25
N GLY A 22 4.43 12.29 -36.68
CA GLY A 22 4.05 13.46 -37.47
C GLY A 22 5.21 14.43 -37.60
N ASN A 23 5.08 15.39 -38.53
CA ASN A 23 6.11 16.44 -38.68
C ASN A 23 6.11 17.43 -37.52
N HIS A 24 7.12 18.32 -37.46
CA HIS A 24 7.18 19.36 -36.43
C HIS A 24 5.78 19.87 -36.01
N ILE A 25 5.41 19.65 -34.74
CA ILE A 25 4.13 20.17 -34.21
C ILE A 25 4.24 21.69 -34.01
N THR A 26 3.39 22.47 -34.67
CA THR A 26 3.56 23.93 -34.64
C THR A 26 3.23 24.48 -33.28
N LYS A 27 4.23 25.12 -32.68
CA LYS A 27 4.08 25.72 -31.37
C LYS A 27 4.29 27.23 -31.43
N SER A 28 3.85 27.95 -30.39
CA SER A 28 4.25 29.35 -30.29
C SER A 28 5.76 29.47 -30.23
N PRO A 29 6.32 30.52 -30.83
CA PRO A 29 7.78 30.68 -30.76
C PRO A 29 8.27 30.94 -29.33
N GLU A 30 7.34 31.32 -28.45
CA GLU A 30 7.63 31.55 -27.03
C GLU A 30 7.64 30.24 -26.23
N ASP A 31 6.87 29.25 -26.66
CA ASP A 31 6.78 27.95 -25.97
C ASP A 31 8.09 27.17 -26.04
N LYS A 32 8.84 27.12 -24.93
CA LYS A 32 10.14 26.40 -24.88
C LYS A 32 9.92 24.87 -24.82
N ARG A 33 8.70 24.42 -24.55
CA ARG A 33 8.45 22.98 -24.41
C ARG A 33 8.65 22.28 -25.76
N GLU A 34 9.01 21.01 -25.74
CA GLU A 34 9.19 20.29 -26.98
C GLU A 34 8.14 19.22 -27.22
N TYR A 35 7.68 19.12 -28.45
CA TYR A 35 6.57 18.24 -28.77
C TYR A 35 6.83 17.22 -29.89
N ARG A 36 6.23 16.04 -29.74
CA ARG A 36 6.23 15.01 -30.77
C ARG A 36 4.85 14.39 -30.91
N GLY A 37 4.38 14.25 -32.14
CA GLY A 37 3.09 13.58 -32.42
C GLY A 37 3.33 12.20 -33.01
N LEU A 38 2.41 11.27 -32.77
CA LEU A 38 2.49 9.96 -33.40
C LEU A 38 1.22 9.18 -33.23
N GLU A 39 1.12 8.13 -34.04
CA GLU A 39 -0.01 7.19 -34.00
C GLU A 39 0.58 5.84 -33.74
N LEU A 40 0.00 5.12 -32.79
CA LEU A 40 0.46 3.77 -32.51
C LEU A 40 -0.06 2.77 -33.55
N ALA A 41 0.58 1.61 -33.62
CA ALA A 41 0.10 0.56 -34.51
C ALA A 41 -1.35 0.18 -34.21
N ASN A 42 -1.78 0.26 -32.94
CA ASN A 42 -3.20 0.01 -32.59
C ASN A 42 -4.18 1.14 -32.84
N GLY A 43 -3.65 2.27 -33.30
CA GLY A 43 -4.47 3.41 -33.67
C GLY A 43 -4.59 4.58 -32.68
N ILE A 44 -4.02 4.46 -31.49
CA ILE A 44 -4.08 5.52 -30.51
C ILE A 44 -3.25 6.66 -31.02
N LYS A 45 -3.86 7.84 -31.06
CA LYS A 45 -3.15 9.08 -31.36
C LYS A 45 -2.45 9.60 -30.09
N VAL A 46 -1.22 10.08 -30.23
CA VAL A 46 -0.45 10.46 -29.08
C VAL A 46 0.28 11.80 -29.26
N LEU A 47 0.08 12.76 -28.34
CA LEU A 47 1.00 13.91 -28.23
C LEU A 47 1.94 13.70 -27.06
N LEU A 48 3.23 13.91 -27.28
CA LEU A 48 4.21 13.80 -26.20
C LEU A 48 4.79 15.17 -25.98
N ILE A 49 4.82 15.58 -24.72
CA ILE A 49 5.35 16.89 -24.33
C ILE A 49 6.54 16.76 -23.38
N SER A 50 7.71 17.22 -23.83
CA SER A 50 8.90 17.22 -22.99
C SER A 50 9.08 18.59 -22.40
N ASP A 51 9.25 18.66 -21.08
CA ASP A 51 9.49 19.93 -20.40
C ASP A 51 10.40 19.70 -19.22
N PRO A 52 11.73 19.71 -19.46
CA PRO A 52 12.78 19.48 -18.48
C PRO A 52 12.64 20.32 -17.22
N THR A 53 11.98 21.48 -17.30
CA THR A 53 11.72 22.30 -16.10
C THR A 53 10.56 21.78 -15.21
N THR A 54 9.65 20.97 -15.73
CA THR A 54 8.39 20.68 -15.00
C THR A 54 8.54 20.08 -13.59
N ASP A 55 7.75 20.60 -12.65
CA ASP A 55 7.73 20.11 -11.27
C ASP A 55 6.76 18.97 -11.14
N LYS A 56 5.67 19.05 -11.90
CA LYS A 56 4.72 17.94 -11.97
C LYS A 56 4.62 17.39 -13.40
N SER A 57 4.77 16.08 -13.57
CA SER A 57 4.43 15.45 -14.85
C SER A 57 2.92 15.15 -14.89
N SER A 58 2.41 14.76 -16.05
CA SER A 58 0.96 14.59 -16.25
C SER A 58 0.65 13.75 -17.47
N ALA A 59 -0.51 13.11 -17.46
CA ALA A 59 -0.98 12.42 -18.67
C ALA A 59 -2.47 12.38 -18.71
N ALA A 60 -3.03 12.27 -19.90
CA ALA A 60 -4.48 12.19 -20.06
C ALA A 60 -4.84 11.22 -21.13
N LEU A 61 -6.00 10.61 -21.00
CA LEU A 61 -6.56 9.80 -22.06
C LEU A 61 -8.01 10.19 -22.36
N ASP A 62 -8.30 10.29 -23.65
CA ASP A 62 -9.62 10.62 -24.10
C ASP A 62 -10.18 9.51 -24.99
N VAL A 63 -11.34 8.98 -24.66
CA VAL A 63 -11.98 8.03 -25.51
C VAL A 63 -13.13 8.77 -26.14
N HIS A 64 -13.28 8.56 -27.44
CA HIS A 64 -14.39 9.15 -28.16
C HIS A 64 -15.70 8.43 -27.91
N ILE A 65 -15.93 8.00 -26.68
CA ILE A 65 -17.24 7.47 -26.37
C ILE A 65 -17.77 8.18 -25.15
N GLY A 66 -19.07 8.39 -25.11
CA GLY A 66 -19.69 8.98 -23.94
C GLY A 66 -21.17 8.67 -23.88
N SER A 67 -21.92 9.46 -23.11
CA SER A 67 -23.24 9.01 -22.74
C SER A 67 -24.26 8.95 -23.88
N LEU A 68 -23.97 9.60 -25.00
CA LEU A 68 -24.78 9.41 -26.19
C LEU A 68 -24.80 7.91 -26.60
N SER A 69 -23.71 7.19 -26.28
CA SER A 69 -23.64 5.74 -26.44
C SER A 69 -24.06 4.90 -25.24
N ASP A 70 -24.70 5.49 -24.23
CA ASP A 70 -25.35 4.68 -23.17
C ASP A 70 -26.35 3.70 -23.84
N PRO A 71 -26.34 2.43 -23.40
CA PRO A 71 -27.46 1.53 -23.67
C PRO A 71 -28.78 2.21 -23.30
N PRO A 72 -29.82 2.15 -24.17
CA PRO A 72 -31.00 2.96 -23.84
C PRO A 72 -31.70 2.38 -22.64
N ASN A 73 -31.40 1.13 -22.33
CA ASN A 73 -32.02 0.48 -21.19
C ASN A 73 -31.30 0.69 -19.87
N ILE A 74 -30.18 1.44 -19.90
CA ILE A 74 -29.37 1.72 -18.67
C ILE A 74 -28.70 3.11 -18.72
N ALA A 75 -29.46 4.16 -18.41
CA ALA A 75 -28.93 5.53 -18.53
C ALA A 75 -27.76 5.79 -17.59
N GLY A 76 -26.70 6.38 -18.14
CA GLY A 76 -25.55 6.79 -17.34
C GLY A 76 -24.45 5.73 -17.18
N LEU A 77 -24.51 4.69 -18.00
CA LEU A 77 -23.54 3.63 -17.85
C LEU A 77 -22.13 4.10 -18.12
N SER A 78 -21.92 4.91 -19.14
CA SER A 78 -20.55 5.40 -19.38
C SER A 78 -20.03 6.39 -18.30
N HIS A 79 -20.91 7.21 -17.71
CA HIS A 79 -20.53 8.00 -16.53
C HIS A 79 -20.19 7.07 -15.37
N PHE A 80 -21.02 6.05 -15.15
CA PHE A 80 -20.72 5.10 -14.10
C PHE A 80 -19.45 4.36 -14.41
N LEU A 81 -19.28 3.91 -15.64
CA LEU A 81 -18.07 3.21 -16.01
C LEU A 81 -16.88 4.06 -15.64
N GLN A 82 -17.02 5.37 -15.90
CA GLN A 82 -15.94 6.31 -15.63
C GLN A 82 -15.61 6.34 -14.15
N HIS A 83 -16.61 6.43 -13.27
CA HIS A 83 -16.34 6.32 -11.83
C HIS A 83 -15.63 4.99 -11.49
N MET A 84 -16.10 3.87 -12.04
CA MET A 84 -15.56 2.53 -11.70
C MET A 84 -14.11 2.26 -12.06
N LEU A 85 -13.63 2.80 -13.19
CA LEU A 85 -12.23 2.56 -13.58
C LEU A 85 -11.16 2.91 -12.53
N PHE A 86 -11.48 3.84 -11.64
CA PHE A 86 -10.57 4.24 -10.57
C PHE A 86 -10.42 3.19 -9.47
N LEU A 87 -11.42 2.35 -9.34
CA LEU A 87 -11.52 1.49 -8.18
C LEU A 87 -10.85 0.14 -8.33
N GLY A 88 -9.89 0.02 -9.25
CA GLY A 88 -9.04 -1.17 -9.24
C GLY A 88 -8.98 -1.92 -10.54
N THR A 89 -7.78 -2.36 -10.85
CA THR A 89 -7.57 -3.11 -12.07
C THR A 89 -6.99 -4.50 -11.72
N LYS A 90 -6.88 -5.36 -12.74
CA LYS A 90 -6.39 -6.70 -12.55
C LYS A 90 -4.96 -6.67 -12.04
N LYS A 91 -4.14 -5.72 -12.52
CA LYS A 91 -2.73 -5.73 -12.10
C LYS A 91 -2.37 -4.83 -10.91
N TYR A 92 -3.28 -3.94 -10.51
CA TYR A 92 -3.14 -3.17 -9.25
C TYR A 92 -4.49 -3.18 -8.62
N PRO A 93 -4.86 -4.33 -8.03
CA PRO A 93 -6.21 -4.61 -7.54
C PRO A 93 -6.66 -3.81 -6.30
N LYS A 94 -5.75 -3.16 -5.60
CA LYS A 94 -6.18 -2.47 -4.38
C LYS A 94 -7.12 -1.31 -4.68
N GLU A 95 -8.33 -1.36 -4.13
CA GLU A 95 -9.39 -0.42 -4.55
C GLU A 95 -8.92 1.01 -4.83
N ASN A 96 -8.08 1.56 -3.95
CA ASN A 96 -7.61 2.92 -4.10
C ASN A 96 -6.10 3.02 -4.29
N GLU A 97 -5.50 1.96 -4.82
CA GLU A 97 -4.09 1.97 -5.17
C GLU A 97 -3.72 3.22 -5.97
N TYR A 98 -4.56 3.53 -6.95
CA TYR A 98 -4.32 4.64 -7.85
C TYR A 98 -4.34 5.97 -7.11
N SER A 99 -5.46 6.27 -6.46
CA SER A 99 -5.58 7.56 -5.80
C SER A 99 -4.60 7.71 -4.63
N GLN A 100 -4.19 6.62 -4.01
CA GLN A 100 -3.19 6.70 -2.95
C GLN A 100 -1.77 6.93 -3.49
N PHE A 101 -1.43 6.22 -4.56
CA PHE A 101 -0.14 6.44 -5.22
C PHE A 101 0.02 7.89 -5.63
N LEU A 102 -1.06 8.48 -6.16
CA LEU A 102 -1.03 9.89 -6.53
C LEU A 102 -0.85 10.75 -5.31
N SER A 103 -1.70 10.55 -4.30
CA SER A 103 -1.68 11.33 -3.09
C SER A 103 -0.31 11.41 -2.42
N GLU A 104 0.34 10.25 -2.32
CA GLU A 104 1.70 10.10 -1.76
C GLU A 104 2.81 10.67 -2.66
N HIS A 105 2.53 10.93 -3.93
CA HIS A 105 3.57 11.51 -4.79
C HIS A 105 3.24 12.88 -5.34
N ALA A 106 2.49 13.62 -4.52
CA ALA A 106 2.09 15.00 -4.79
C ALA A 106 1.27 15.18 -6.06
N GLY A 107 0.51 14.17 -6.44
CA GLY A 107 -0.33 14.21 -7.63
C GLY A 107 -1.80 14.35 -7.29
N SER A 108 -2.66 14.11 -8.27
CA SER A 108 -4.10 14.28 -8.12
C SER A 108 -4.65 13.90 -9.49
N SER A 109 -5.97 13.72 -9.56
CA SER A 109 -6.59 13.14 -10.74
C SER A 109 -8.05 13.52 -10.90
N ASN A 110 -8.58 13.46 -12.11
CA ASN A 110 -10.04 13.44 -12.31
C ASN A 110 -10.47 12.93 -13.66
N ALA A 111 -11.76 12.91 -13.90
CA ALA A 111 -12.29 12.46 -15.15
C ALA A 111 -13.65 13.10 -15.37
N PHE A 112 -14.12 13.08 -16.61
CA PHE A 112 -15.47 13.53 -16.89
C PHE A 112 -15.97 12.81 -18.14
N THR A 113 -17.30 12.77 -18.27
CA THR A 113 -18.00 12.12 -19.36
C THR A 113 -18.87 13.20 -20.02
N SER A 114 -18.61 13.52 -21.30
CA SER A 114 -19.52 14.36 -22.12
C SER A 114 -20.35 13.43 -23.00
N GLY A 115 -21.06 13.96 -23.98
CA GLY A 115 -21.89 13.08 -24.80
C GLY A 115 -21.08 12.13 -25.67
N GLU A 116 -19.85 12.52 -26.01
CA GLU A 116 -19.07 11.75 -26.94
C GLU A 116 -17.69 11.53 -26.42
N HIS A 117 -17.45 11.89 -25.18
CA HIS A 117 -16.09 11.74 -24.71
C HIS A 117 -16.05 11.26 -23.30
N THR A 118 -15.03 10.47 -23.02
CA THR A 118 -14.64 10.22 -21.65
C THR A 118 -13.15 10.53 -21.50
N ASN A 119 -12.84 11.41 -20.55
CA ASN A 119 -11.52 12.04 -20.42
C ASN A 119 -10.94 11.81 -19.05
N TYR A 120 -9.72 11.29 -18.99
CA TYR A 120 -9.13 10.89 -17.74
C TYR A 120 -7.74 11.48 -17.67
N TYR A 121 -7.44 12.17 -16.57
CA TYR A 121 -6.17 12.86 -16.46
C TYR A 121 -5.68 12.87 -15.01
N PHE A 122 -4.36 13.05 -14.86
CA PHE A 122 -3.74 13.16 -13.56
C PHE A 122 -2.46 13.96 -13.72
N ASP A 123 -1.97 14.48 -12.60
CA ASP A 123 -0.59 14.87 -12.47
C ASP A 123 0.03 14.12 -11.29
N VAL A 124 1.35 14.18 -11.21
CA VAL A 124 2.09 13.52 -10.18
C VAL A 124 3.36 14.31 -10.12
N SER A 125 4.13 14.17 -9.04
CA SER A 125 5.50 14.69 -8.96
C SER A 125 6.30 14.19 -10.15
N HIS A 126 7.16 15.03 -10.69
CA HIS A 126 7.74 14.79 -12.02
C HIS A 126 8.48 13.48 -12.08
N GLU A 127 8.89 13.02 -10.90
CA GLU A 127 9.75 11.86 -10.72
C GLU A 127 9.03 10.49 -10.68
N HIS A 128 7.73 10.45 -10.94
CA HIS A 128 6.95 9.29 -10.64
C HIS A 128 5.95 9.15 -11.74
N LEU A 129 6.32 9.71 -12.89
CA LEU A 129 5.55 9.61 -14.10
C LEU A 129 5.24 8.17 -14.40
N GLU A 130 6.27 7.36 -14.59
CA GLU A 130 6.11 5.95 -14.92
C GLU A 130 5.14 5.24 -13.94
N GLY A 131 5.42 5.29 -12.63
CA GLY A 131 4.55 4.66 -11.63
C GLY A 131 3.10 5.05 -11.78
N ALA A 132 2.88 6.36 -11.85
CA ALA A 132 1.57 6.92 -12.07
C ALA A 132 1.02 6.38 -13.38
N LEU A 133 1.76 6.58 -14.47
CA LEU A 133 1.29 6.17 -15.77
C LEU A 133 0.99 4.66 -15.88
N ASP A 134 1.77 3.84 -15.20
CA ASP A 134 1.59 2.41 -15.29
C ASP A 134 0.23 2.02 -14.71
N ARG A 135 0.00 2.46 -13.47
CA ARG A 135 -1.26 2.21 -12.83
C ARG A 135 -2.40 2.74 -13.67
N PHE A 136 -2.15 3.80 -14.42
CA PHE A 136 -3.18 4.53 -15.14
C PHE A 136 -3.60 3.80 -16.40
N ALA A 137 -2.61 3.26 -17.12
CA ALA A 137 -2.90 2.50 -18.32
C ALA A 137 -3.88 1.35 -17.97
N GLN A 138 -3.74 0.77 -16.78
CA GLN A 138 -4.52 -0.41 -16.49
C GLN A 138 -6.03 -0.17 -16.57
N PHE A 139 -6.46 1.07 -16.41
CA PHE A 139 -7.90 1.39 -16.53
C PHE A 139 -8.47 0.89 -17.86
N PHE A 140 -7.59 0.77 -18.84
CA PHE A 140 -7.98 0.58 -20.23
C PHE A 140 -7.52 -0.77 -20.70
N LEU A 141 -7.17 -1.60 -19.75
CA LEU A 141 -6.68 -2.91 -20.04
C LEU A 141 -7.47 -3.98 -19.28
N SER A 142 -7.78 -3.71 -18.00
CA SER A 142 -8.52 -4.67 -17.20
C SER A 142 -8.94 -4.08 -15.85
N PRO A 143 -10.09 -3.42 -15.83
CA PRO A 143 -10.66 -2.89 -14.58
C PRO A 143 -11.57 -3.91 -13.94
N LEU A 144 -11.31 -4.26 -12.68
CA LEU A 144 -12.07 -5.31 -12.02
C LEU A 144 -13.57 -5.07 -12.02
N PHE A 145 -14.01 -3.82 -12.00
CA PHE A 145 -15.41 -3.54 -11.70
C PHE A 145 -15.84 -4.45 -10.55
N ASP A 146 -15.09 -4.39 -9.45
CA ASP A 146 -15.39 -5.24 -8.32
C ASP A 146 -16.86 -5.14 -7.96
N GLU A 147 -17.46 -6.31 -7.77
CA GLU A 147 -18.89 -6.37 -7.48
C GLU A 147 -19.33 -5.50 -6.30
N SER A 148 -18.53 -5.37 -5.25
CA SER A 148 -18.99 -4.60 -4.09
C SER A 148 -18.57 -3.13 -4.17
N ALA A 149 -17.52 -2.86 -4.94
CA ALA A 149 -17.16 -1.50 -5.30
C ALA A 149 -18.31 -0.93 -6.10
N LYS A 150 -18.79 -1.72 -7.08
CA LYS A 150 -19.97 -1.31 -7.83
C LYS A 150 -21.12 -0.89 -6.93
N ASP A 151 -21.44 -1.72 -5.94
CA ASP A 151 -22.58 -1.43 -5.04
C ASP A 151 -22.43 -0.10 -4.32
N ARG A 152 -21.21 0.14 -3.85
CA ARG A 152 -20.90 1.31 -3.09
C ARG A 152 -20.87 2.54 -4.01
N GLU A 153 -19.95 2.53 -4.97
CA GLU A 153 -19.77 3.70 -5.84
C GLU A 153 -21.04 4.14 -6.56
N VAL A 154 -22.05 3.27 -6.67
CA VAL A 154 -23.30 3.71 -7.29
C VAL A 154 -23.93 4.88 -6.53
N ASN A 155 -23.66 4.98 -5.22
CA ASN A 155 -24.27 6.03 -4.43
C ASN A 155 -23.61 7.34 -4.71
N ALA A 156 -22.31 7.27 -4.97
CA ALA A 156 -21.58 8.45 -5.31
C ALA A 156 -22.29 9.09 -6.50
N VAL A 157 -22.64 8.29 -7.52
CA VAL A 157 -23.29 8.85 -8.70
C VAL A 157 -24.67 9.43 -8.37
N ASP A 158 -25.45 8.69 -7.59
CA ASP A 158 -26.74 9.19 -7.13
C ASP A 158 -26.62 10.57 -6.50
N SER A 159 -25.59 10.74 -5.67
CA SER A 159 -25.32 12.04 -5.06
C SER A 159 -24.89 13.12 -6.06
N GLU A 160 -24.01 12.73 -7.02
CA GLU A 160 -23.56 13.60 -8.12
C GLU A 160 -24.86 14.17 -8.69
N HIS A 161 -25.81 13.30 -8.97
CA HIS A 161 -27.05 13.73 -9.59
C HIS A 161 -27.89 14.60 -8.67
N GLU A 162 -28.03 14.17 -7.42
CA GLU A 162 -28.88 14.86 -6.43
C GLU A 162 -28.58 16.33 -6.37
N LYS A 163 -27.30 16.61 -6.13
CA LYS A 163 -26.71 17.90 -6.27
C LYS A 163 -27.32 18.74 -7.39
N ASN A 164 -27.41 18.14 -8.58
CA ASN A 164 -27.83 18.80 -9.81
C ASN A 164 -29.33 18.99 -9.98
N VAL A 165 -30.10 18.25 -9.21
CA VAL A 165 -31.53 18.21 -9.41
C VAL A 165 -32.18 19.57 -9.23
N MET A 166 -31.83 20.27 -8.17
CA MET A 166 -32.45 21.56 -7.89
C MET A 166 -31.66 22.70 -8.53
N ASN A 167 -30.76 22.34 -9.44
CA ASN A 167 -29.90 23.34 -10.03
C ASN A 167 -30.42 23.85 -11.37
N ASP A 168 -30.75 25.14 -11.41
CA ASP A 168 -31.42 25.70 -12.58
C ASP A 168 -30.76 25.42 -13.94
N ALA A 169 -29.42 25.38 -13.99
CA ALA A 169 -28.69 25.14 -15.25
C ALA A 169 -28.83 23.72 -15.75
N TRP A 170 -28.89 22.76 -14.83
CA TRP A 170 -28.91 21.35 -15.20
C TRP A 170 -30.30 20.94 -15.67
N ARG A 171 -31.32 21.45 -14.98
CA ARG A 171 -32.71 21.27 -15.35
C ARG A 171 -32.95 21.77 -16.77
N LEU A 172 -32.48 22.99 -17.05
CA LEU A 172 -32.57 23.55 -18.39
C LEU A 172 -31.80 22.71 -19.42
N PHE A 173 -30.70 22.12 -18.99
CA PHE A 173 -29.83 21.42 -19.91
C PHE A 173 -30.50 20.12 -20.39
N GLN A 174 -31.17 19.43 -19.46
CA GLN A 174 -31.87 18.19 -19.77
C GLN A 174 -33.21 18.50 -20.43
N LEU A 175 -33.91 19.52 -19.94
CA LEU A 175 -35.15 19.98 -20.55
C LEU A 175 -35.03 20.24 -22.03
N GLU A 176 -33.92 20.80 -22.47
CA GLU A 176 -33.72 20.95 -23.88
C GLU A 176 -33.73 19.56 -24.50
N LYS A 177 -32.85 18.67 -24.02
CA LYS A 177 -32.76 17.30 -24.56
C LYS A 177 -34.11 16.63 -24.66
N ALA A 178 -34.97 16.90 -23.68
CA ALA A 178 -36.21 16.16 -23.52
C ALA A 178 -37.35 16.71 -24.35
N THR A 179 -37.06 17.72 -25.17
CA THR A 179 -38.08 18.31 -26.04
C THR A 179 -37.68 18.31 -27.51
N GLY A 180 -36.67 17.52 -27.85
CA GLY A 180 -36.36 17.20 -29.24
C GLY A 180 -36.84 15.78 -29.51
N ASN A 181 -36.47 15.25 -30.67
CA ASN A 181 -36.80 13.87 -31.01
C ASN A 181 -36.44 12.92 -29.88
N PRO A 182 -37.45 12.37 -29.17
CA PRO A 182 -37.11 11.45 -28.07
C PRO A 182 -36.49 10.16 -28.56
N LYS A 183 -36.50 9.98 -29.89
CA LYS A 183 -35.84 8.86 -30.57
C LYS A 183 -34.32 9.05 -30.61
N HIS A 184 -33.90 10.32 -30.68
CA HIS A 184 -32.51 10.71 -30.80
C HIS A 184 -31.71 10.45 -29.53
N PRO A 185 -30.47 9.95 -29.66
CA PRO A 185 -29.65 9.74 -28.45
C PRO A 185 -29.38 11.02 -27.65
N PHE A 186 -29.49 12.18 -28.29
CA PHE A 186 -29.41 13.48 -27.63
C PHE A 186 -30.34 13.54 -26.43
N SER A 187 -31.47 12.86 -26.54
CA SER A 187 -32.48 12.95 -25.49
C SER A 187 -32.20 12.04 -24.30
N LYS A 188 -31.02 11.40 -24.26
CA LYS A 188 -30.66 10.53 -23.12
C LYS A 188 -30.26 11.31 -21.89
N PHE A 189 -30.37 10.66 -20.75
CA PHE A 189 -29.98 11.24 -19.49
C PHE A 189 -28.62 10.65 -19.14
N GLY A 190 -27.58 11.48 -19.25
CA GLY A 190 -26.18 11.05 -19.16
C GLY A 190 -25.62 10.75 -17.78
N THR A 191 -26.11 11.48 -16.78
CA THR A 191 -25.65 11.32 -15.40
C THR A 191 -25.98 9.94 -14.82
N GLY A 192 -27.23 9.53 -14.88
CA GLY A 192 -27.64 8.31 -14.21
C GLY A 192 -27.82 8.58 -12.74
N ASN A 193 -28.48 7.66 -12.05
CA ASN A 193 -28.66 7.72 -10.59
C ASN A 193 -28.76 6.30 -9.99
N LYS A 194 -29.14 6.19 -8.72
CA LYS A 194 -29.22 4.89 -8.03
C LYS A 194 -30.30 4.04 -8.71
N TYR A 195 -31.37 4.72 -9.12
CA TYR A 195 -32.49 4.10 -9.76
C TYR A 195 -32.12 3.43 -11.10
N THR A 196 -31.48 4.19 -11.98
CA THR A 196 -31.19 3.73 -13.35
C THR A 196 -29.97 2.82 -13.46
N LEU A 197 -29.14 2.83 -12.42
CA LEU A 197 -27.92 2.00 -12.38
C LEU A 197 -28.01 0.80 -11.41
N GLU A 198 -29.08 0.72 -10.61
CA GLU A 198 -29.23 -0.36 -9.62
C GLU A 198 -30.70 -0.78 -9.44
N THR A 199 -31.51 0.07 -8.81
CA THR A 199 -32.92 -0.24 -8.62
C THR A 199 -33.77 -0.74 -9.79
N ARG A 200 -33.40 -0.33 -11.01
CA ARG A 200 -34.19 -0.64 -12.20
C ARG A 200 -33.45 -1.79 -12.87
N PRO A 201 -32.12 -1.68 -13.10
CA PRO A 201 -31.48 -2.84 -13.68
C PRO A 201 -31.70 -4.13 -12.88
N ASN A 202 -31.91 -4.01 -11.56
CA ASN A 202 -32.14 -5.19 -10.73
C ASN A 202 -33.46 -5.81 -11.11
N GLN A 203 -34.48 -4.97 -11.17
CA GLN A 203 -35.80 -5.38 -11.58
C GLN A 203 -35.81 -6.01 -12.97
N GLU A 204 -34.89 -5.61 -13.83
CA GLU A 204 -34.92 -6.09 -15.21
C GLU A 204 -33.85 -7.16 -15.46
N GLY A 205 -33.46 -7.82 -14.36
CA GLY A 205 -32.46 -8.88 -14.31
C GLY A 205 -31.13 -8.62 -15.00
N ILE A 206 -30.55 -7.45 -14.77
CA ILE A 206 -29.28 -7.09 -15.42
C ILE A 206 -28.10 -7.29 -14.47
N ASP A 207 -27.10 -8.02 -14.93
CA ASP A 207 -25.86 -8.09 -14.18
C ASP A 207 -25.05 -6.86 -14.63
N VAL A 208 -25.03 -5.84 -13.77
CA VAL A 208 -24.36 -4.61 -14.14
C VAL A 208 -22.86 -4.85 -14.34
N ARG A 209 -22.20 -5.53 -13.41
CA ARG A 209 -20.79 -5.82 -13.62
C ARG A 209 -20.56 -6.46 -15.00
N GLN A 210 -21.57 -7.16 -15.53
CA GLN A 210 -21.45 -7.70 -16.91
C GLN A 210 -21.54 -6.60 -17.97
N GLU A 211 -22.52 -5.73 -17.79
CA GLU A 211 -22.74 -4.58 -18.67
C GLU A 211 -21.55 -3.62 -18.68
N LEU A 212 -20.97 -3.40 -17.50
CA LEU A 212 -19.74 -2.65 -17.39
C LEU A 212 -18.59 -3.35 -18.09
N LEU A 213 -18.46 -4.67 -17.98
CA LEU A 213 -17.47 -5.39 -18.79
C LEU A 213 -17.83 -5.35 -20.28
N LYS A 214 -19.13 -5.40 -20.61
CA LYS A 214 -19.49 -5.48 -22.01
C LYS A 214 -19.18 -4.18 -22.70
N PHE A 215 -19.67 -3.09 -22.11
CA PHE A 215 -19.49 -1.74 -22.64
C PHE A 215 -18.02 -1.33 -22.74
N HIS A 216 -17.22 -1.74 -21.76
CA HIS A 216 -15.79 -1.44 -21.75
C HIS A 216 -15.09 -2.10 -22.90
N SER A 217 -15.37 -3.40 -23.05
CA SER A 217 -14.79 -4.25 -24.08
C SER A 217 -15.28 -3.86 -25.48
N ALA A 218 -16.53 -3.41 -25.57
CA ALA A 218 -17.08 -2.93 -26.82
C ALA A 218 -16.35 -1.65 -27.23
N TYR A 219 -16.44 -0.62 -26.39
CA TYR A 219 -16.05 0.73 -26.77
C TYR A 219 -14.68 1.24 -26.38
N TYR A 220 -14.15 0.77 -25.27
CA TYR A 220 -12.84 1.23 -24.89
C TYR A 220 -11.86 0.59 -25.84
N SER A 221 -11.84 1.04 -27.08
CA SER A 221 -11.06 0.40 -28.15
C SER A 221 -9.91 1.31 -28.58
N SER A 222 -8.74 0.73 -28.84
CA SER A 222 -7.57 1.55 -29.08
C SER A 222 -7.72 2.65 -30.17
N ASN A 223 -8.64 2.44 -31.12
CA ASN A 223 -8.76 3.35 -32.27
C ASN A 223 -9.56 4.59 -31.92
N LEU A 224 -10.26 4.51 -30.80
CA LEU A 224 -11.10 5.59 -30.39
C LEU A 224 -10.46 6.37 -29.27
N MET A 225 -9.12 6.37 -29.22
CA MET A 225 -8.37 6.84 -28.05
C MET A 225 -7.25 7.78 -28.35
N ALA A 226 -7.13 8.81 -27.52
CA ALA A 226 -6.00 9.73 -27.61
C ALA A 226 -5.30 9.85 -26.25
N VAL A 227 -3.97 9.88 -26.31
CA VAL A 227 -3.12 10.06 -25.11
C VAL A 227 -2.14 11.23 -25.24
N VAL A 228 -2.06 12.05 -24.18
CA VAL A 228 -1.01 13.06 -24.07
C VAL A 228 -0.16 12.83 -22.84
N VAL A 229 1.16 12.89 -23.01
CA VAL A 229 2.04 12.72 -21.87
C VAL A 229 3.07 13.83 -21.79
N LEU A 230 3.11 14.48 -20.62
CA LEU A 230 4.05 15.54 -20.33
C LEU A 230 4.96 15.15 -19.15
N GLY A 231 6.27 15.33 -19.33
CA GLY A 231 7.26 15.03 -18.29
C GLY A 231 8.66 15.55 -18.60
N ARG A 232 9.60 15.39 -17.68
CA ARG A 232 10.93 15.93 -17.93
C ARG A 232 11.69 15.09 -18.94
N GLU A 233 11.25 13.85 -19.14
CA GLU A 233 11.91 12.92 -20.06
C GLU A 233 12.12 13.48 -21.46
N SER A 234 13.08 12.92 -22.19
CA SER A 234 13.27 13.30 -23.59
C SER A 234 12.08 12.80 -24.44
N LEU A 235 11.92 13.39 -25.62
CA LEU A 235 10.91 12.93 -26.53
C LEU A 235 11.05 11.43 -26.86
N ASP A 236 12.29 10.96 -27.01
CA ASP A 236 12.55 9.52 -27.19
C ASP A 236 12.14 8.70 -25.98
N ASP A 237 12.56 9.14 -24.79
CA ASP A 237 12.10 8.45 -23.59
C ASP A 237 10.57 8.42 -23.54
N LEU A 238 9.91 9.58 -23.54
CA LEU A 238 8.46 9.60 -23.60
C LEU A 238 7.87 8.69 -24.69
N THR A 239 8.49 8.67 -25.88
CA THR A 239 8.06 7.71 -26.90
C THR A 239 8.09 6.24 -26.42
N ASN A 240 9.27 5.76 -26.02
CA ASN A 240 9.42 4.35 -25.61
C ASN A 240 8.46 3.99 -24.48
N LEU A 241 8.26 4.96 -23.60
CA LEU A 241 7.42 4.84 -22.44
C LEU A 241 5.99 4.63 -22.83
N VAL A 242 5.48 5.47 -23.72
CA VAL A 242 4.11 5.28 -24.20
C VAL A 242 3.99 4.00 -25.00
N VAL A 243 4.96 3.73 -25.88
CA VAL A 243 4.94 2.47 -26.63
C VAL A 243 4.78 1.31 -25.63
N LYS A 244 5.65 1.28 -24.62
CA LYS A 244 5.62 0.31 -23.55
C LYS A 244 4.23 0.12 -22.93
N LEU A 245 3.62 1.15 -22.37
CA LEU A 245 2.40 0.93 -21.56
C LEU A 245 1.10 0.87 -22.35
N PHE A 246 1.16 1.13 -23.66
CA PHE A 246 -0.08 1.37 -24.40
C PHE A 246 -0.25 0.61 -25.72
N SER A 247 0.79 -0.10 -26.16
CA SER A 247 0.78 -0.80 -27.47
C SER A 247 -0.20 -1.92 -27.39
N GLU A 248 -0.36 -2.38 -26.16
CA GLU A 248 -1.12 -3.50 -25.77
C GLU A 248 -2.65 -3.23 -25.62
N VAL A 249 -3.13 -2.05 -25.96
CA VAL A 249 -4.58 -1.84 -25.83
C VAL A 249 -5.15 -2.37 -27.11
N GLU A 250 -6.18 -3.21 -26.99
CA GLU A 250 -6.69 -3.90 -28.14
C GLU A 250 -7.54 -3.04 -29.05
N ASN A 251 -7.19 -3.08 -30.33
CA ASN A 251 -7.99 -2.48 -31.38
C ASN A 251 -9.18 -3.36 -31.78
N LYS A 252 -10.39 -2.94 -31.41
CA LYS A 252 -11.63 -3.61 -31.76
C LYS A 252 -12.27 -2.92 -32.97
N ASN A 253 -11.52 -2.01 -33.58
CA ASN A 253 -11.95 -1.29 -34.77
C ASN A 253 -13.32 -0.65 -34.77
N VAL A 254 -13.75 -0.08 -33.64
CA VAL A 254 -15.14 0.39 -33.51
C VAL A 254 -15.42 1.57 -34.40
N PRO A 255 -16.53 1.51 -35.17
CA PRO A 255 -16.94 2.70 -35.91
C PRO A 255 -17.36 3.82 -34.94
N LEU A 256 -16.85 5.03 -35.19
CA LEU A 256 -17.06 6.22 -34.35
C LEU A 256 -18.46 6.78 -34.52
N PRO A 257 -19.27 6.82 -33.45
CA PRO A 257 -20.67 7.24 -33.62
C PRO A 257 -20.87 8.57 -34.32
N GLU A 258 -21.88 8.61 -35.20
CA GLU A 258 -22.26 9.76 -36.03
C GLU A 258 -23.71 10.07 -35.73
N PHE A 259 -24.10 11.32 -35.91
CA PHE A 259 -25.47 11.72 -35.60
C PHE A 259 -25.98 12.70 -36.65
N PRO A 260 -26.20 12.24 -37.90
CA PRO A 260 -26.47 13.19 -38.97
C PRO A 260 -27.84 13.83 -38.78
N GLU A 261 -28.74 13.09 -38.15
CA GLU A 261 -30.08 13.59 -37.83
C GLU A 261 -30.08 14.66 -36.75
N HIS A 262 -30.61 15.84 -37.02
CA HIS A 262 -30.71 16.82 -35.95
C HIS A 262 -31.76 16.40 -34.93
N PRO A 263 -31.48 16.56 -33.62
CA PRO A 263 -32.51 16.17 -32.65
C PRO A 263 -33.74 17.07 -32.73
N PHE A 264 -33.56 18.27 -33.27
CA PHE A 264 -34.66 19.20 -33.48
C PHE A 264 -35.06 19.12 -34.94
N GLN A 265 -36.19 18.47 -35.15
CA GLN A 265 -36.70 18.26 -36.48
C GLN A 265 -37.84 19.25 -36.74
N GLU A 266 -38.52 19.03 -37.85
CA GLU A 266 -39.64 19.83 -38.28
C GLU A 266 -40.56 20.29 -37.13
N GLU A 267 -41.18 19.33 -36.44
CA GLU A 267 -42.21 19.63 -35.44
C GLU A 267 -41.63 20.25 -34.20
N HIS A 268 -40.32 20.16 -34.04
CA HIS A 268 -39.67 20.73 -32.88
C HIS A 268 -39.29 22.21 -33.10
N LEU A 269 -39.48 22.71 -34.32
CA LEU A 269 -39.24 24.13 -34.59
C LEU A 269 -40.51 24.96 -34.40
N LYS A 270 -40.35 26.28 -34.36
CA LYS A 270 -41.41 27.25 -34.00
C LYS A 270 -42.16 26.98 -32.71
N GLN A 271 -41.41 26.56 -31.70
CA GLN A 271 -41.97 26.15 -30.42
C GLN A 271 -41.68 27.15 -29.31
N LEU A 272 -42.63 27.32 -28.41
CA LEU A 272 -42.44 28.19 -27.26
C LEU A 272 -42.53 27.36 -25.95
N TYR A 273 -41.55 27.54 -25.05
CA TYR A 273 -41.60 26.82 -23.78
C TYR A 273 -41.62 27.81 -22.64
N LYS A 274 -42.55 27.60 -21.71
CA LYS A 274 -42.63 28.46 -20.55
C LYS A 274 -42.20 27.63 -19.38
N ILE A 275 -41.16 28.11 -18.71
CA ILE A 275 -40.47 27.28 -17.74
C ILE A 275 -40.36 27.98 -16.37
N VAL A 276 -40.65 27.21 -15.33
CA VAL A 276 -40.60 27.67 -13.95
C VAL A 276 -39.25 27.29 -13.36
N PRO A 277 -38.46 28.27 -12.91
CA PRO A 277 -37.13 28.00 -12.34
C PRO A 277 -37.18 27.79 -10.84
N ILE A 278 -36.06 27.37 -10.26
CA ILE A 278 -35.93 27.25 -8.80
C ILE A 278 -35.60 28.61 -8.19
N LYS A 279 -34.57 29.25 -8.72
CA LYS A 279 -34.20 30.57 -8.27
C LYS A 279 -35.15 31.53 -8.92
N ASP A 280 -35.28 32.71 -8.35
CA ASP A 280 -36.10 33.75 -8.96
C ASP A 280 -35.26 34.50 -10.01
N ILE A 281 -35.19 33.89 -11.19
CA ILE A 281 -34.44 34.39 -12.37
C ILE A 281 -35.36 34.52 -13.60
N ARG A 282 -35.09 35.51 -14.42
CA ARG A 282 -35.86 35.74 -15.65
C ARG A 282 -34.96 35.60 -16.86
N ASN A 283 -35.26 34.63 -17.72
CA ASN A 283 -34.41 34.36 -18.87
C ASN A 283 -35.11 34.00 -20.16
N LEU A 284 -34.51 34.42 -21.26
CA LEU A 284 -35.00 34.13 -22.60
C LEU A 284 -33.95 33.41 -23.45
N TYR A 285 -34.23 32.15 -23.84
CA TYR A 285 -33.28 31.36 -24.62
C TYR A 285 -33.78 31.21 -26.02
N VAL A 286 -33.08 31.82 -26.97
CA VAL A 286 -33.43 31.68 -28.38
C VAL A 286 -32.42 30.76 -29.03
N THR A 287 -32.93 29.70 -29.66
CA THR A 287 -32.03 28.72 -30.23
C THR A 287 -32.44 28.29 -31.66
N PHE A 288 -31.49 28.31 -32.59
CA PHE A 288 -31.63 27.74 -33.94
C PHE A 288 -30.76 26.49 -34.16
N PRO A 289 -31.29 25.42 -34.79
CA PRO A 289 -30.43 24.30 -35.17
C PRO A 289 -29.57 24.56 -36.38
N ILE A 290 -28.33 24.11 -36.31
CA ILE A 290 -27.44 24.27 -37.43
C ILE A 290 -26.69 22.96 -37.72
N PRO A 291 -26.14 22.82 -38.92
CA PRO A 291 -25.44 21.55 -39.05
C PRO A 291 -24.02 21.59 -38.36
N ASP A 292 -23.32 20.46 -38.31
CA ASP A 292 -22.00 20.45 -37.67
C ASP A 292 -20.98 21.36 -38.40
N LEU A 293 -20.67 22.51 -37.81
CA LEU A 293 -19.63 23.41 -38.34
C LEU A 293 -18.15 23.04 -38.06
N GLN A 294 -17.93 21.96 -37.29
CA GLN A 294 -16.58 21.59 -36.85
C GLN A 294 -15.57 21.58 -37.99
N LYS A 295 -15.94 20.98 -39.11
CA LYS A 295 -15.02 20.85 -40.24
C LYS A 295 -14.64 22.18 -40.88
N TYR A 296 -15.43 23.22 -40.64
CA TYR A 296 -15.08 24.54 -41.15
C TYR A 296 -14.11 25.34 -40.27
N TYR A 297 -13.42 24.64 -39.37
CA TYR A 297 -12.69 25.32 -38.33
C TYR A 297 -11.61 26.29 -38.88
N LYS A 298 -11.05 26.00 -40.04
CA LYS A 298 -10.01 26.83 -40.66
C LYS A 298 -10.53 28.24 -41.01
N SER A 299 -11.83 28.34 -41.29
CA SER A 299 -12.45 29.63 -41.62
C SER A 299 -13.62 30.13 -40.74
N ASN A 300 -14.27 29.17 -40.07
CA ASN A 300 -15.00 29.25 -38.83
C ASN A 300 -16.32 29.96 -38.61
N PRO A 301 -17.11 30.06 -39.67
CA PRO A 301 -18.19 31.01 -39.83
C PRO A 301 -19.00 31.23 -38.56
N GLY A 302 -19.14 30.22 -37.71
CA GLY A 302 -19.94 30.41 -36.50
C GLY A 302 -19.37 31.40 -35.48
N HIS A 303 -18.05 31.42 -35.36
CA HIS A 303 -17.36 32.36 -34.50
C HIS A 303 -17.58 33.81 -34.95
N TYR A 304 -17.47 34.01 -36.27
CA TYR A 304 -17.71 35.29 -36.93
C TYR A 304 -19.07 35.87 -36.57
N LEU A 305 -20.10 35.04 -36.68
CA LEU A 305 -21.42 35.50 -36.34
C LEU A 305 -21.57 35.65 -34.83
N GLY A 306 -20.87 34.80 -34.08
CA GLY A 306 -20.87 34.87 -32.62
C GLY A 306 -20.27 36.19 -32.17
N HIS A 307 -19.09 36.49 -32.71
CA HIS A 307 -18.42 37.75 -32.41
C HIS A 307 -19.35 38.93 -32.58
N LEU A 308 -20.07 38.95 -33.72
CA LEU A 308 -20.98 40.02 -34.11
C LEU A 308 -22.31 40.06 -33.36
N ILE A 309 -23.10 38.98 -33.43
CA ILE A 309 -24.35 38.98 -32.67
C ILE A 309 -24.11 39.16 -31.16
N GLY A 310 -23.11 38.49 -30.61
CA GLY A 310 -22.88 38.62 -29.18
C GLY A 310 -22.07 39.86 -28.78
N HIS A 311 -21.80 40.75 -29.73
CA HIS A 311 -21.00 41.93 -29.45
C HIS A 311 -21.71 42.83 -28.42
N GLU A 312 -20.94 43.59 -27.65
CA GLU A 312 -21.49 44.46 -26.59
C GLU A 312 -21.11 45.93 -26.69
N GLY A 313 -20.33 46.31 -27.71
CA GLY A 313 -19.98 47.70 -27.90
C GLY A 313 -21.10 48.55 -28.52
N PRO A 314 -20.77 49.80 -28.87
CA PRO A 314 -21.69 50.72 -29.55
C PRO A 314 -22.26 50.06 -30.79
N GLY A 315 -23.55 50.22 -31.01
CA GLY A 315 -24.16 49.71 -32.23
C GLY A 315 -24.76 48.36 -31.96
N SER A 316 -24.25 47.65 -30.95
CA SER A 316 -24.52 46.23 -30.77
C SER A 316 -25.97 45.93 -30.44
N LEU A 317 -26.45 44.76 -30.86
CA LEU A 317 -27.73 44.24 -30.39
C LEU A 317 -28.02 44.50 -28.90
N LEU A 318 -27.12 44.06 -28.01
CA LEU A 318 -27.26 44.28 -26.56
C LEU A 318 -27.44 45.74 -26.21
N SER A 319 -26.75 46.64 -26.91
CA SER A 319 -26.94 48.05 -26.61
C SER A 319 -28.40 48.49 -26.65
N GLU A 320 -29.08 48.25 -27.77
CA GLU A 320 -30.48 48.67 -27.85
C GLU A 320 -31.36 47.94 -26.81
N LEU A 321 -31.16 46.64 -26.67
CA LEU A 321 -31.94 45.83 -25.72
C LEU A 321 -31.79 46.35 -24.31
N LYS A 322 -30.60 46.85 -24.02
CA LYS A 322 -30.28 47.35 -22.71
C LYS A 322 -30.88 48.75 -22.51
N SER A 323 -30.66 49.64 -23.49
CA SER A 323 -31.23 50.99 -23.52
C SER A 323 -32.74 51.02 -23.37
N LYS A 324 -33.44 50.05 -23.94
CA LYS A 324 -34.85 49.98 -23.71
C LYS A 324 -35.11 49.33 -22.37
N GLY A 325 -34.05 48.98 -21.65
CA GLY A 325 -34.17 48.44 -20.30
C GLY A 325 -34.97 47.16 -20.35
N TRP A 326 -34.69 46.33 -21.35
CA TRP A 326 -35.30 45.02 -21.50
C TRP A 326 -34.38 43.88 -21.09
N VAL A 327 -33.09 43.97 -21.43
CA VAL A 327 -32.14 42.94 -21.01
C VAL A 327 -30.92 43.59 -20.38
N ASN A 328 -30.14 42.79 -19.66
CA ASN A 328 -28.91 43.27 -19.01
C ASN A 328 -27.64 42.66 -19.58
N THR A 329 -27.75 41.45 -20.11
CA THR A 329 -26.61 40.73 -20.61
C THR A 329 -27.11 39.81 -21.70
N LEU A 330 -26.18 39.42 -22.57
CA LEU A 330 -26.46 38.63 -23.76
C LEU A 330 -25.32 37.66 -24.07
N VAL A 331 -25.64 36.38 -24.21
CA VAL A 331 -24.68 35.55 -24.91
C VAL A 331 -25.23 35.07 -26.25
N GLY A 332 -24.37 35.02 -27.25
CA GLY A 332 -24.81 34.52 -28.56
C GLY A 332 -23.68 33.91 -29.34
N GLY A 333 -24.00 32.87 -30.09
CA GLY A 333 -22.98 32.28 -30.92
C GLY A 333 -23.26 30.83 -31.08
N GLN A 334 -22.25 30.11 -31.57
CA GLN A 334 -22.43 28.71 -31.85
C GLN A 334 -22.14 27.94 -30.58
N LYS A 335 -22.80 26.80 -30.47
CA LYS A 335 -22.80 25.98 -29.28
C LYS A 335 -22.81 24.56 -29.75
N GLU A 336 -22.00 23.72 -29.12
CA GLU A 336 -21.72 22.39 -29.63
C GLU A 336 -22.89 21.45 -29.45
N GLY A 337 -22.97 20.47 -30.34
CA GLY A 337 -24.03 19.48 -30.25
C GLY A 337 -23.30 18.16 -30.16
N ALA A 338 -23.23 17.41 -31.25
CA ALA A 338 -22.30 16.30 -31.36
C ALA A 338 -21.85 16.26 -32.80
N ARG A 339 -21.11 15.22 -33.18
CA ARG A 339 -20.79 14.98 -34.59
C ARG A 339 -22.08 14.87 -35.41
N GLY A 340 -22.34 15.87 -36.26
CA GLY A 340 -23.52 15.88 -37.09
C GLY A 340 -24.45 17.07 -36.89
N PHE A 341 -24.64 17.50 -35.64
CA PHE A 341 -25.50 18.67 -35.35
C PHE A 341 -24.92 19.65 -34.34
N MET A 342 -25.26 20.93 -34.53
CA MET A 342 -24.94 22.02 -33.60
C MET A 342 -26.13 22.95 -33.36
N PHE A 343 -25.90 23.98 -32.57
CA PHE A 343 -26.94 24.97 -32.33
C PHE A 343 -26.28 26.31 -32.48
N PHE A 344 -27.09 27.30 -32.77
CA PHE A 344 -26.62 28.65 -32.68
C PHE A 344 -27.58 29.33 -31.74
N ILE A 345 -27.07 30.04 -30.74
CA ILE A 345 -27.95 30.54 -29.69
C ILE A 345 -27.81 32.04 -29.44
N ILE A 346 -28.91 32.63 -28.94
CA ILE A 346 -28.91 34.01 -28.44
C ILE A 346 -29.75 34.05 -27.16
N ASN A 347 -29.09 34.30 -26.03
CA ASN A 347 -29.74 34.24 -24.74
C ASN A 347 -29.49 35.51 -23.99
N VAL A 348 -30.54 36.00 -23.33
CA VAL A 348 -30.46 37.23 -22.58
C VAL A 348 -31.17 37.01 -21.28
N ASP A 349 -30.86 37.80 -20.28
CA ASP A 349 -31.71 37.84 -19.10
C ASP A 349 -32.81 38.87 -19.32
N LEU A 350 -33.67 39.05 -18.32
CA LEU A 350 -34.86 39.85 -18.54
C LEU A 350 -35.17 40.72 -17.34
N THR A 351 -35.34 42.01 -17.57
CA THR A 351 -35.88 42.93 -16.58
C THR A 351 -37.36 42.62 -16.49
N GLU A 352 -38.08 43.20 -15.51
CA GLU A 352 -39.53 43.00 -15.41
C GLU A 352 -40.24 43.48 -16.68
N GLU A 353 -39.78 44.63 -17.17
CA GLU A 353 -40.21 45.18 -18.44
C GLU A 353 -39.89 44.21 -19.58
N GLY A 354 -38.65 43.73 -19.61
CA GLY A 354 -38.18 42.76 -20.61
C GLY A 354 -39.07 41.56 -20.75
N LEU A 355 -39.53 41.03 -19.62
CA LEU A 355 -40.40 39.87 -19.58
C LEU A 355 -41.68 40.10 -20.43
N LEU A 356 -42.15 41.35 -20.44
CA LEU A 356 -43.38 41.67 -21.12
C LEU A 356 -43.13 42.13 -22.52
N HIS A 357 -41.92 41.93 -23.02
CA HIS A 357 -41.62 42.39 -24.36
C HIS A 357 -40.77 41.36 -25.09
N VAL A 358 -40.91 40.11 -24.68
CA VAL A 358 -40.24 39.01 -25.34
C VAL A 358 -40.46 39.08 -26.86
N GLU A 359 -41.70 39.33 -27.28
CA GLU A 359 -42.02 39.40 -28.70
C GLU A 359 -41.14 40.43 -29.40
N ASP A 360 -41.05 41.60 -28.77
CA ASP A 360 -40.25 42.73 -29.26
C ASP A 360 -38.74 42.47 -29.23
N ILE A 361 -38.26 41.94 -28.10
CA ILE A 361 -36.85 41.60 -27.99
C ILE A 361 -36.45 40.80 -29.21
N ILE A 362 -37.13 39.67 -29.42
CA ILE A 362 -36.82 38.78 -30.54
C ILE A 362 -36.88 39.51 -31.89
N LEU A 363 -37.89 40.36 -32.08
CA LEU A 363 -37.96 41.10 -33.32
C LEU A 363 -36.63 41.86 -33.55
N HIS A 364 -36.18 42.59 -32.54
CA HIS A 364 -34.91 43.31 -32.63
C HIS A 364 -33.78 42.34 -32.99
N MET A 365 -33.81 41.15 -32.42
CA MET A 365 -32.81 40.16 -32.76
C MET A 365 -32.76 39.92 -34.26
N PHE A 366 -33.90 39.65 -34.87
CA PHE A 366 -33.96 39.44 -36.33
C PHE A 366 -33.67 40.69 -37.11
N GLN A 367 -34.08 41.83 -36.56
CA GLN A 367 -33.70 43.11 -37.10
C GLN A 367 -32.18 43.22 -37.21
N TYR A 368 -31.48 42.81 -36.17
CA TYR A 368 -30.02 42.86 -36.19
C TYR A 368 -29.46 41.83 -37.20
N ILE A 369 -29.93 40.59 -37.15
CA ILE A 369 -29.57 39.58 -38.14
C ILE A 369 -29.76 40.12 -39.57
N GLN A 370 -30.91 40.79 -39.80
CA GLN A 370 -31.15 41.47 -41.07
C GLN A 370 -30.00 42.39 -41.48
N LYS A 371 -29.62 43.30 -40.58
CA LYS A 371 -28.52 44.22 -40.86
C LYS A 371 -27.31 43.43 -41.32
N LEU A 372 -27.08 42.27 -40.72
CA LEU A 372 -25.92 41.49 -41.09
C LEU A 372 -26.04 40.99 -42.51
N ARG A 373 -27.21 40.45 -42.83
CA ARG A 373 -27.47 40.00 -44.19
C ARG A 373 -27.27 41.15 -45.16
N ALA A 374 -27.87 42.29 -44.86
CA ALA A 374 -27.79 43.48 -45.70
C ALA A 374 -26.37 44.01 -45.91
N GLU A 375 -25.54 43.99 -44.87
CA GLU A 375 -24.14 44.40 -45.03
C GLU A 375 -23.30 43.33 -45.70
N GLY A 376 -23.67 42.06 -45.50
CA GLY A 376 -22.85 40.93 -46.01
C GLY A 376 -21.49 40.81 -45.34
N PRO A 377 -20.82 39.66 -45.53
CA PRO A 377 -19.48 39.33 -45.02
C PRO A 377 -18.48 40.49 -45.04
N GLN A 378 -17.80 40.75 -43.92
CA GLN A 378 -16.81 41.82 -43.85
C GLN A 378 -15.44 41.26 -43.57
N GLU A 379 -14.57 41.26 -44.57
CA GLU A 379 -13.24 40.71 -44.39
C GLU A 379 -12.42 41.40 -43.30
N TRP A 380 -12.54 42.71 -43.14
CA TRP A 380 -11.71 43.34 -42.13
C TRP A 380 -12.10 42.79 -40.77
N VAL A 381 -13.37 42.40 -40.59
CA VAL A 381 -13.82 41.82 -39.30
C VAL A 381 -13.14 40.45 -39.10
N PHE A 382 -13.01 39.71 -40.19
CA PHE A 382 -12.29 38.46 -40.17
C PHE A 382 -10.83 38.72 -39.81
N GLN A 383 -10.23 39.71 -40.48
CA GLN A 383 -8.84 40.12 -40.23
C GLN A 383 -8.59 40.40 -38.74
N GLU A 384 -9.49 41.20 -38.16
CA GLU A 384 -9.45 41.52 -36.75
C GLU A 384 -9.45 40.23 -35.93
N LEU A 385 -10.45 39.37 -36.11
CA LEU A 385 -10.48 38.07 -35.41
C LEU A 385 -9.18 37.24 -35.60
N LYS A 386 -8.72 37.10 -36.84
CA LYS A 386 -7.50 36.38 -37.15
C LYS A 386 -6.25 36.90 -36.42
N ASP A 387 -6.13 38.23 -36.33
CA ASP A 387 -4.98 38.90 -35.68
C ASP A 387 -5.02 38.79 -34.16
N LEU A 388 -6.16 39.09 -33.56
CA LEU A 388 -6.33 38.86 -32.14
C LEU A 388 -5.95 37.44 -31.80
N ASN A 389 -6.46 36.47 -32.54
CA ASN A 389 -6.10 35.07 -32.30
C ASN A 389 -4.65 34.72 -32.45
N ALA A 390 -3.98 35.36 -33.42
CA ALA A 390 -2.55 35.14 -33.62
C ALA A 390 -1.74 35.71 -32.42
N VAL A 391 -2.20 36.85 -31.91
CA VAL A 391 -1.61 37.45 -30.71
C VAL A 391 -1.90 36.55 -29.50
N ALA A 392 -3.18 36.22 -29.27
CA ALA A 392 -3.59 35.24 -28.27
C ALA A 392 -2.62 34.06 -28.27
N PHE A 393 -2.34 33.51 -29.46
CA PHE A 393 -1.55 32.31 -29.52
C PHE A 393 -0.09 32.56 -29.21
N ARG A 394 0.51 33.54 -29.87
CA ARG A 394 1.93 33.80 -29.67
C ARG A 394 2.27 33.91 -28.20
N PHE A 395 1.45 34.65 -27.45
CA PHE A 395 1.76 35.00 -26.09
C PHE A 395 0.82 34.34 -25.08
N LYS A 396 0.31 33.16 -25.43
CA LYS A 396 -0.54 32.45 -24.51
C LYS A 396 0.25 32.02 -23.27
N ASP A 397 -0.27 32.29 -22.08
CA ASP A 397 0.33 31.80 -20.82
C ASP A 397 0.56 30.30 -20.88
N LYS A 398 1.62 29.84 -20.22
CA LYS A 398 1.88 28.41 -20.09
C LYS A 398 0.81 27.80 -19.19
N GLU A 399 0.22 26.70 -19.65
CA GLU A 399 -0.84 26.02 -18.93
C GLU A 399 -0.28 25.10 -17.82
N ARG A 400 -1.04 24.96 -16.73
CA ARG A 400 -0.80 23.92 -15.71
C ARG A 400 -0.92 22.60 -16.47
N PRO A 401 0.01 21.64 -16.26
CA PRO A 401 0.05 20.42 -17.07
C PRO A 401 -1.18 19.52 -17.05
N ARG A 402 -1.80 19.28 -15.89
CA ARG A 402 -3.01 18.43 -15.81
C ARG A 402 -4.04 18.91 -16.82
N GLY A 403 -4.34 20.21 -16.79
CA GLY A 403 -5.36 20.80 -17.65
C GLY A 403 -4.98 20.72 -19.10
N TYR A 404 -3.71 20.93 -19.37
CA TYR A 404 -3.19 20.96 -20.73
C TYR A 404 -3.34 19.60 -21.41
N THR A 405 -2.84 18.55 -20.76
CA THR A 405 -2.91 17.18 -21.29
C THR A 405 -4.38 16.78 -21.56
N SER A 406 -5.25 17.04 -20.59
CA SER A 406 -6.68 16.78 -20.73
C SER A 406 -7.24 17.46 -21.98
N LYS A 407 -6.97 18.76 -22.11
CA LYS A 407 -7.44 19.56 -23.22
C LYS A 407 -6.93 18.99 -24.57
N ILE A 408 -5.66 18.64 -24.66
CA ILE A 408 -5.09 18.25 -25.96
C ILE A 408 -5.56 16.84 -26.38
N ALA A 409 -5.71 15.97 -25.38
CA ALA A 409 -6.24 14.63 -25.59
C ALA A 409 -7.63 14.68 -26.21
N GLY A 410 -8.44 15.64 -25.78
CA GLY A 410 -9.72 15.90 -26.41
C GLY A 410 -9.55 16.34 -27.86
N ILE A 411 -8.64 17.28 -28.11
CA ILE A 411 -8.58 17.81 -29.45
C ILE A 411 -7.80 16.94 -30.45
N LEU A 412 -7.01 15.98 -29.95
CA LEU A 412 -6.36 15.01 -30.82
C LEU A 412 -7.35 14.26 -31.74
N HIS A 413 -8.63 14.27 -31.38
CA HIS A 413 -9.65 13.63 -32.20
C HIS A 413 -10.21 14.47 -33.35
N TYR A 414 -9.63 15.62 -33.65
CA TYR A 414 -10.27 16.58 -34.58
C TYR A 414 -9.27 17.29 -35.46
N TYR A 415 -8.01 17.21 -35.12
CA TYR A 415 -7.06 18.02 -35.84
C TYR A 415 -5.91 17.12 -36.20
N PRO A 416 -5.29 17.35 -37.38
CA PRO A 416 -4.07 16.64 -37.64
C PRO A 416 -3.11 16.82 -36.46
N LEU A 417 -2.20 15.86 -36.26
CA LEU A 417 -1.20 15.96 -35.19
C LEU A 417 -0.55 17.35 -35.16
N GLU A 418 -0.08 17.79 -36.33
CA GLU A 418 0.72 19.02 -36.47
C GLU A 418 -0.07 20.26 -36.05
N GLU A 419 -1.38 20.17 -36.22
CA GLU A 419 -2.23 21.29 -35.90
C GLU A 419 -2.76 21.38 -34.47
N VAL A 420 -2.55 20.37 -33.63
CA VAL A 420 -3.30 20.30 -32.34
C VAL A 420 -3.16 21.55 -31.54
N LEU A 421 -1.95 22.07 -31.47
CA LEU A 421 -1.67 23.23 -30.67
C LEU A 421 -2.34 24.47 -31.20
N THR A 422 -2.29 24.65 -32.52
CA THR A 422 -2.76 25.85 -33.19
C THR A 422 -4.23 25.77 -33.55
N ALA A 423 -4.76 24.56 -33.63
CA ALA A 423 -6.04 24.37 -34.30
C ALA A 423 -7.17 25.22 -33.72
N GLU A 424 -7.17 25.38 -32.41
CA GLU A 424 -8.26 26.13 -31.79
C GLU A 424 -7.98 27.61 -31.69
N TYR A 425 -6.95 28.07 -32.40
CA TYR A 425 -6.53 29.48 -32.36
C TYR A 425 -6.48 30.13 -33.72
N LEU A 426 -5.71 29.53 -34.62
CA LEU A 426 -5.41 30.16 -35.91
C LEU A 426 -6.63 30.04 -36.87
N LEU A 427 -6.74 31.04 -37.76
CA LEU A 427 -7.83 31.23 -38.70
C LEU A 427 -7.11 31.50 -39.99
N GLU A 428 -7.63 31.00 -41.09
CA GLU A 428 -6.81 30.98 -42.29
C GLU A 428 -7.55 31.37 -43.52
N GLU A 429 -8.81 30.99 -43.55
CA GLU A 429 -9.60 31.09 -44.74
C GLU A 429 -10.76 32.01 -44.51
N PHE A 430 -10.97 32.95 -45.42
CA PHE A 430 -12.14 33.81 -45.33
C PHE A 430 -13.27 33.21 -46.17
N ARG A 431 -14.46 33.04 -45.60
CA ARG A 431 -15.53 32.32 -46.31
C ARG A 431 -16.86 32.98 -46.27
N PRO A 432 -17.06 33.94 -47.17
CA PRO A 432 -18.33 34.68 -47.26
C PRO A 432 -19.48 33.71 -47.52
N ASP A 433 -19.24 32.66 -48.30
CA ASP A 433 -20.24 31.65 -48.58
C ASP A 433 -20.78 30.94 -47.33
N LEU A 434 -19.88 30.56 -46.41
CA LEU A 434 -20.27 29.88 -45.19
C LEU A 434 -20.93 30.85 -44.20
N ILE A 435 -20.30 32.01 -44.00
CA ILE A 435 -20.87 33.06 -43.18
C ILE A 435 -22.31 33.25 -43.63
N GLU A 436 -22.49 33.45 -44.93
CA GLU A 436 -23.81 33.56 -45.52
C GLU A 436 -24.69 32.36 -45.31
N MET A 437 -24.15 31.16 -45.57
CA MET A 437 -24.90 29.90 -45.41
C MET A 437 -25.44 29.71 -43.99
N VAL A 438 -24.59 29.95 -42.98
CA VAL A 438 -25.04 29.84 -41.60
C VAL A 438 -26.12 30.88 -41.33
N LEU A 439 -25.76 32.14 -41.60
CA LEU A 439 -26.67 33.28 -41.44
C LEU A 439 -28.07 32.97 -41.94
N ASP A 440 -28.13 32.22 -43.03
CA ASP A 440 -29.40 31.81 -43.62
C ASP A 440 -30.28 30.92 -42.74
N LYS A 441 -29.65 30.22 -41.81
CA LYS A 441 -30.37 29.35 -40.94
C LYS A 441 -30.95 30.13 -39.76
N LEU A 442 -30.43 31.33 -39.52
CA LEU A 442 -30.87 32.09 -38.35
C LEU A 442 -32.12 32.89 -38.69
N ARG A 443 -33.21 32.15 -38.90
CA ARG A 443 -34.48 32.67 -39.40
C ARG A 443 -35.65 32.27 -38.49
N PRO A 444 -36.73 33.09 -38.44
CA PRO A 444 -37.90 32.78 -37.59
C PRO A 444 -38.56 31.40 -37.80
N GLU A 445 -38.54 30.88 -39.02
CA GLU A 445 -39.20 29.60 -39.31
C GLU A 445 -38.37 28.44 -38.76
N ASN A 446 -37.13 28.76 -38.41
CA ASN A 446 -36.20 27.81 -37.84
C ASN A 446 -35.99 28.01 -36.32
N VAL A 447 -36.77 28.89 -35.68
CA VAL A 447 -36.51 29.28 -34.28
C VAL A 447 -37.15 28.43 -33.17
N ARG A 448 -36.42 28.22 -32.07
CA ARG A 448 -37.02 27.76 -30.79
C ARG A 448 -36.86 28.86 -29.73
N VAL A 449 -37.89 29.06 -28.91
CA VAL A 449 -37.92 30.09 -27.86
C VAL A 449 -38.29 29.48 -26.50
N ALA A 450 -37.57 29.89 -25.46
CA ALA A 450 -37.84 29.45 -24.06
C ALA A 450 -37.83 30.67 -23.12
N ILE A 451 -38.86 30.78 -22.29
CA ILE A 451 -38.90 31.83 -21.28
C ILE A 451 -38.87 31.15 -19.92
N VAL A 452 -37.87 31.51 -19.11
CA VAL A 452 -37.77 31.00 -17.77
C VAL A 452 -38.21 32.13 -16.83
N SER A 453 -39.33 31.94 -16.15
CA SER A 453 -39.84 32.93 -15.20
C SER A 453 -40.59 32.29 -14.06
N LYS A 454 -40.68 32.96 -12.91
CA LYS A 454 -41.51 32.48 -11.81
C LYS A 454 -42.96 32.84 -12.06
N SER A 455 -43.22 33.64 -13.08
CA SER A 455 -44.60 34.03 -13.41
C SER A 455 -45.41 32.87 -13.99
N PHE A 456 -44.72 31.79 -14.34
CA PHE A 456 -45.36 30.61 -14.94
C PHE A 456 -45.74 29.57 -13.88
N GLU A 457 -45.64 29.97 -12.62
CA GLU A 457 -46.08 29.17 -11.48
C GLU A 457 -47.58 28.87 -11.52
N GLY A 458 -47.94 27.57 -11.52
CA GLY A 458 -49.33 27.14 -11.64
C GLY A 458 -49.74 26.98 -13.09
N LYS A 459 -49.40 27.97 -13.91
CA LYS A 459 -49.60 28.02 -15.36
C LYS A 459 -49.07 26.90 -16.30
N THR A 460 -48.42 25.86 -15.76
CA THR A 460 -47.82 24.82 -16.62
C THR A 460 -48.54 23.49 -16.49
N ASP A 461 -48.51 22.71 -17.57
CA ASP A 461 -49.26 21.48 -17.66
C ASP A 461 -48.37 20.28 -17.82
N ARG A 462 -47.05 20.46 -17.70
CA ARG A 462 -46.14 19.37 -18.02
C ARG A 462 -44.90 19.37 -17.10
N THR A 463 -44.20 18.25 -17.10
CA THR A 463 -43.17 17.95 -16.10
C THR A 463 -42.02 17.15 -16.71
N GLU A 464 -40.77 17.58 -16.49
CA GLU A 464 -39.64 16.81 -17.00
C GLU A 464 -39.31 15.60 -16.11
N GLU A 465 -39.18 14.45 -16.76
CA GLU A 465 -38.99 13.14 -16.11
C GLU A 465 -37.85 13.09 -15.05
N TRP A 466 -36.70 13.68 -15.35
CA TRP A 466 -35.51 13.48 -14.49
C TRP A 466 -35.30 14.51 -13.38
N TYR A 467 -35.61 15.77 -13.66
CA TYR A 467 -35.33 16.84 -12.73
C TYR A 467 -36.65 17.33 -12.17
N GLY A 468 -37.72 17.09 -12.92
CA GLY A 468 -39.04 17.43 -12.44
C GLY A 468 -39.41 18.85 -12.78
N THR A 469 -38.91 19.34 -13.90
CA THR A 469 -39.10 20.73 -14.30
C THR A 469 -40.54 21.01 -14.78
N GLN A 470 -41.21 21.99 -14.14
CA GLN A 470 -42.54 22.47 -14.58
C GLN A 470 -42.45 23.31 -15.84
N TYR A 471 -43.05 22.83 -16.92
CA TYR A 471 -43.15 23.66 -18.12
C TYR A 471 -44.40 23.45 -18.96
N LYS A 472 -44.68 24.47 -19.78
CA LYS A 472 -45.71 24.40 -20.81
C LYS A 472 -45.04 24.47 -22.17
N GLN A 473 -45.62 23.78 -23.15
CA GLN A 473 -45.23 23.92 -24.56
C GLN A 473 -46.36 24.54 -25.38
N GLU A 474 -46.01 25.15 -26.52
CA GLU A 474 -46.94 25.89 -27.38
C GLU A 474 -46.36 26.11 -28.76
N ALA A 475 -47.18 26.02 -29.78
CA ALA A 475 -46.76 26.49 -31.10
C ALA A 475 -46.77 28.02 -31.08
N ILE A 476 -45.76 28.61 -31.69
CA ILE A 476 -45.72 30.04 -31.81
C ILE A 476 -46.68 30.40 -32.93
N PRO A 477 -47.65 31.27 -32.65
CA PRO A 477 -48.63 31.71 -33.65
C PRO A 477 -47.99 32.18 -34.96
N ASP A 478 -48.56 31.76 -36.09
CA ASP A 478 -48.02 32.10 -37.43
C ASP A 478 -47.94 33.60 -37.75
N GLU A 479 -48.87 34.40 -37.23
CA GLU A 479 -48.80 35.85 -37.38
C GLU A 479 -47.54 36.43 -36.71
N VAL A 480 -47.19 35.86 -35.54
CA VAL A 480 -45.98 36.25 -34.82
C VAL A 480 -44.70 35.93 -35.62
N ILE A 481 -44.50 34.67 -36.02
CA ILE A 481 -43.42 34.29 -36.95
C ILE A 481 -43.32 35.27 -38.11
N LYS A 482 -44.47 35.64 -38.66
CA LYS A 482 -44.50 36.50 -39.84
C LYS A 482 -44.06 37.92 -39.51
N LYS A 483 -44.48 38.45 -38.35
CA LYS A 483 -44.01 39.75 -37.94
C LYS A 483 -42.48 39.75 -37.88
N TRP A 484 -41.90 38.61 -37.41
CA TRP A 484 -40.44 38.44 -37.27
C TRP A 484 -39.75 38.27 -38.61
N GLN A 485 -40.43 37.60 -39.54
CA GLN A 485 -39.90 37.44 -40.89
C GLN A 485 -39.83 38.72 -41.67
N ASN A 486 -40.63 39.71 -41.31
CA ASN A 486 -40.58 40.96 -42.04
C ASN A 486 -39.85 42.06 -41.30
N ALA A 487 -38.82 41.64 -40.56
CA ALA A 487 -38.06 42.55 -39.73
C ALA A 487 -37.23 43.45 -40.61
N ASP A 488 -37.40 44.74 -40.39
CA ASP A 488 -36.69 45.78 -41.14
C ASP A 488 -35.31 46.11 -40.60
N LEU A 489 -34.63 47.00 -41.30
CA LEU A 489 -33.44 47.63 -40.75
C LEU A 489 -33.91 48.61 -39.70
N ASN A 490 -33.17 48.65 -38.60
CA ASN A 490 -33.36 49.51 -37.47
C ASN A 490 -32.07 50.34 -37.37
N GLY A 491 -32.18 51.67 -37.45
CA GLY A 491 -31.02 52.56 -37.49
C GLY A 491 -30.16 52.62 -36.23
N LYS A 492 -30.62 51.96 -35.17
CA LYS A 492 -29.86 51.81 -33.94
C LYS A 492 -28.74 50.76 -34.05
N PHE A 493 -28.83 49.87 -35.03
CA PHE A 493 -27.88 48.78 -35.17
C PHE A 493 -26.72 49.04 -36.15
N LYS A 494 -25.50 48.96 -35.64
CA LYS A 494 -24.31 49.13 -36.49
C LYS A 494 -23.29 48.04 -36.24
N LEU A 495 -22.59 47.63 -37.30
CA LEU A 495 -21.37 46.87 -37.11
C LEU A 495 -20.42 47.62 -36.17
N PRO A 496 -19.53 46.91 -35.44
CA PRO A 496 -18.51 47.57 -34.65
C PRO A 496 -17.50 48.19 -35.57
N THR A 497 -16.77 49.19 -35.10
CA THR A 497 -15.68 49.78 -35.88
C THR A 497 -14.34 49.21 -35.43
N LYS A 498 -13.23 49.64 -36.03
CA LYS A 498 -11.89 49.16 -35.60
C LYS A 498 -11.78 49.12 -34.09
N ASN A 499 -11.29 47.99 -33.58
CA ASN A 499 -10.96 47.90 -32.18
C ASN A 499 -9.62 48.57 -31.88
N GLU A 500 -9.65 49.81 -31.38
CA GLU A 500 -8.46 50.59 -30.99
C GLU A 500 -7.67 49.98 -29.85
N PHE A 501 -8.26 49.04 -29.14
CA PHE A 501 -7.57 48.43 -28.02
C PHE A 501 -6.64 47.30 -28.40
N ILE A 502 -6.81 46.79 -29.62
CA ILE A 502 -5.87 45.83 -30.17
C ILE A 502 -4.44 46.28 -29.90
N PRO A 503 -3.62 45.40 -29.29
CA PRO A 503 -2.26 45.86 -28.93
C PRO A 503 -1.34 45.78 -30.13
N THR A 504 -0.25 46.54 -30.09
CA THR A 504 0.74 46.47 -31.14
C THR A 504 2.15 46.60 -30.57
N ASN A 505 2.27 46.97 -29.31
CA ASN A 505 3.61 47.05 -28.77
C ASN A 505 3.95 45.88 -27.88
N PHE A 506 4.80 44.97 -28.33
CA PHE A 506 5.03 43.75 -27.58
C PHE A 506 6.45 43.63 -27.05
N GLU A 507 7.19 44.74 -26.98
CA GLU A 507 8.57 44.56 -26.55
C GLU A 507 8.68 44.35 -25.06
N ILE A 508 9.54 43.41 -24.73
CA ILE A 508 9.76 42.99 -23.36
C ILE A 508 10.89 43.87 -22.81
N LEU A 509 10.53 44.88 -22.03
CA LEU A 509 11.49 45.87 -21.55
C LEU A 509 12.71 45.22 -20.93
N PRO A 510 13.93 45.79 -21.16
CA PRO A 510 15.15 45.19 -20.59
C PRO A 510 15.01 44.96 -19.09
N LEU A 511 15.51 43.84 -18.60
CA LEU A 511 15.38 43.54 -17.18
C LEU A 511 16.25 44.49 -16.36
N GLU A 512 15.59 45.31 -15.53
CA GLU A 512 16.26 46.37 -14.73
C GLU A 512 17.42 45.93 -13.87
N LYS A 513 18.33 46.85 -13.69
CA LYS A 513 19.57 46.65 -12.98
C LYS A 513 19.35 46.20 -11.50
N GLU A 514 18.34 46.76 -10.84
CA GLU A 514 18.04 46.42 -9.42
C GLU A 514 16.66 45.75 -9.28
N ALA A 515 16.36 44.81 -10.15
CA ALA A 515 15.16 44.01 -10.03
C ALA A 515 15.45 43.04 -8.90
N THR A 516 14.42 42.41 -8.33
CA THR A 516 14.56 41.42 -7.21
C THR A 516 13.65 40.18 -7.38
N PRO A 517 14.00 39.03 -6.74
CA PRO A 517 13.12 37.87 -6.88
C PRO A 517 11.67 38.16 -6.44
N TYR A 518 11.49 38.93 -5.36
CA TYR A 518 10.16 39.24 -4.81
C TYR A 518 9.77 40.71 -4.96
N PRO A 519 8.46 41.04 -4.81
CA PRO A 519 8.06 42.45 -4.93
C PRO A 519 8.72 43.32 -3.89
N ALA A 520 9.21 44.45 -4.31
CA ALA A 520 9.79 45.43 -3.40
C ALA A 520 8.74 46.45 -3.05
N LEU A 521 8.73 46.89 -1.81
CA LEU A 521 7.85 47.98 -1.44
C LEU A 521 8.50 49.25 -1.95
N ILE A 522 8.04 49.78 -3.08
CA ILE A 522 8.72 50.93 -3.65
C ILE A 522 8.06 52.27 -3.34
N LYS A 523 7.01 52.25 -2.53
CA LYS A 523 6.39 53.49 -2.05
C LYS A 523 5.57 53.24 -0.78
N ASP A 524 5.77 54.09 0.23
CA ASP A 524 5.05 53.91 1.49
C ASP A 524 4.52 55.22 2.08
N THR A 525 3.68 55.93 1.35
CA THR A 525 3.13 57.20 1.81
C THR A 525 1.81 57.00 2.51
N ALA A 526 1.26 58.07 3.08
CA ALA A 526 0.00 58.02 3.83
C ALA A 526 -1.14 57.50 2.98
N MET A 527 -1.13 57.91 1.71
CA MET A 527 -2.17 57.56 0.78
C MET A 527 -2.02 56.15 0.19
N SER A 528 -0.78 55.69 0.00
CA SER A 528 -0.58 54.46 -0.76
C SER A 528 0.69 53.70 -0.48
N LYS A 529 0.59 52.40 -0.70
CA LYS A 529 1.65 51.49 -0.41
C LYS A 529 1.90 50.59 -1.65
N LEU A 530 2.84 50.98 -2.50
CA LEU A 530 3.11 50.28 -3.75
C LEU A 530 4.08 49.11 -3.65
N TRP A 531 3.60 47.92 -4.01
CA TRP A 531 4.44 46.73 -4.17
C TRP A 531 4.73 46.49 -5.67
N PHE A 532 5.99 46.17 -6.00
CA PHE A 532 6.38 46.11 -7.40
C PHE A 532 7.39 45.04 -7.65
N LYS A 533 7.19 44.31 -8.74
CA LYS A 533 8.21 43.43 -9.29
C LYS A 533 8.15 43.43 -10.80
N GLN A 534 9.27 43.74 -11.44
CA GLN A 534 9.35 43.55 -12.88
C GLN A 534 9.55 42.06 -13.16
N ASP A 535 8.75 41.48 -14.05
CA ASP A 535 8.79 40.04 -14.42
C ASP A 535 10.19 39.56 -14.81
N ASP A 536 10.73 38.59 -14.08
CA ASP A 536 12.00 37.95 -14.43
C ASP A 536 11.80 36.47 -14.88
N LYS A 537 10.55 36.04 -15.03
CA LYS A 537 10.33 34.64 -15.34
C LYS A 537 9.80 34.42 -16.77
N PHE A 538 8.71 35.10 -17.11
CA PHE A 538 7.88 34.69 -18.21
C PHE A 538 8.08 35.44 -19.51
N PHE A 539 8.49 36.70 -19.43
CA PHE A 539 8.78 37.55 -20.63
C PHE A 539 7.67 37.63 -21.74
N LEU A 540 6.40 37.73 -21.35
CA LEU A 540 5.34 38.04 -22.28
C LEU A 540 4.99 39.50 -22.13
N PRO A 541 4.39 40.13 -23.14
CA PRO A 541 4.14 41.56 -22.99
C PRO A 541 2.86 41.86 -22.22
N LYS A 542 2.69 41.23 -21.06
CA LYS A 542 1.51 41.44 -20.21
C LYS A 542 1.90 41.98 -18.87
N ALA A 543 0.92 42.50 -18.14
CA ALA A 543 1.08 42.91 -16.74
C ALA A 543 -0.21 42.73 -15.95
N ASN A 544 -0.06 42.51 -14.64
CA ASN A 544 -1.17 42.59 -13.69
C ASN A 544 -0.99 43.80 -12.80
N LEU A 545 -2.07 44.55 -12.60
CA LEU A 545 -2.08 45.76 -11.80
C LEU A 545 -3.19 45.57 -10.81
N ASN A 546 -2.84 45.50 -9.54
CA ASN A 546 -3.76 45.11 -8.45
C ASN A 546 -3.88 46.19 -7.36
N PHE A 547 -5.10 46.56 -6.99
CA PHE A 547 -5.30 47.62 -5.99
C PHE A 547 -6.34 47.33 -4.91
N GLU A 548 -5.93 47.27 -3.64
CA GLU A 548 -6.91 47.28 -2.52
C GLU A 548 -7.16 48.75 -2.17
N PHE A 549 -8.40 49.22 -2.36
CA PHE A 549 -8.84 50.51 -1.80
C PHE A 549 -9.48 50.30 -0.45
N PHE A 550 -8.99 50.99 0.60
CA PHE A 550 -9.59 50.93 1.95
C PHE A 550 -10.52 52.10 2.33
N SER A 551 -11.73 51.76 2.80
CA SER A 551 -12.63 52.73 3.37
C SER A 551 -13.43 52.11 4.50
N PRO A 552 -13.54 52.85 5.62
CA PRO A 552 -14.40 52.51 6.77
C PRO A 552 -15.84 52.38 6.31
N PHE A 553 -16.18 53.15 5.28
CA PHE A 553 -17.53 53.29 4.83
C PHE A 553 -18.02 52.18 3.95
N ALA A 554 -17.14 51.31 3.46
CA ALA A 554 -17.60 50.28 2.52
C ALA A 554 -18.37 49.17 3.22
N TYR A 555 -18.19 49.08 4.53
CA TYR A 555 -18.79 48.02 5.31
C TYR A 555 -19.35 48.48 6.66
N VAL A 556 -19.25 49.77 6.95
CA VAL A 556 -19.66 50.30 8.26
C VAL A 556 -21.02 49.78 8.74
N ASP A 557 -21.96 49.57 7.83
CA ASP A 557 -23.21 48.87 8.17
C ASP A 557 -23.88 48.15 6.96
N PRO A 558 -24.94 47.35 7.21
CA PRO A 558 -25.60 46.74 6.07
C PRO A 558 -25.94 47.72 4.96
N LEU A 559 -26.57 48.84 5.28
CA LEU A 559 -26.93 49.79 4.21
C LEU A 559 -25.74 50.21 3.32
N HIS A 560 -24.60 50.48 3.96
CA HIS A 560 -23.41 50.95 3.25
C HIS A 560 -22.78 49.86 2.40
N SER A 561 -22.93 48.62 2.86
CA SER A 561 -22.55 47.50 2.06
C SER A 561 -23.32 47.49 0.78
N ASN A 562 -24.65 47.55 0.89
CA ASN A 562 -25.48 47.50 -0.29
C ASN A 562 -25.09 48.63 -1.25
N MET A 563 -24.73 49.78 -0.71
CA MET A 563 -24.39 50.88 -1.59
C MET A 563 -23.03 50.69 -2.24
N ALA A 564 -22.04 50.26 -1.46
CA ALA A 564 -20.71 49.95 -2.04
C ALA A 564 -20.84 48.95 -3.22
N TYR A 565 -21.80 48.04 -3.11
CA TYR A 565 -22.06 47.09 -4.14
C TYR A 565 -22.70 47.83 -5.30
N LEU A 566 -23.91 48.35 -5.07
CA LEU A 566 -24.68 48.91 -6.17
C LEU A 566 -23.82 49.89 -6.96
N TYR A 567 -23.20 50.82 -6.25
CA TYR A 567 -22.26 51.76 -6.87
C TYR A 567 -21.38 51.03 -7.89
N LEU A 568 -20.65 50.01 -7.42
CA LEU A 568 -19.70 49.32 -8.28
C LEU A 568 -20.36 48.56 -9.44
N GLU A 569 -21.53 47.98 -9.19
CA GLU A 569 -22.26 47.37 -10.29
C GLU A 569 -22.67 48.39 -11.35
N LEU A 570 -23.14 49.56 -10.92
CA LEU A 570 -23.50 50.66 -11.84
C LEU A 570 -22.32 51.23 -12.61
N LEU A 571 -21.15 51.23 -11.96
CA LEU A 571 -19.94 51.63 -12.64
C LEU A 571 -19.59 50.68 -13.79
N LYS A 572 -19.59 49.37 -13.48
CA LYS A 572 -19.30 48.33 -14.47
C LYS A 572 -20.31 48.39 -15.59
N ASP A 573 -21.55 48.60 -15.21
CA ASP A 573 -22.57 48.67 -16.21
C ASP A 573 -22.37 49.88 -17.11
N SER A 574 -22.03 51.01 -16.53
CA SER A 574 -21.78 52.19 -17.34
C SER A 574 -20.60 51.94 -18.31
N LEU A 575 -19.49 51.45 -17.77
CA LEU A 575 -18.29 51.17 -18.57
C LEU A 575 -18.36 50.04 -19.59
N ASN A 576 -19.37 49.20 -19.48
CA ASN A 576 -19.37 47.98 -20.23
C ASN A 576 -19.15 48.14 -21.72
N GLU A 577 -19.96 48.98 -22.37
CA GLU A 577 -19.78 49.27 -23.80
C GLU A 577 -18.35 49.66 -24.15
N TYR A 578 -17.81 50.61 -23.44
CA TYR A 578 -16.45 51.02 -23.73
C TYR A 578 -15.43 49.90 -23.47
N ALA A 579 -15.66 49.06 -22.47
CA ALA A 579 -14.63 48.11 -22.05
C ALA A 579 -14.62 46.79 -22.85
N TYR A 580 -15.73 46.47 -23.51
CA TYR A 580 -15.86 45.23 -24.27
C TYR A 580 -14.71 45.05 -25.25
N ALA A 581 -14.44 46.12 -25.99
CA ALA A 581 -13.33 46.21 -26.93
C ALA A 581 -12.01 45.91 -26.25
N ALA A 582 -11.81 46.45 -25.05
CA ALA A 582 -10.56 46.17 -24.36
C ALA A 582 -10.48 44.68 -24.15
N GLU A 583 -11.61 44.07 -23.83
CA GLU A 583 -11.57 42.66 -23.50
C GLU A 583 -11.29 41.71 -24.64
N LEU A 584 -11.96 41.91 -25.76
CA LEU A 584 -11.60 41.15 -26.94
C LEU A 584 -10.11 41.31 -27.22
N ALA A 585 -9.51 42.38 -26.73
CA ALA A 585 -8.12 42.65 -27.04
C ALA A 585 -7.21 42.22 -25.91
N GLY A 586 -7.71 41.33 -25.05
CA GLY A 586 -6.90 40.76 -23.96
C GLY A 586 -6.53 41.73 -22.85
N LEU A 587 -7.41 42.69 -22.61
CA LEU A 587 -7.20 43.67 -21.57
C LEU A 587 -8.47 43.57 -20.77
N SER A 588 -8.39 43.18 -19.53
CA SER A 588 -9.63 43.03 -18.83
C SER A 588 -9.47 43.52 -17.41
N TYR A 589 -10.60 43.84 -16.79
CA TYR A 589 -10.56 44.34 -15.45
C TYR A 589 -11.66 43.70 -14.64
N ASP A 590 -11.42 43.69 -13.35
CA ASP A 590 -12.29 43.06 -12.45
C ASP A 590 -12.32 44.00 -11.24
N LEU A 591 -13.52 44.48 -10.95
CA LEU A 591 -13.74 45.50 -9.93
C LEU A 591 -14.93 45.14 -9.04
N GLN A 592 -14.66 44.89 -7.76
CA GLN A 592 -15.73 44.69 -6.77
C GLN A 592 -15.45 45.22 -5.36
N ASN A 593 -16.52 45.30 -4.57
CA ASN A 593 -16.50 45.82 -3.19
C ASN A 593 -16.10 44.72 -2.22
N THR A 594 -15.29 45.07 -1.24
CA THR A 594 -14.90 44.11 -0.23
C THR A 594 -15.39 44.58 1.11
N ILE A 595 -15.13 43.78 2.14
CA ILE A 595 -15.50 44.16 3.49
C ILE A 595 -14.54 45.23 4.01
N TYR A 596 -13.55 45.58 3.19
CA TYR A 596 -12.60 46.63 3.54
C TYR A 596 -12.73 47.86 2.66
N GLY A 597 -13.59 47.81 1.66
CA GLY A 597 -13.57 48.83 0.62
C GLY A 597 -13.77 48.28 -0.77
N MET A 598 -12.71 48.30 -1.58
CA MET A 598 -12.81 47.92 -2.99
C MET A 598 -11.59 47.21 -3.51
N TYR A 599 -11.80 46.40 -4.52
CA TYR A 599 -10.72 45.73 -5.18
C TYR A 599 -10.74 46.06 -6.67
N LEU A 600 -9.58 46.34 -7.24
CA LEU A 600 -9.48 46.58 -8.68
C LEU A 600 -8.30 45.82 -9.21
N SER A 601 -8.55 44.93 -10.16
CA SER A 601 -7.45 44.27 -10.85
C SER A 601 -7.58 44.49 -12.33
N VAL A 602 -6.52 45.00 -12.93
CA VAL A 602 -6.43 45.14 -14.38
C VAL A 602 -5.34 44.21 -14.93
N LYS A 603 -5.73 43.25 -15.77
CA LYS A 603 -4.84 42.20 -16.26
C LYS A 603 -4.78 42.21 -17.80
N GLY A 604 -3.66 41.75 -18.38
CA GLY A 604 -3.57 41.60 -19.83
C GLY A 604 -2.35 42.26 -20.41
N TYR A 605 -2.38 42.51 -21.71
CA TYR A 605 -1.25 43.10 -22.41
C TYR A 605 -1.06 44.51 -21.89
N ASN A 606 0.19 44.81 -21.55
CA ASN A 606 0.53 46.09 -20.99
C ASN A 606 0.29 47.28 -21.92
N ASP A 607 0.53 47.15 -23.22
CA ASP A 607 0.39 48.24 -24.22
C ASP A 607 -0.69 49.33 -24.07
N LYS A 608 -1.97 48.98 -23.96
CA LYS A 608 -2.98 50.00 -23.85
C LYS A 608 -3.52 49.99 -22.39
N GLN A 609 -2.85 49.26 -21.50
CA GLN A 609 -3.33 49.12 -20.12
C GLN A 609 -3.62 50.43 -19.37
N PRO A 610 -2.63 51.39 -19.32
CA PRO A 610 -2.88 52.71 -18.70
C PRO A 610 -4.13 53.38 -19.20
N ILE A 611 -4.46 53.22 -20.48
CA ILE A 611 -5.70 53.81 -20.99
C ILE A 611 -6.92 53.33 -20.18
N LEU A 612 -7.15 52.03 -20.13
CA LEU A 612 -8.32 51.45 -19.45
C LEU A 612 -8.40 51.87 -17.97
N LEU A 613 -7.31 51.61 -17.25
CA LEU A 613 -7.16 52.02 -15.86
C LEU A 613 -7.64 53.45 -15.65
N LYS A 614 -7.10 54.36 -16.44
CA LYS A 614 -7.37 55.77 -16.27
C LYS A 614 -8.82 55.99 -16.51
N LYS A 615 -9.41 55.33 -17.51
CA LYS A 615 -10.82 55.55 -17.80
C LYS A 615 -11.61 55.03 -16.61
N ILE A 616 -11.15 53.94 -16.01
CA ILE A 616 -11.88 53.39 -14.87
C ILE A 616 -11.86 54.36 -13.70
N ILE A 617 -10.68 54.80 -13.29
CA ILE A 617 -10.54 55.72 -12.17
C ILE A 617 -11.38 56.98 -12.41
N GLU A 618 -11.09 57.66 -13.52
CA GLU A 618 -11.89 58.79 -13.96
C GLU A 618 -13.38 58.53 -13.84
N LYS A 619 -13.89 57.41 -14.35
CA LYS A 619 -15.31 57.13 -14.21
C LYS A 619 -15.74 57.03 -12.76
N MET A 620 -14.96 56.36 -11.93
CA MET A 620 -15.33 56.22 -10.54
C MET A 620 -15.52 57.54 -9.85
N ALA A 621 -14.61 58.46 -10.16
CA ALA A 621 -14.42 59.64 -9.35
C ALA A 621 -15.41 60.70 -9.73
N THR A 622 -15.97 60.57 -10.91
CA THR A 622 -16.83 61.60 -11.46
C THR A 622 -18.11 60.94 -11.82
N PHE A 623 -18.51 59.95 -11.06
CA PHE A 623 -19.52 59.05 -11.59
C PHE A 623 -20.92 59.66 -11.56
N GLU A 624 -21.67 59.41 -12.64
CA GLU A 624 -22.98 59.97 -12.86
C GLU A 624 -24.06 58.86 -13.03
N ILE A 625 -24.88 58.63 -12.01
CA ILE A 625 -25.86 57.52 -12.03
C ILE A 625 -27.05 57.76 -12.94
N ASP A 626 -27.37 56.78 -13.78
CA ASP A 626 -28.62 56.82 -14.55
C ASP A 626 -29.78 56.25 -13.73
N GLU A 627 -30.81 57.07 -13.54
CA GLU A 627 -31.98 56.69 -12.73
C GLU A 627 -32.52 55.28 -13.08
N LYS A 628 -32.69 55.00 -14.37
CA LYS A 628 -33.30 53.74 -14.85
C LYS A 628 -32.43 52.49 -14.55
N ARG A 629 -31.13 52.63 -14.83
CA ARG A 629 -30.12 51.63 -14.55
C ARG A 629 -30.11 51.24 -13.08
N PHE A 630 -30.05 52.26 -12.21
CA PHE A 630 -30.15 52.09 -10.74
C PHE A 630 -31.35 51.22 -10.31
N GLU A 631 -32.53 51.56 -10.83
CA GLU A 631 -33.73 50.86 -10.46
C GLU A 631 -33.60 49.38 -10.87
N ILE A 632 -33.17 49.15 -12.12
CA ILE A 632 -32.99 47.79 -12.66
C ILE A 632 -31.93 46.96 -11.91
N ILE A 633 -30.72 47.51 -11.75
CA ILE A 633 -29.68 46.79 -11.02
C ILE A 633 -30.16 46.43 -9.62
N LYS A 634 -30.74 47.41 -8.93
CA LYS A 634 -31.27 47.18 -7.58
C LYS A 634 -32.29 46.04 -7.52
N GLU A 635 -33.24 46.03 -8.44
CA GLU A 635 -34.18 44.91 -8.50
C GLU A 635 -33.42 43.56 -8.59
N ALA A 636 -32.34 43.53 -9.38
CA ALA A 636 -31.61 42.30 -9.64
C ALA A 636 -30.88 41.89 -8.38
N TYR A 637 -30.27 42.88 -7.71
CA TYR A 637 -29.52 42.61 -6.50
C TYR A 637 -30.40 41.99 -5.40
N MET A 638 -31.66 42.42 -5.38
CA MET A 638 -32.65 41.94 -4.43
C MET A 638 -32.97 40.46 -4.70
N ARG A 639 -33.21 40.14 -5.96
CA ARG A 639 -33.48 38.78 -6.34
C ARG A 639 -32.27 37.94 -6.01
N SER A 640 -31.11 38.56 -6.23
CA SER A 640 -29.82 37.90 -6.05
C SER A 640 -29.58 37.49 -4.60
N LEU A 641 -29.79 38.42 -3.67
CA LEU A 641 -29.76 38.10 -2.25
C LEU A 641 -30.75 37.00 -1.87
N ASN A 642 -31.99 37.11 -2.34
CA ASN A 642 -32.97 36.04 -2.12
C ASN A 642 -32.50 34.74 -2.68
N ASN A 643 -31.90 34.78 -3.87
CA ASN A 643 -31.57 33.54 -4.53
C ASN A 643 -30.52 32.75 -3.79
N PHE A 644 -29.93 33.35 -2.77
CA PHE A 644 -29.07 32.57 -1.91
C PHE A 644 -29.81 31.36 -1.34
N ARG A 645 -31.05 31.58 -0.93
CA ARG A 645 -31.94 30.54 -0.39
C ARG A 645 -31.87 29.20 -1.17
N ALA A 646 -31.45 29.26 -2.45
CA ALA A 646 -31.42 28.11 -3.35
C ALA A 646 -30.07 27.43 -3.44
N GLU A 647 -29.06 28.02 -2.82
CA GLU A 647 -27.71 27.50 -2.89
C GLU A 647 -27.61 26.12 -2.27
N GLN A 648 -26.55 25.41 -2.61
CA GLN A 648 -26.36 24.04 -2.17
C GLN A 648 -26.09 24.00 -0.66
N PRO A 649 -26.58 22.96 0.05
CA PRO A 649 -26.43 22.87 1.52
C PRO A 649 -24.98 23.10 2.04
N HIS A 650 -24.02 22.43 1.45
CA HIS A 650 -22.67 22.62 1.89
C HIS A 650 -22.19 24.08 1.78
N GLN A 651 -22.84 24.91 0.98
CA GLN A 651 -22.37 26.29 0.92
C GLN A 651 -23.06 27.16 1.95
N HIS A 652 -24.33 26.87 2.22
CA HIS A 652 -25.00 27.41 3.39
C HIS A 652 -24.10 27.13 4.57
N ALA A 653 -23.68 25.87 4.72
CA ALA A 653 -22.82 25.48 5.82
C ALA A 653 -21.63 26.42 5.89
N MET A 654 -20.90 26.53 4.78
CA MET A 654 -19.71 27.37 4.74
C MET A 654 -20.03 28.83 5.01
N TYR A 655 -21.11 29.34 4.43
CA TYR A 655 -21.48 30.72 4.63
C TYR A 655 -21.73 31.04 6.12
N TYR A 656 -22.58 30.26 6.75
CA TYR A 656 -22.81 30.40 8.17
C TYR A 656 -21.51 30.34 8.99
N LEU A 657 -20.61 29.43 8.66
CA LEU A 657 -19.39 29.39 9.44
C LEU A 657 -18.59 30.72 9.32
N ARG A 658 -18.46 31.25 8.09
CA ARG A 658 -17.88 32.58 7.82
C ARG A 658 -18.48 33.65 8.75
N LEU A 659 -19.80 33.76 8.75
CA LEU A 659 -20.55 34.68 9.62
C LEU A 659 -20.28 34.50 11.11
N LEU A 660 -20.20 33.25 11.55
CA LEU A 660 -20.04 32.93 12.96
C LEU A 660 -18.67 33.27 13.53
N MET A 661 -17.64 33.16 12.69
CA MET A 661 -16.27 33.24 13.15
C MET A 661 -15.62 34.55 12.82
N THR A 662 -16.32 35.48 12.19
CA THR A 662 -15.71 36.79 11.89
C THR A 662 -16.34 37.82 12.79
N GLU A 663 -15.45 38.66 13.29
CA GLU A 663 -15.81 39.76 14.14
C GLU A 663 -17.04 40.49 13.63
N VAL A 664 -16.97 41.08 12.44
CA VAL A 664 -18.14 41.76 11.85
C VAL A 664 -18.55 41.10 10.51
N ALA A 665 -19.80 40.70 10.37
CA ALA A 665 -20.24 40.11 9.10
C ALA A 665 -21.73 40.30 8.91
N TRP A 666 -22.14 41.05 7.91
CA TRP A 666 -23.58 41.25 7.75
C TRP A 666 -24.23 40.06 7.06
N THR A 667 -25.34 39.55 7.61
CA THR A 667 -26.02 38.43 6.98
C THR A 667 -26.77 38.87 5.71
N LYS A 668 -27.00 37.94 4.76
CA LYS A 668 -27.83 38.20 3.54
C LYS A 668 -29.19 38.78 3.95
N ASP A 669 -29.74 38.27 5.05
CA ASP A 669 -31.01 38.74 5.63
C ASP A 669 -30.98 40.20 5.98
N GLU A 670 -29.93 40.65 6.66
CA GLU A 670 -29.86 42.07 7.01
C GLU A 670 -29.52 42.96 5.81
N LEU A 671 -28.77 42.42 4.85
CA LEU A 671 -28.51 43.12 3.59
C LEU A 671 -29.80 43.31 2.80
N LYS A 672 -30.57 42.23 2.72
CA LYS A 672 -31.87 42.27 2.04
C LYS A 672 -32.78 43.28 2.71
N GLU A 673 -32.81 43.26 4.03
CA GLU A 673 -33.65 44.13 4.79
C GLU A 673 -33.24 45.58 4.60
N ALA A 674 -31.95 45.86 4.59
CA ALA A 674 -31.50 47.23 4.55
C ALA A 674 -31.59 47.83 3.15
N LEU A 675 -32.05 47.04 2.19
CA LEU A 675 -31.92 47.43 0.80
C LEU A 675 -33.06 48.31 0.28
N ASP A 676 -34.21 48.32 0.95
CA ASP A 676 -35.28 49.25 0.54
C ASP A 676 -34.87 50.66 0.91
N ASP A 677 -34.16 50.78 2.01
CA ASP A 677 -33.71 52.09 2.49
C ASP A 677 -32.73 52.81 1.53
N VAL A 678 -32.24 52.08 0.51
CA VAL A 678 -31.31 52.59 -0.51
C VAL A 678 -32.03 53.35 -1.64
N THR A 679 -31.96 54.68 -1.63
CA THR A 679 -32.66 55.52 -2.62
C THR A 679 -31.66 56.17 -3.57
N LEU A 680 -32.13 56.70 -4.70
CA LEU A 680 -31.21 57.39 -5.61
C LEU A 680 -30.47 58.55 -4.91
N PRO A 681 -31.20 59.45 -4.21
CA PRO A 681 -30.58 60.47 -3.37
C PRO A 681 -29.47 59.94 -2.46
N ARG A 682 -29.81 58.91 -1.69
CA ARG A 682 -28.91 58.29 -0.73
C ARG A 682 -27.58 57.82 -1.34
N LEU A 683 -27.64 57.30 -2.56
CA LEU A 683 -26.44 56.75 -3.22
C LEU A 683 -25.59 57.83 -3.83
N LYS A 684 -26.20 58.82 -4.51
CA LYS A 684 -25.43 59.99 -5.01
C LYS A 684 -24.53 60.52 -3.89
N ALA A 685 -25.10 60.59 -2.67
CA ALA A 685 -24.36 61.03 -1.49
C ALA A 685 -23.28 60.05 -1.01
N PHE A 686 -23.58 58.76 -1.06
CA PHE A 686 -22.65 57.75 -0.59
C PHE A 686 -21.34 57.82 -1.36
N ILE A 687 -21.42 57.82 -2.69
CA ILE A 687 -20.21 57.76 -3.54
C ILE A 687 -19.08 58.72 -3.09
N PRO A 688 -19.36 60.05 -2.97
CA PRO A 688 -18.29 60.99 -2.62
C PRO A 688 -17.81 60.79 -1.21
N GLN A 689 -18.75 60.41 -0.33
CA GLN A 689 -18.44 60.08 1.06
C GLN A 689 -17.29 59.07 1.02
N LEU A 690 -17.57 57.90 0.44
CA LEU A 690 -16.66 56.76 0.35
C LEU A 690 -15.31 57.11 -0.24
N LEU A 691 -15.38 57.87 -1.33
CA LEU A 691 -14.23 58.30 -2.11
C LEU A 691 -13.35 59.39 -1.53
N SER A 692 -13.69 59.95 -0.37
CA SER A 692 -12.97 61.12 0.17
C SER A 692 -11.87 60.75 1.13
N ARG A 693 -11.98 59.60 1.76
CA ARG A 693 -10.85 59.13 2.56
C ARG A 693 -10.53 57.67 2.22
N LEU A 694 -9.32 57.45 1.67
CA LEU A 694 -8.85 56.13 1.27
C LEU A 694 -7.39 55.90 1.55
N HIS A 695 -7.04 54.64 1.60
CA HIS A 695 -5.67 54.20 1.52
C HIS A 695 -5.66 53.17 0.39
N ILE A 696 -4.63 53.19 -0.46
CA ILE A 696 -4.52 52.22 -1.53
C ILE A 696 -3.30 51.35 -1.30
N GLU A 697 -3.45 50.04 -1.22
CA GLU A 697 -2.29 49.16 -1.32
C GLU A 697 -2.38 48.44 -2.65
N ALA A 698 -1.25 48.39 -3.35
CA ALA A 698 -1.19 47.95 -4.73
C ALA A 698 -0.07 46.96 -4.97
N LEU A 699 -0.32 46.01 -5.86
CA LEU A 699 0.75 45.17 -6.45
C LEU A 699 0.80 45.47 -7.93
N LEU A 700 1.96 45.86 -8.44
CA LEU A 700 2.14 46.00 -9.89
C LEU A 700 3.28 45.08 -10.31
N HIS A 701 2.99 44.20 -11.27
CA HIS A 701 3.80 43.02 -11.52
C HIS A 701 3.70 42.65 -12.98
N GLY A 702 4.81 42.62 -13.68
CA GLY A 702 4.75 42.28 -15.12
C GLY A 702 5.84 42.84 -16.00
N ASN A 703 5.50 43.08 -17.27
CA ASN A 703 6.39 43.79 -18.20
C ASN A 703 6.26 45.31 -18.01
N ILE A 704 6.76 45.82 -16.90
CA ILE A 704 6.79 47.28 -16.60
C ILE A 704 8.00 47.68 -15.74
N THR A 705 8.44 48.91 -15.89
CA THR A 705 9.58 49.38 -15.10
C THR A 705 9.17 50.02 -13.77
N LYS A 706 10.14 50.15 -12.85
CA LYS A 706 9.92 50.81 -11.56
C LYS A 706 9.21 52.14 -11.77
N GLN A 707 9.70 52.89 -12.75
CA GLN A 707 9.21 54.19 -13.02
C GLN A 707 7.86 54.17 -13.66
N ALA A 708 7.67 53.19 -14.54
CA ALA A 708 6.39 53.04 -15.21
C ALA A 708 5.35 52.81 -14.09
N ALA A 709 5.71 51.93 -13.15
CA ALA A 709 4.85 51.55 -12.02
C ALA A 709 4.46 52.76 -11.13
N LEU A 710 5.47 53.47 -10.64
CA LEU A 710 5.29 54.68 -9.85
C LEU A 710 4.38 55.69 -10.56
N GLY A 711 4.57 55.84 -11.85
CA GLY A 711 3.71 56.74 -12.59
C GLY A 711 2.26 56.32 -12.54
N ILE A 712 2.04 55.02 -12.77
CA ILE A 712 0.72 54.40 -12.78
C ILE A 712 0.06 54.60 -11.42
N MET A 713 0.80 54.30 -10.36
CA MET A 713 0.29 54.48 -9.02
C MET A 713 -0.06 55.93 -8.79
N GLN A 714 0.87 56.83 -9.15
CA GLN A 714 0.66 58.24 -8.91
C GLN A 714 -0.49 58.75 -9.73
N MET A 715 -0.69 58.15 -10.89
CA MET A 715 -1.76 58.59 -11.76
C MET A 715 -3.12 58.23 -11.16
N VAL A 716 -3.20 57.08 -10.49
CA VAL A 716 -4.44 56.68 -9.88
C VAL A 716 -4.80 57.73 -8.83
N GLU A 717 -3.86 57.95 -7.91
CA GLU A 717 -3.99 58.92 -6.81
C GLU A 717 -4.40 60.28 -7.29
N ASP A 718 -3.65 60.82 -8.26
CA ASP A 718 -3.93 62.14 -8.82
C ASP A 718 -5.33 62.27 -9.40
N THR A 719 -5.79 61.21 -10.07
CA THR A 719 -7.11 61.19 -10.68
C THR A 719 -8.18 61.27 -9.59
N LEU A 720 -7.92 60.61 -8.46
CA LEU A 720 -8.84 60.63 -7.32
C LEU A 720 -8.89 61.99 -6.62
N ILE A 721 -7.75 62.41 -6.05
CA ILE A 721 -7.54 63.78 -5.57
C ILE A 721 -8.25 64.82 -6.47
N GLU A 722 -7.85 64.90 -7.72
CA GLU A 722 -8.39 65.94 -8.59
C GLU A 722 -9.89 65.85 -8.81
N HIS A 723 -10.53 64.73 -8.51
CA HIS A 723 -11.94 64.59 -8.88
C HIS A 723 -12.87 64.22 -7.74
N ALA A 724 -12.30 63.81 -6.62
CA ALA A 724 -13.09 63.36 -5.48
C ALA A 724 -12.50 63.97 -4.23
N HIS A 725 -11.39 64.70 -4.38
CA HIS A 725 -10.73 65.43 -3.30
C HIS A 725 -10.23 64.48 -2.23
N THR A 726 -9.96 63.26 -2.63
CA THR A 726 -9.57 62.18 -1.72
C THR A 726 -8.38 62.58 -0.85
N LYS A 727 -8.46 62.31 0.46
CA LYS A 727 -7.32 62.46 1.39
C LYS A 727 -7.03 61.17 2.14
N PRO A 728 -5.81 61.03 2.68
CA PRO A 728 -5.38 59.76 3.28
C PRO A 728 -6.28 59.14 4.35
N LEU A 729 -5.78 58.08 4.97
CA LEU A 729 -6.39 57.42 6.11
C LEU A 729 -5.32 57.21 7.17
N LEU A 730 -5.69 57.42 8.44
CA LEU A 730 -4.77 57.19 9.56
C LEU A 730 -4.28 55.71 9.56
N PRO A 731 -3.01 55.47 10.02
CA PRO A 731 -2.56 54.07 10.12
C PRO A 731 -3.53 53.25 10.99
N SER A 732 -3.97 53.87 12.07
CA SER A 732 -4.82 53.22 13.05
C SER A 732 -6.22 52.98 12.53
N GLN A 733 -6.60 53.64 11.44
CA GLN A 733 -7.93 53.42 10.89
C GLN A 733 -7.95 52.07 10.17
N LEU A 734 -6.77 51.61 9.75
CA LEU A 734 -6.60 50.34 9.01
C LEU A 734 -6.98 49.23 10.03
N VAL A 735 -8.30 49.00 10.14
CA VAL A 735 -8.93 48.03 11.07
C VAL A 735 -9.19 46.69 10.33
N ARG A 736 -8.31 45.73 10.57
CA ARG A 736 -8.49 44.34 10.18
C ARG A 736 -9.42 43.61 11.18
N TYR A 737 -10.25 42.69 10.70
CA TYR A 737 -11.19 41.95 11.55
C TYR A 737 -10.54 40.70 12.10
N ARG A 738 -10.95 40.30 13.31
CA ARG A 738 -10.32 39.19 13.99
C ARG A 738 -11.21 37.97 13.93
N GLU A 739 -10.63 36.79 14.12
CA GLU A 739 -11.46 35.59 14.25
C GLU A 739 -11.86 35.32 15.70
N VAL A 740 -13.07 34.81 15.91
CA VAL A 740 -13.52 34.40 17.26
C VAL A 740 -12.60 33.34 17.90
N GLN A 741 -12.43 33.41 19.22
CA GLN A 741 -11.55 32.46 19.87
C GLN A 741 -12.37 31.47 20.65
N LEU A 742 -12.43 30.25 20.15
CA LEU A 742 -13.18 29.20 20.79
C LEU A 742 -12.42 28.74 22.03
N PRO A 743 -13.16 28.37 23.12
CA PRO A 743 -12.57 27.99 24.40
C PRO A 743 -11.98 26.59 24.35
N ASP A 744 -10.84 26.41 24.99
CA ASP A 744 -10.32 25.07 25.20
C ASP A 744 -11.47 24.13 25.50
N ARG A 745 -11.50 22.99 24.82
CA ARG A 745 -12.40 21.87 25.19
C ARG A 745 -13.90 22.08 24.91
N GLY A 746 -14.27 23.27 24.40
CA GLY A 746 -15.65 23.56 24.02
C GLY A 746 -16.06 22.95 22.68
N TRP A 747 -17.37 22.97 22.40
CA TRP A 747 -17.92 22.50 21.12
C TRP A 747 -19.27 23.14 20.84
N PHE A 748 -19.33 23.93 19.77
CA PHE A 748 -20.57 24.60 19.45
C PHE A 748 -21.15 24.09 18.16
N VAL A 749 -22.47 24.21 18.06
CA VAL A 749 -23.23 23.74 16.92
C VAL A 749 -24.21 24.82 16.56
N TYR A 750 -24.21 25.22 15.29
CA TYR A 750 -25.21 26.10 14.76
C TYR A 750 -26.03 25.30 13.79
N GLN A 751 -27.35 25.37 13.88
CA GLN A 751 -28.11 24.59 12.93
C GLN A 751 -29.23 25.28 12.17
N GLN A 752 -29.38 24.91 10.90
CA GLN A 752 -30.29 25.58 9.99
C GLN A 752 -30.89 24.64 8.96
N ARG A 753 -32.07 24.99 8.47
CA ARG A 753 -32.71 24.24 7.40
C ARG A 753 -32.35 24.84 6.06
N ASN A 754 -32.03 24.00 5.07
CA ASN A 754 -32.04 24.38 3.67
C ASN A 754 -33.42 24.08 3.09
N GLU A 755 -34.14 25.13 2.69
CA GLU A 755 -35.54 24.95 2.34
C GLU A 755 -35.75 24.49 0.87
N VAL A 756 -34.66 24.25 0.13
CA VAL A 756 -34.72 23.93 -1.32
C VAL A 756 -34.20 22.52 -1.65
N HIS A 757 -32.99 22.21 -1.20
CA HIS A 757 -32.33 20.93 -1.49
C HIS A 757 -32.70 19.85 -0.48
N ASN A 758 -32.90 18.62 -0.95
CA ASN A 758 -33.20 17.55 0.00
C ASN A 758 -31.99 16.70 0.32
N ASN A 759 -30.90 17.40 0.62
CA ASN A 759 -29.68 16.79 1.11
C ASN A 759 -29.36 17.65 2.32
N SER A 760 -28.38 17.26 3.12
CA SER A 760 -27.95 18.11 4.21
C SER A 760 -26.49 18.44 4.05
N GLY A 761 -26.06 19.51 4.68
CA GLY A 761 -24.68 19.94 4.59
C GLY A 761 -24.10 20.03 5.97
N ILE A 762 -22.78 19.84 6.06
CA ILE A 762 -22.11 20.01 7.33
C ILE A 762 -20.72 20.58 7.13
N GLU A 763 -20.34 21.57 7.94
CA GLU A 763 -18.92 21.91 8.09
C GLU A 763 -18.51 21.74 9.54
N ILE A 764 -17.44 20.99 9.76
CA ILE A 764 -16.86 20.83 11.09
C ILE A 764 -15.51 21.54 11.06
N TYR A 765 -15.29 22.40 12.04
CA TYR A 765 -14.06 23.15 12.15
C TYR A 765 -13.31 22.89 13.47
N TYR A 766 -12.09 22.36 13.35
CA TYR A 766 -11.22 22.19 14.52
C TYR A 766 -10.18 23.33 14.51
N GLN A 767 -10.46 24.39 15.27
CA GLN A 767 -9.58 25.53 15.31
C GLN A 767 -8.29 25.15 16.03
N THR A 768 -7.15 25.37 15.39
CA THR A 768 -5.87 25.15 16.06
C THR A 768 -5.11 26.23 16.85
N ASP A 769 -4.49 27.17 16.15
CA ASP A 769 -3.85 28.30 16.78
C ASP A 769 -3.53 29.20 15.59
N MET A 770 -3.32 30.50 15.79
CA MET A 770 -3.04 31.37 14.65
C MET A 770 -1.86 30.92 13.79
N GLN A 771 -1.80 31.44 12.57
CA GLN A 771 -0.82 30.99 11.62
C GLN A 771 0.56 31.43 12.09
N SER A 772 1.57 30.66 11.71
CA SER A 772 2.96 30.90 12.05
C SER A 772 3.70 29.70 11.46
N THR A 773 4.97 29.87 11.14
CA THR A 773 5.70 28.78 10.51
C THR A 773 5.37 27.40 11.09
N SER A 774 5.49 27.23 12.40
CA SER A 774 5.34 25.88 12.93
C SER A 774 3.87 25.42 12.96
N GLU A 775 2.99 26.28 13.45
CA GLU A 775 1.60 25.87 13.56
C GLU A 775 1.02 25.61 12.15
N ASN A 776 1.53 26.32 11.15
CA ASN A 776 1.18 26.06 9.74
C ASN A 776 1.50 24.67 9.23
N MET A 777 2.78 24.32 9.28
CA MET A 777 3.20 23.01 8.91
C MET A 777 2.64 21.85 9.74
N PHE A 778 2.36 22.04 11.04
CA PHE A 778 1.67 20.96 11.78
C PHE A 778 0.36 20.62 11.11
N LEU A 779 -0.44 21.67 10.81
CA LEU A 779 -1.76 21.50 10.20
C LEU A 779 -1.66 20.93 8.79
N GLU A 780 -0.78 21.51 7.99
CA GLU A 780 -0.65 21.10 6.59
C GLU A 780 -0.23 19.63 6.44
N LEU A 781 0.74 19.20 7.24
CA LEU A 781 1.23 17.82 7.18
C LEU A 781 0.16 16.85 7.63
N PHE A 782 -0.56 17.22 8.66
CA PHE A 782 -1.65 16.39 9.09
C PHE A 782 -2.64 16.27 7.95
N ALA A 783 -2.94 17.40 7.31
CA ALA A 783 -3.92 17.45 6.23
C ALA A 783 -3.46 16.60 5.06
N GLN A 784 -2.18 16.64 4.75
CA GLN A 784 -1.62 15.83 3.69
C GLN A 784 -1.82 14.36 4.00
N ILE A 785 -1.48 13.97 5.22
CA ILE A 785 -1.56 12.58 5.63
C ILE A 785 -2.96 12.03 5.53
N ILE A 786 -3.96 12.84 5.86
CA ILE A 786 -5.32 12.34 5.98
C ILE A 786 -6.18 12.69 4.80
N SER A 787 -5.56 13.34 3.81
CA SER A 787 -6.26 13.85 2.66
C SER A 787 -6.98 12.77 1.89
N GLU A 788 -6.23 11.79 1.35
CA GLU A 788 -6.86 10.69 0.64
C GLU A 788 -7.57 9.64 1.52
N PRO A 789 -6.99 9.26 2.68
CA PRO A 789 -7.80 8.43 3.60
C PRO A 789 -9.20 8.98 3.91
N ALA A 790 -9.34 10.30 4.07
CA ALA A 790 -10.64 10.88 4.39
C ALA A 790 -11.59 10.64 3.24
N PHE A 791 -11.14 11.00 2.04
CA PHE A 791 -11.92 10.78 0.84
C PHE A 791 -12.30 9.31 0.73
N ASN A 792 -11.29 8.46 0.71
CA ASN A 792 -11.50 7.05 0.54
C ASN A 792 -12.38 6.43 1.63
N THR A 793 -12.27 6.91 2.87
CA THR A 793 -13.13 6.42 3.96
C THR A 793 -14.54 6.99 3.91
N LEU A 794 -14.65 8.31 3.89
CA LEU A 794 -15.95 8.95 4.01
C LEU A 794 -16.77 8.85 2.75
N ARG A 795 -16.10 8.78 1.60
CA ARG A 795 -16.81 8.58 0.33
C ARG A 795 -16.73 7.16 -0.18
N THR A 796 -15.52 6.70 -0.57
CA THR A 796 -15.41 5.46 -1.34
C THR A 796 -15.99 4.33 -0.52
N LYS A 797 -15.45 4.13 0.69
CA LYS A 797 -15.93 3.05 1.57
C LYS A 797 -17.28 3.35 2.08
N GLU A 798 -17.40 4.37 2.92
CA GLU A 798 -18.66 4.64 3.60
C GLU A 798 -19.77 5.31 2.79
N GLN A 799 -19.46 5.83 1.60
CA GLN A 799 -20.45 6.43 0.71
C GLN A 799 -21.43 7.40 1.42
N LEU A 800 -20.87 8.36 2.15
CA LEU A 800 -21.70 9.36 2.84
C LEU A 800 -22.26 10.40 1.89
N GLY A 801 -21.57 10.62 0.78
CA GLY A 801 -21.99 11.60 -0.19
C GLY A 801 -20.98 11.75 -1.30
N TYR A 802 -21.34 12.56 -2.27
CA TYR A 802 -20.47 12.84 -3.38
C TYR A 802 -19.47 13.92 -3.01
N ILE A 803 -19.95 14.96 -2.33
CA ILE A 803 -19.09 16.01 -1.85
C ILE A 803 -18.54 15.59 -0.49
N VAL A 804 -17.23 15.33 -0.46
CA VAL A 804 -16.46 15.01 0.75
C VAL A 804 -15.10 15.70 0.68
N PHE A 805 -14.90 16.72 1.52
CA PHE A 805 -13.68 17.55 1.51
C PHE A 805 -13.08 17.69 2.91
N SER A 806 -11.76 17.66 2.97
CA SER A 806 -11.03 17.95 4.19
C SER A 806 -9.82 18.81 3.80
N GLY A 807 -9.15 19.40 4.76
CA GLY A 807 -8.02 20.25 4.46
C GLY A 807 -8.00 21.40 5.44
N PRO A 808 -7.01 22.28 5.34
CA PRO A 808 -6.90 23.46 6.22
C PRO A 808 -7.99 24.49 5.99
N ARG A 809 -8.33 25.22 7.06
CA ARG A 809 -9.09 26.47 7.00
C ARG A 809 -8.19 27.59 7.46
N ARG A 810 -8.22 28.69 6.73
CA ARG A 810 -7.39 29.83 7.08
C ARG A 810 -8.22 31.08 6.86
N ALA A 811 -8.62 31.74 7.94
CA ALA A 811 -9.24 33.04 7.80
C ALA A 811 -8.72 33.94 8.88
N ASN A 812 -8.62 35.22 8.55
CA ASN A 812 -8.18 36.27 9.46
C ASN A 812 -6.96 35.86 10.26
N GLY A 813 -5.94 35.35 9.59
CA GLY A 813 -4.71 35.04 10.32
C GLY A 813 -4.78 33.86 11.30
N ILE A 814 -5.95 33.25 11.45
CA ILE A 814 -6.10 32.05 12.27
C ILE A 814 -6.42 30.82 11.40
N GLN A 815 -6.37 29.62 11.98
CA GLN A 815 -6.50 28.40 11.18
C GLN A 815 -6.99 27.18 11.94
N GLY A 816 -7.11 26.08 11.22
CA GLY A 816 -7.68 24.86 11.76
C GLY A 816 -7.91 23.87 10.64
N LEU A 817 -8.44 22.70 11.01
CA LEU A 817 -8.78 21.63 10.10
C LEU A 817 -10.26 21.67 9.92
N ARG A 818 -10.73 21.40 8.71
CA ARG A 818 -12.18 21.34 8.48
C ARG A 818 -12.61 20.16 7.64
N PHE A 819 -13.86 19.76 7.82
CA PHE A 819 -14.47 18.76 6.95
C PHE A 819 -15.71 19.38 6.35
N ILE A 820 -15.95 19.07 5.09
CA ILE A 820 -17.17 19.52 4.44
C ILE A 820 -17.78 18.33 3.71
N ILE A 821 -19.05 18.05 4.04
CA ILE A 821 -19.81 16.93 3.48
C ILE A 821 -21.22 17.37 3.13
N GLN A 822 -21.66 17.03 1.93
CA GLN A 822 -23.06 17.10 1.58
C GLN A 822 -23.54 15.66 1.42
N SER A 823 -24.67 15.36 2.04
CA SER A 823 -25.07 13.97 2.26
C SER A 823 -26.57 13.80 2.47
N GLU A 824 -27.07 12.58 2.31
CA GLU A 824 -28.49 12.37 2.52
C GLU A 824 -28.77 12.08 4.00
N LYS A 825 -27.80 11.41 4.64
CA LYS A 825 -27.80 11.14 6.09
C LYS A 825 -27.80 12.45 6.92
N PRO A 826 -28.32 12.41 8.18
CA PRO A 826 -28.43 13.67 8.95
C PRO A 826 -27.08 14.15 9.51
N PRO A 827 -26.87 15.48 9.64
CA PRO A 827 -25.60 15.99 10.13
C PRO A 827 -25.08 15.32 11.39
N HIS A 828 -25.97 15.03 12.36
CA HIS A 828 -25.54 14.34 13.60
C HIS A 828 -24.79 13.04 13.29
N TYR A 829 -25.29 12.32 12.30
CA TYR A 829 -24.71 11.05 11.89
C TYR A 829 -23.32 11.24 11.25
N LEU A 830 -23.20 12.27 10.42
CA LEU A 830 -21.94 12.64 9.78
C LEU A 830 -20.91 13.02 10.84
N GLU A 831 -21.34 13.76 11.85
CA GLU A 831 -20.48 14.10 12.98
C GLU A 831 -19.71 12.88 13.48
N SER A 832 -20.45 11.86 13.87
CA SER A 832 -19.82 10.68 14.45
C SER A 832 -18.90 9.94 13.45
N ARG A 833 -19.25 9.92 12.17
CA ARG A 833 -18.38 9.24 11.20
C ARG A 833 -17.06 9.97 10.91
N VAL A 834 -17.06 11.29 10.98
CA VAL A 834 -15.80 12.04 10.96
C VAL A 834 -14.99 11.73 12.22
N GLU A 835 -15.70 11.64 13.33
CA GLU A 835 -15.06 11.40 14.62
C GLU A 835 -14.42 10.01 14.70
N ALA A 836 -15.18 9.01 14.25
CA ALA A 836 -14.69 7.68 14.01
C ALA A 836 -13.45 7.78 13.17
N PHE A 837 -13.61 8.27 11.95
CA PHE A 837 -12.50 8.45 11.00
C PHE A 837 -11.25 9.05 11.63
N LEU A 838 -11.47 10.00 12.52
CA LEU A 838 -10.36 10.71 13.13
C LEU A 838 -9.50 9.77 14.01
N ILE A 839 -10.15 8.81 14.69
CA ILE A 839 -9.43 7.70 15.41
C ILE A 839 -8.63 6.81 14.46
N THR A 840 -9.33 6.18 13.52
CA THR A 840 -8.68 5.54 12.37
C THR A 840 -7.40 6.22 11.87
N MET A 841 -7.37 7.56 11.91
CA MET A 841 -6.18 8.32 11.51
C MET A 841 -5.03 8.24 12.49
N GLU A 842 -5.26 8.64 13.74
CA GLU A 842 -4.23 8.50 14.75
C GLU A 842 -3.73 7.05 14.82
N LYS A 843 -4.68 6.11 14.84
CA LYS A 843 -4.39 4.68 14.84
C LYS A 843 -3.46 4.23 13.71
N SER A 844 -3.49 4.93 12.57
CA SER A 844 -2.61 4.55 11.47
C SER A 844 -1.38 5.46 11.29
N ILE A 845 -1.33 6.60 11.98
CA ILE A 845 -0.12 7.40 11.98
C ILE A 845 0.91 6.67 12.83
N GLU A 846 0.43 5.88 13.80
CA GLU A 846 1.30 5.03 14.59
C GLU A 846 1.77 3.84 13.78
N ASP A 847 0.84 3.09 13.22
CA ASP A 847 1.18 1.97 12.35
C ASP A 847 2.09 2.28 11.13
N MET A 848 2.17 3.55 10.69
CA MET A 848 2.88 3.86 9.44
C MET A 848 4.39 4.06 9.60
N THR A 849 5.13 3.41 8.70
CA THR A 849 6.60 3.38 8.66
C THR A 849 7.21 4.78 8.52
N GLU A 850 8.34 5.06 9.18
CA GLU A 850 8.97 6.39 9.07
C GLU A 850 9.32 6.68 7.61
N GLU A 851 9.17 5.67 6.75
CA GLU A 851 9.31 5.87 5.31
C GLU A 851 8.03 6.46 4.75
N ALA A 852 6.92 5.70 4.81
CA ALA A 852 5.58 6.21 4.52
C ALA A 852 5.43 7.66 4.96
N PHE A 853 5.94 7.96 6.16
CA PHE A 853 5.93 9.29 6.73
C PHE A 853 6.80 10.31 5.99
N GLN A 854 7.99 9.94 5.56
CA GLN A 854 8.82 10.85 4.78
C GLN A 854 8.23 11.12 3.39
N LYS A 855 7.53 10.11 2.83
CA LYS A 855 6.80 10.20 1.55
C LYS A 855 5.82 11.38 1.61
N HIS A 856 5.03 11.43 2.69
CA HIS A 856 4.05 12.48 2.89
C HIS A 856 4.67 13.86 3.08
N ILE A 857 5.83 13.94 3.74
CA ILE A 857 6.56 15.18 3.88
C ILE A 857 6.97 15.63 2.49
N GLN A 858 7.48 14.67 1.72
CA GLN A 858 7.95 14.90 0.36
C GLN A 858 6.83 15.39 -0.56
N ALA A 859 5.64 14.84 -0.42
CA ALA A 859 4.51 15.30 -1.20
C ALA A 859 4.19 16.78 -0.89
N LEU A 860 3.89 17.11 0.37
CA LEU A 860 3.67 18.50 0.74
C LEU A 860 4.75 19.39 0.16
N ALA A 861 6.01 19.01 0.37
CA ALA A 861 7.16 19.75 -0.17
C ALA A 861 6.99 20.07 -1.65
N ILE A 862 6.77 19.04 -2.45
CA ILE A 862 6.61 19.23 -3.87
C ILE A 862 5.45 20.21 -4.15
N ARG A 863 4.33 20.01 -3.45
CA ARG A 863 3.13 20.80 -3.67
C ARG A 863 3.44 22.23 -3.40
N ARG A 864 4.13 22.46 -2.31
CA ARG A 864 4.32 23.81 -1.85
C ARG A 864 5.32 24.58 -2.69
N LEU A 865 6.29 23.85 -3.25
CA LEU A 865 7.40 24.46 -3.98
C LEU A 865 7.14 24.49 -5.48
N ASP A 866 5.99 23.96 -5.90
CA ASP A 866 5.58 23.98 -7.30
C ASP A 866 5.61 25.41 -7.80
N LYS A 867 6.46 25.65 -8.81
CA LYS A 867 6.66 26.97 -9.36
C LYS A 867 5.46 27.44 -10.21
N PRO A 868 5.02 28.72 -10.09
CA PRO A 868 4.01 29.28 -11.02
C PRO A 868 4.45 29.19 -12.48
N LYS A 869 3.52 28.88 -13.40
CA LYS A 869 3.90 28.78 -14.81
C LYS A 869 3.49 30.04 -15.58
N LYS A 870 2.55 30.79 -15.02
CA LYS A 870 2.07 32.03 -15.63
C LYS A 870 2.16 33.21 -14.65
N LEU A 871 2.29 34.42 -15.20
CA LEU A 871 2.30 35.63 -14.41
C LEU A 871 1.18 35.61 -13.36
N SER A 872 -0.07 35.53 -13.82
CA SER A 872 -1.23 35.51 -12.91
C SER A 872 -0.99 34.66 -11.65
N ALA A 873 -0.38 33.50 -11.81
CA ALA A 873 -0.23 32.58 -10.70
C ALA A 873 0.77 33.16 -9.68
N GLU A 874 1.86 33.74 -10.16
CA GLU A 874 2.84 34.41 -9.31
C GLU A 874 2.16 35.62 -8.64
N SER A 875 1.60 36.53 -9.44
CA SER A 875 0.84 37.64 -8.89
C SER A 875 0.03 37.16 -7.70
N ALA A 876 -0.87 36.22 -7.95
CA ALA A 876 -1.77 35.68 -6.94
C ALA A 876 -1.09 35.35 -5.61
N LYS A 877 0.07 34.70 -5.68
CA LYS A 877 0.82 34.35 -4.48
C LYS A 877 1.23 35.61 -3.72
N TYR A 878 1.79 36.57 -4.45
CA TYR A 878 2.21 37.84 -3.85
C TYR A 878 1.01 38.57 -3.27
N TRP A 879 -0.12 38.50 -3.97
CA TRP A 879 -1.35 39.13 -3.51
C TRP A 879 -1.79 38.52 -2.17
N GLY A 880 -1.74 37.20 -2.10
CA GLY A 880 -2.10 36.50 -0.89
C GLY A 880 -1.34 37.05 0.29
N GLU A 881 -0.03 37.20 0.14
CA GLU A 881 0.83 37.76 1.18
C GLU A 881 0.38 39.18 1.50
N ILE A 882 0.16 39.99 0.48
CA ILE A 882 -0.17 41.39 0.70
C ILE A 882 -1.51 41.56 1.40
N ILE A 883 -2.58 40.98 0.88
CA ILE A 883 -3.89 41.26 1.44
C ILE A 883 -4.05 40.64 2.80
N SER A 884 -3.27 39.60 3.09
CA SER A 884 -3.29 39.02 4.45
C SER A 884 -2.34 39.78 5.41
N GLN A 885 -1.75 40.88 4.93
CA GLN A 885 -0.77 41.64 5.68
C GLN A 885 0.30 40.78 6.34
N GLN A 886 0.56 39.62 5.78
CA GLN A 886 1.63 38.77 6.26
C GLN A 886 2.95 38.99 5.54
N TYR A 887 2.87 39.39 4.27
CA TYR A 887 4.05 39.81 3.51
C TYR A 887 5.19 38.84 3.59
N ASN A 888 4.90 37.55 3.58
CA ASN A 888 5.94 36.54 3.72
C ASN A 888 6.33 35.98 2.35
N PHE A 889 6.80 36.84 1.44
CA PHE A 889 7.09 36.44 0.07
C PHE A 889 7.98 35.23 -0.10
N ASP A 890 8.80 34.95 0.91
CA ASP A 890 9.69 33.79 0.82
C ASP A 890 9.12 32.54 1.54
N ARG A 891 7.87 32.64 1.95
CA ARG A 891 7.28 31.68 2.86
C ARG A 891 7.54 30.22 2.51
N ASP A 892 7.51 29.91 1.21
CA ASP A 892 7.61 28.53 0.77
C ASP A 892 8.94 27.88 1.15
N ASN A 893 10.07 28.55 0.93
CA ASN A 893 11.33 27.92 1.28
C ASN A 893 11.48 27.76 2.78
N THR A 894 11.20 28.85 3.50
CA THR A 894 10.98 28.87 4.95
C THR A 894 10.14 27.69 5.47
N GLU A 895 8.85 27.67 5.15
CA GLU A 895 7.95 26.65 5.65
C GLU A 895 8.31 25.19 5.25
N VAL A 896 8.90 25.03 4.06
CA VAL A 896 9.36 23.71 3.61
C VAL A 896 10.62 23.30 4.38
N ALA A 897 11.57 24.22 4.49
CA ALA A 897 12.79 24.00 5.29
C ALA A 897 12.37 23.44 6.63
N TYR A 898 11.50 24.17 7.32
CA TYR A 898 11.00 23.75 8.60
C TYR A 898 10.26 22.43 8.55
N LEU A 899 9.62 22.14 7.42
CA LEU A 899 8.77 20.95 7.30
C LEU A 899 9.58 19.67 7.51
N LYS A 900 10.63 19.51 6.70
CA LYS A 900 11.54 18.36 6.69
C LYS A 900 11.96 17.91 8.12
N THR A 901 12.09 18.91 9.00
CA THR A 901 12.29 18.75 10.45
C THR A 901 11.29 17.91 11.23
N LEU A 902 10.14 17.55 10.68
CA LEU A 902 9.11 16.98 11.54
C LEU A 902 9.16 15.44 11.65
N THR A 903 8.58 14.89 12.71
CA THR A 903 8.49 13.43 12.85
C THR A 903 7.18 12.93 13.39
N LYS A 904 7.00 11.64 13.24
CA LYS A 904 5.86 10.95 13.81
C LYS A 904 5.50 11.46 15.22
N GLU A 905 6.49 11.73 16.08
CA GLU A 905 6.21 12.23 17.44
C GLU A 905 5.52 13.59 17.35
N ASP A 906 6.18 14.56 16.68
CA ASP A 906 5.62 15.93 16.53
C ASP A 906 4.14 15.91 16.17
N ILE A 907 3.81 15.09 15.20
CA ILE A 907 2.46 15.06 14.68
C ILE A 907 1.49 14.34 15.61
N ILE A 908 1.88 13.19 16.16
CA ILE A 908 1.03 12.53 17.19
C ILE A 908 0.75 13.49 18.36
N LYS A 909 1.78 14.24 18.77
CA LYS A 909 1.68 15.26 19.82
C LYS A 909 0.61 16.28 19.49
N PHE A 910 0.71 16.84 18.28
CA PHE A 910 -0.27 17.77 17.71
C PHE A 910 -1.69 17.23 17.77
N TYR A 911 -1.85 15.96 17.40
CA TYR A 911 -3.18 15.41 17.24
C TYR A 911 -3.87 15.35 18.59
N LYS A 912 -3.07 14.99 19.59
CA LYS A 912 -3.52 14.80 20.97
C LYS A 912 -3.70 16.12 21.71
N GLU A 913 -2.83 17.08 21.43
CA GLU A 913 -2.97 18.47 21.87
C GLU A 913 -4.24 19.19 21.41
N MET A 914 -4.50 19.12 20.09
CA MET A 914 -5.44 20.02 19.42
C MET A 914 -6.69 19.34 18.85
N LEU A 915 -6.57 18.08 18.43
CA LEU A 915 -7.60 17.46 17.59
C LEU A 915 -8.35 16.32 18.23
N ALA A 916 -7.65 15.41 18.90
CA ALA A 916 -8.29 14.21 19.46
C ALA A 916 -9.53 14.53 20.29
N VAL A 917 -10.50 13.62 20.29
CA VAL A 917 -11.77 13.84 21.01
C VAL A 917 -11.66 14.47 22.43
N ASP A 918 -10.60 14.10 23.15
CA ASP A 918 -10.39 14.57 24.51
C ASP A 918 -9.08 15.32 24.60
N ALA A 919 -8.79 16.07 23.55
CA ALA A 919 -7.66 16.95 23.56
C ALA A 919 -7.87 18.09 24.56
N PRO A 920 -6.80 18.40 25.33
CA PRO A 920 -6.70 19.52 26.23
C PRO A 920 -7.22 20.78 25.59
N ARG A 921 -6.71 21.11 24.41
CA ARG A 921 -7.13 22.34 23.72
C ARG A 921 -7.89 22.01 22.45
N ARG A 922 -8.91 21.18 22.54
CA ARG A 922 -9.72 20.93 21.34
C ARG A 922 -10.78 22.00 21.18
N HIS A 923 -10.82 22.66 20.03
CA HIS A 923 -11.73 23.79 19.79
C HIS A 923 -12.61 23.48 18.59
N LYS A 924 -13.85 23.09 18.81
CA LYS A 924 -14.69 22.56 17.74
C LYS A 924 -15.98 23.30 17.49
N VAL A 925 -16.18 23.69 16.23
CA VAL A 925 -17.44 24.29 15.81
C VAL A 925 -18.01 23.50 14.66
N SER A 926 -19.33 23.52 14.54
CA SER A 926 -20.03 22.71 13.57
C SER A 926 -21.27 23.46 13.10
N VAL A 927 -21.49 23.44 11.78
CA VAL A 927 -22.70 24.02 11.20
C VAL A 927 -23.47 22.85 10.63
N HIS A 928 -24.70 22.66 11.11
CA HIS A 928 -25.56 21.64 10.57
C HIS A 928 -26.56 22.31 9.65
N VAL A 929 -26.58 21.95 8.37
CA VAL A 929 -27.62 22.43 7.47
C VAL A 929 -28.49 21.23 7.11
N LEU A 930 -29.71 21.20 7.66
CA LEU A 930 -30.60 20.07 7.46
C LEU A 930 -31.27 20.11 6.09
N ALA A 931 -31.65 18.93 5.59
CA ALA A 931 -32.32 18.77 4.30
C ALA A 931 -33.73 19.33 4.33
N ARG A 932 -34.35 19.46 3.14
CA ARG A 932 -35.68 20.07 2.99
C ARG A 932 -36.63 19.60 4.09
N GLU A 933 -36.68 18.28 4.32
CA GLU A 933 -37.43 17.66 5.43
C GLU A 933 -36.56 16.77 6.30
N MET A 934 -36.24 17.22 7.51
CA MET A 934 -35.49 16.42 8.46
C MET A 934 -36.02 16.82 9.82
N ASP A 935 -35.30 16.53 10.92
CA ASP A 935 -35.85 16.71 12.30
C ASP A 935 -35.03 17.30 13.50
N SER A 936 -35.79 17.59 14.58
CA SER A 936 -35.36 18.08 15.92
C SER A 936 -34.11 18.95 15.97
N ASN A 950 -17.31 -4.41 9.73
CA ASN A 950 -17.20 -3.49 8.60
C ASN A 950 -17.16 -1.99 9.00
N LEU A 951 -18.02 -1.56 9.94
CA LEU A 951 -18.15 -0.12 10.33
C LEU A 951 -17.47 0.33 11.64
N SER A 952 -16.35 1.06 11.51
CA SER A 952 -15.49 1.45 12.65
C SER A 952 -16.17 2.19 13.81
N GLN A 953 -15.44 2.36 14.90
CA GLN A 953 -15.95 2.91 16.15
C GLN A 953 -15.96 4.44 16.28
N ALA A 954 -17.15 5.01 16.47
CA ALA A 954 -17.26 6.45 16.75
C ALA A 954 -17.16 6.67 18.26
N PRO A 955 -16.29 7.60 18.71
CA PRO A 955 -16.17 7.85 20.15
C PRO A 955 -17.41 8.57 20.69
N ALA A 956 -17.71 8.45 21.98
CA ALA A 956 -18.86 9.16 22.56
C ALA A 956 -18.50 10.64 22.71
N LEU A 957 -19.37 11.51 22.20
CA LEU A 957 -19.08 12.95 22.11
C LEU A 957 -19.76 13.75 23.22
N PRO A 958 -19.14 14.87 23.61
CA PRO A 958 -19.71 15.77 24.60
C PRO A 958 -21.10 16.30 24.24
N GLN A 959 -21.76 16.87 25.25
CA GLN A 959 -23.00 17.64 25.15
C GLN A 959 -22.75 18.94 24.35
N PRO A 960 -23.27 19.04 23.11
CA PRO A 960 -22.93 20.19 22.25
C PRO A 960 -23.66 21.48 22.67
N GLU A 961 -22.88 22.54 22.84
CA GLU A 961 -23.38 23.86 23.18
C GLU A 961 -24.00 24.48 21.92
N VAL A 962 -25.33 24.43 21.81
CA VAL A 962 -25.99 24.85 20.58
C VAL A 962 -26.09 26.37 20.44
N ILE A 963 -25.40 26.93 19.44
CA ILE A 963 -25.48 28.37 19.12
C ILE A 963 -26.91 28.82 18.80
N GLN A 964 -27.37 29.74 19.63
CA GLN A 964 -28.73 30.22 19.66
C GLN A 964 -28.89 31.43 18.74
N ASN A 965 -27.91 32.31 18.80
CA ASN A 965 -27.98 33.61 18.20
C ASN A 965 -26.56 34.03 17.91
N MET A 966 -26.34 34.50 16.69
CA MET A 966 -24.98 34.68 16.24
C MET A 966 -24.18 35.77 16.92
N THR A 967 -24.76 36.95 17.10
CA THR A 967 -24.02 37.99 17.80
C THR A 967 -23.94 37.81 19.33
N GLU A 968 -24.83 37.02 19.93
CA GLU A 968 -24.66 36.64 21.35
C GLU A 968 -23.44 35.76 21.53
N PHE A 969 -23.35 34.75 20.68
CA PHE A 969 -22.20 33.87 20.58
C PHE A 969 -20.86 34.63 20.39
N LYS A 970 -20.84 35.59 19.47
CA LYS A 970 -19.66 36.42 19.20
C LYS A 970 -19.32 37.34 20.41
N ARG A 971 -20.36 37.88 21.05
CA ARG A 971 -20.21 38.76 22.23
C ARG A 971 -19.59 38.03 23.41
N GLY A 972 -19.98 36.78 23.63
CA GLY A 972 -19.50 36.01 24.78
C GLY A 972 -18.19 35.25 24.61
N LEU A 973 -17.39 35.61 23.61
CA LEU A 973 -16.09 34.96 23.43
C LEU A 973 -14.96 35.93 23.12
N PRO A 974 -13.73 35.56 23.50
CA PRO A 974 -12.59 36.39 23.14
C PRO A 974 -12.38 36.49 21.62
N LEU A 975 -11.48 37.37 21.21
CA LEU A 975 -11.09 37.45 19.81
C LEU A 975 -9.58 37.27 19.75
N PHE A 976 -9.10 36.54 18.73
CA PHE A 976 -7.67 36.34 18.48
C PHE A 976 -6.96 37.61 18.09
N PRO A 977 -5.63 37.64 18.22
CA PRO A 977 -4.88 38.77 17.69
C PRO A 977 -4.91 38.72 16.17
N LEU A 978 -4.29 39.71 15.54
CA LEU A 978 -3.99 39.71 14.12
C LEU A 978 -2.53 39.32 13.99
N VAL A 979 -2.20 38.47 13.02
CA VAL A 979 -0.79 38.12 12.74
C VAL A 979 0.11 39.37 12.53
N LYS A 980 1.30 39.36 13.14
CA LYS A 980 2.28 40.42 12.91
C LYS A 980 2.92 40.30 11.53
N PRO A 981 3.04 41.43 10.79
CA PRO A 981 3.59 41.43 9.44
C PRO A 981 5.01 40.87 9.39
N HIS A 982 5.30 39.97 8.47
CA HIS A 982 6.68 39.60 8.19
C HIS A 982 7.26 40.62 7.21
N ASN B 14 14.64 12.27 33.67
CA ASN B 14 15.74 11.67 32.84
C ASN B 14 16.88 11.04 33.68
N ASN B 15 17.50 10.01 33.09
CA ASN B 15 18.62 9.30 33.68
C ASN B 15 19.87 9.43 32.77
N PRO B 16 21.05 9.79 33.34
CA PRO B 16 22.30 9.85 32.52
C PRO B 16 22.92 8.47 32.21
N ALA B 17 22.25 7.40 32.68
CA ALA B 17 22.54 6.00 32.31
C ALA B 17 21.81 5.48 31.03
N ILE B 18 21.02 6.34 30.39
CA ILE B 18 20.19 5.99 29.23
C ILE B 18 20.30 7.05 28.13
N LYS B 19 21.21 6.85 27.18
CA LYS B 19 21.51 7.87 26.18
C LYS B 19 20.29 8.40 25.44
N ARG B 20 19.21 7.61 25.39
CA ARG B 20 18.02 7.94 24.57
C ARG B 20 16.87 6.90 24.69
N ILE B 21 15.63 7.36 24.65
CA ILE B 21 14.44 6.49 24.63
C ILE B 21 13.77 6.57 23.26
N GLY B 22 13.07 5.50 22.88
CA GLY B 22 12.48 5.39 21.55
C GLY B 22 10.98 5.57 21.57
N ASN B 23 10.47 6.12 20.47
CA ASN B 23 9.14 6.74 20.45
C ASN B 23 7.76 6.11 20.33
N HIS B 24 7.56 5.38 19.24
CA HIS B 24 6.57 4.33 19.21
C HIS B 24 7.53 3.39 18.49
N ILE B 25 7.44 2.11 18.85
CA ILE B 25 7.97 1.06 18.01
C ILE B 25 6.78 0.60 17.16
N THR B 26 6.90 0.82 15.85
CA THR B 26 5.84 0.48 14.90
C THR B 26 5.64 -1.01 15.03
N LYS B 27 4.45 -1.40 15.47
CA LYS B 27 4.13 -2.80 15.60
C LYS B 27 2.90 -3.15 14.77
N SER B 28 2.66 -4.45 14.60
CA SER B 28 1.48 -4.92 13.89
C SER B 28 0.23 -4.43 14.61
N PRO B 29 -0.79 -3.99 13.84
CA PRO B 29 -2.09 -3.57 14.40
C PRO B 29 -2.67 -4.58 15.39
N GLU B 30 -2.49 -5.86 15.10
CA GLU B 30 -3.08 -6.96 15.89
C GLU B 30 -2.24 -7.35 17.13
N ASP B 31 -1.09 -6.69 17.32
CA ASP B 31 -0.14 -7.06 18.39
C ASP B 31 -0.44 -6.43 19.74
N LYS B 32 -0.81 -7.29 20.70
CA LYS B 32 -1.20 -6.85 22.03
C LYS B 32 -0.03 -6.61 23.01
N ARG B 33 1.19 -7.03 22.65
CA ARG B 33 2.39 -6.71 23.44
C ARG B 33 2.80 -5.25 23.31
N GLU B 34 3.52 -4.75 24.32
CA GLU B 34 3.90 -3.34 24.42
C GLU B 34 5.42 -3.19 24.27
N TYR B 35 5.84 -2.15 23.56
CA TYR B 35 7.24 -2.04 23.17
C TYR B 35 7.87 -0.69 23.51
N ARG B 36 9.10 -0.71 24.02
CA ARG B 36 9.96 0.49 24.12
C ARG B 36 11.42 0.12 23.88
N GLY B 37 12.00 0.76 22.89
CA GLY B 37 13.42 0.60 22.65
C GLY B 37 14.14 1.76 23.30
N LEU B 38 15.42 1.55 23.62
CA LEU B 38 16.29 2.63 24.10
C LEU B 38 17.77 2.33 23.91
N GLU B 39 18.57 3.39 23.79
CA GLU B 39 20.02 3.24 23.76
C GLU B 39 20.64 3.61 25.10
N LEU B 40 21.29 2.63 25.72
CA LEU B 40 21.99 2.85 26.97
C LEU B 40 23.18 3.79 26.83
N ALA B 41 23.63 4.31 27.98
CA ALA B 41 24.76 5.22 28.06
C ALA B 41 26.04 4.59 27.51
N ASN B 42 26.26 3.32 27.82
CA ASN B 42 27.42 2.58 27.29
C ASN B 42 27.32 2.13 25.82
N GLY B 43 26.26 2.57 25.12
CA GLY B 43 26.12 2.35 23.66
C GLY B 43 25.23 1.20 23.20
N ILE B 44 24.86 0.34 24.16
CA ILE B 44 24.04 -0.84 23.94
C ILE B 44 22.67 -0.46 23.43
N LYS B 45 22.24 -1.06 22.32
CA LYS B 45 20.86 -0.93 21.89
C LYS B 45 19.97 -1.91 22.67
N VAL B 46 18.75 -1.48 23.02
CA VAL B 46 17.81 -2.31 23.80
C VAL B 46 16.38 -2.28 23.24
N LEU B 47 15.70 -3.42 23.32
CA LEU B 47 14.26 -3.48 23.09
C LEU B 47 13.64 -4.12 24.30
N LEU B 48 12.56 -3.52 24.77
CA LEU B 48 11.84 -4.07 25.88
C LEU B 48 10.46 -4.44 25.40
N ILE B 49 10.01 -5.62 25.81
CA ILE B 49 8.71 -6.16 25.41
C ILE B 49 7.92 -6.49 26.66
N SER B 50 6.79 -5.81 26.81
CA SER B 50 5.90 -6.09 27.92
C SER B 50 4.68 -6.90 27.46
N ASP B 51 4.62 -8.14 27.91
CA ASP B 51 3.47 -9.00 27.66
C ASP B 51 2.96 -9.43 29.02
N PRO B 52 2.00 -8.65 29.57
CA PRO B 52 1.47 -8.99 30.87
C PRO B 52 1.11 -10.45 31.04
N THR B 53 0.70 -11.17 30.00
CA THR B 53 0.33 -12.59 30.21
C THR B 53 1.26 -13.70 29.67
N THR B 54 2.54 -13.42 29.46
CA THR B 54 3.47 -14.46 29.05
C THR B 54 3.89 -15.31 30.24
N ASP B 55 3.85 -16.63 30.13
CA ASP B 55 4.31 -17.48 31.26
C ASP B 55 5.76 -17.98 31.15
N LYS B 56 6.43 -17.61 30.06
CA LYS B 56 7.88 -17.69 29.92
C LYS B 56 8.30 -16.28 29.63
N SER B 57 9.25 -15.75 30.39
CA SER B 57 9.93 -14.51 30.04
C SER B 57 11.25 -14.88 29.37
N SER B 58 11.83 -13.99 28.60
CA SER B 58 13.12 -14.33 28.01
C SER B 58 13.94 -13.11 27.66
N ALA B 59 15.23 -13.33 27.49
CA ALA B 59 16.10 -12.31 26.94
C ALA B 59 17.14 -12.91 26.04
N ALA B 60 17.65 -12.08 25.15
CA ALA B 60 18.80 -12.42 24.38
C ALA B 60 19.69 -11.19 24.31
N LEU B 61 20.96 -11.43 24.04
CA LEU B 61 21.93 -10.41 23.69
C LEU B 61 22.72 -10.91 22.48
N ASP B 62 22.95 -9.97 21.55
CA ASP B 62 23.68 -10.26 20.34
C ASP B 62 24.87 -9.34 20.27
N VAL B 63 26.07 -9.93 20.21
CA VAL B 63 27.31 -9.17 20.00
C VAL B 63 27.67 -9.16 18.54
N HIS B 64 27.89 -7.97 17.99
CA HIS B 64 28.24 -7.85 16.57
C HIS B 64 29.69 -8.23 16.23
N ILE B 65 30.08 -9.41 16.71
CA ILE B 65 31.37 -10.03 16.41
C ILE B 65 31.17 -11.54 16.25
N GLY B 66 32.00 -12.13 15.40
CA GLY B 66 31.92 -13.57 15.15
C GLY B 66 33.20 -14.10 14.54
N SER B 67 33.14 -15.31 14.01
CA SER B 67 34.35 -16.06 13.68
C SER B 67 35.12 -15.45 12.53
N LEU B 68 34.46 -14.61 11.75
CA LEU B 68 35.17 -13.79 10.76
C LEU B 68 36.27 -12.92 11.40
N SER B 69 36.16 -12.69 12.72
CA SER B 69 37.17 -11.99 13.52
C SER B 69 38.14 -12.90 14.29
N ASP B 70 38.09 -14.20 14.01
CA ASP B 70 38.92 -15.16 14.70
C ASP B 70 40.37 -14.85 14.36
N PRO B 71 41.28 -14.91 15.36
CA PRO B 71 42.71 -14.76 15.07
C PRO B 71 43.11 -15.72 13.96
N PRO B 72 43.76 -15.23 12.89
CA PRO B 72 44.26 -16.08 11.80
C PRO B 72 44.89 -17.39 12.24
N ASN B 73 45.44 -17.44 13.45
CA ASN B 73 46.21 -18.58 13.90
C ASN B 73 45.55 -19.37 15.05
N ILE B 74 44.35 -18.96 15.47
CA ILE B 74 43.50 -19.80 16.33
C ILE B 74 42.14 -19.85 15.65
N ALA B 75 41.96 -20.77 14.71
CA ALA B 75 40.67 -20.91 14.07
C ALA B 75 39.69 -21.41 15.13
N GLY B 76 38.53 -20.77 15.22
CA GLY B 76 37.45 -21.24 16.09
C GLY B 76 37.30 -20.51 17.40
N LEU B 77 38.10 -19.48 17.63
CA LEU B 77 38.12 -18.85 18.94
C LEU B 77 36.77 -18.35 19.41
N SER B 78 36.07 -17.58 18.58
CA SER B 78 34.74 -17.09 19.00
C SER B 78 33.64 -18.13 19.18
N HIS B 79 33.61 -19.20 18.36
CA HIS B 79 32.72 -20.32 18.68
C HIS B 79 33.04 -20.89 20.07
N PHE B 80 34.34 -21.15 20.28
CA PHE B 80 34.83 -21.70 21.53
C PHE B 80 34.49 -20.80 22.73
N LEU B 81 34.69 -19.49 22.55
CA LEU B 81 34.38 -18.49 23.57
C LEU B 81 32.91 -18.59 23.97
N GLN B 82 32.05 -18.62 22.94
CA GLN B 82 30.61 -18.83 23.09
C GLN B 82 30.28 -20.09 23.91
N HIS B 83 30.97 -21.20 23.66
CA HIS B 83 30.76 -22.39 24.49
C HIS B 83 31.14 -22.06 25.95
N MET B 84 32.27 -21.36 26.12
CA MET B 84 32.84 -21.12 27.46
C MET B 84 32.04 -20.21 28.39
N LEU B 85 31.41 -19.18 27.83
CA LEU B 85 30.72 -18.20 28.66
C LEU B 85 29.61 -18.82 29.51
N PHE B 86 29.26 -20.05 29.19
CA PHE B 86 28.24 -20.78 29.95
C PHE B 86 28.80 -21.36 31.25
N LEU B 87 30.11 -21.61 31.26
CA LEU B 87 30.69 -22.44 32.28
C LEU B 87 31.22 -21.71 33.51
N GLY B 88 30.66 -20.54 33.82
CA GLY B 88 30.97 -19.88 35.09
C GLY B 88 31.45 -18.44 35.01
N THR B 89 31.04 -17.64 35.97
CA THR B 89 31.40 -16.23 36.02
C THR B 89 31.91 -15.85 37.40
N LYS B 90 32.23 -14.56 37.58
CA LYS B 90 32.81 -14.07 38.82
C LYS B 90 31.86 -14.25 39.99
N LYS B 91 30.61 -13.80 39.87
CA LYS B 91 29.70 -14.01 40.99
C LYS B 91 28.92 -15.32 40.94
N TYR B 92 28.95 -16.01 39.81
CA TYR B 92 28.32 -17.33 39.74
C TYR B 92 29.32 -18.34 39.28
N PRO B 93 30.34 -18.60 40.13
CA PRO B 93 31.50 -19.39 39.75
C PRO B 93 31.18 -20.89 39.69
N LYS B 94 29.99 -21.26 40.16
CA LYS B 94 29.53 -22.64 40.07
C LYS B 94 29.31 -22.98 38.60
N GLU B 95 30.12 -23.93 38.10
CA GLU B 95 30.26 -24.18 36.65
C GLU B 95 28.93 -24.27 35.90
N ASN B 96 27.96 -24.95 36.51
CA ASN B 96 26.66 -25.15 35.90
C ASN B 96 25.49 -24.42 36.61
N GLU B 97 25.83 -23.41 37.41
CA GLU B 97 24.84 -22.54 38.06
C GLU B 97 23.81 -21.98 37.05
N TYR B 98 24.28 -21.51 35.91
CA TYR B 98 23.39 -20.96 34.90
C TYR B 98 22.35 -22.01 34.42
N SER B 99 22.85 -23.10 33.83
CA SER B 99 21.95 -24.12 33.27
C SER B 99 21.16 -24.90 34.34
N GLN B 100 21.73 -25.07 35.54
CA GLN B 100 20.96 -25.64 36.67
C GLN B 100 19.84 -24.70 37.14
N PHE B 101 20.13 -23.41 37.19
CA PHE B 101 19.12 -22.47 37.60
C PHE B 101 17.93 -22.62 36.68
N LEU B 102 18.17 -22.49 35.38
CA LEU B 102 17.10 -22.51 34.39
C LEU B 102 16.31 -23.83 34.43
N SER B 103 17.00 -24.92 34.71
CA SER B 103 16.37 -26.24 34.82
C SER B 103 15.33 -26.25 35.93
N GLU B 104 15.72 -25.72 37.09
CA GLU B 104 14.87 -25.61 38.29
C GLU B 104 13.74 -24.59 38.19
N HIS B 105 13.83 -23.68 37.22
CA HIS B 105 12.83 -22.64 37.11
C HIS B 105 12.17 -22.62 35.72
N ALA B 106 12.12 -23.79 35.07
CA ALA B 106 11.40 -24.03 33.79
C ALA B 106 11.95 -23.31 32.53
N GLY B 107 13.21 -22.89 32.58
CA GLY B 107 13.82 -22.22 31.45
C GLY B 107 14.67 -23.15 30.60
N SER B 108 15.13 -22.64 29.46
CA SER B 108 16.10 -23.33 28.65
C SER B 108 17.01 -22.27 28.02
N SER B 109 18.18 -22.69 27.52
CA SER B 109 19.14 -21.73 26.97
C SER B 109 19.98 -22.27 25.83
N ASN B 110 20.50 -21.37 25.01
CA ASN B 110 21.36 -21.73 23.87
C ASN B 110 21.99 -20.50 23.21
N ALA B 111 22.83 -20.76 22.22
CA ALA B 111 23.62 -19.72 21.58
C ALA B 111 24.08 -20.16 20.19
N PHE B 112 24.42 -19.19 19.35
CA PHE B 112 25.08 -19.49 18.08
C PHE B 112 26.14 -18.44 17.70
N THR B 113 27.13 -18.85 16.89
CA THR B 113 28.22 -17.98 16.41
C THR B 113 28.22 -17.99 14.88
N SER B 114 27.96 -16.85 14.26
CA SER B 114 28.09 -16.69 12.81
C SER B 114 29.28 -15.84 12.44
N GLY B 115 29.32 -15.40 11.18
CA GLY B 115 30.46 -14.66 10.63
C GLY B 115 30.69 -13.42 11.47
N GLU B 116 29.59 -12.71 11.73
CA GLU B 116 29.62 -11.38 12.28
C GLU B 116 28.82 -11.26 13.55
N HIS B 117 28.37 -12.40 14.08
CA HIS B 117 27.43 -12.34 15.19
C HIS B 117 27.61 -13.43 16.21
N THR B 118 27.39 -13.07 17.47
CA THR B 118 27.35 -14.06 18.52
C THR B 118 26.14 -13.71 19.36
N ASN B 119 25.24 -14.69 19.44
CA ASN B 119 23.90 -14.50 19.94
C ASN B 119 23.64 -15.47 21.08
N TYR B 120 23.12 -14.95 22.18
CA TYR B 120 22.91 -15.75 23.37
C TYR B 120 21.49 -15.52 23.80
N TYR B 121 20.79 -16.58 24.18
CA TYR B 121 19.38 -16.44 24.59
C TYR B 121 18.91 -17.49 25.61
N PHE B 122 17.92 -17.11 26.42
CA PHE B 122 17.24 -18.06 27.31
C PHE B 122 15.75 -17.72 27.45
N ASP B 123 14.98 -18.69 27.94
CA ASP B 123 13.71 -18.40 28.58
C ASP B 123 13.59 -19.07 29.95
N VAL B 124 12.62 -18.61 30.73
CA VAL B 124 12.48 -19.00 32.10
C VAL B 124 11.10 -18.62 32.54
N SER B 125 10.59 -19.37 33.53
CA SER B 125 9.37 -19.06 34.26
C SER B 125 9.33 -17.58 34.67
N HIS B 126 8.25 -16.88 34.31
CA HIS B 126 8.19 -15.39 34.31
C HIS B 126 8.58 -14.65 35.61
N GLU B 127 8.40 -15.28 36.77
CA GLU B 127 8.81 -14.63 38.06
C GLU B 127 10.31 -14.66 38.24
N HIS B 128 10.93 -15.71 37.72
CA HIS B 128 12.35 -15.90 37.84
C HIS B 128 13.15 -15.19 36.74
N LEU B 129 12.56 -14.14 36.16
CA LEU B 129 13.28 -13.31 35.19
C LEU B 129 14.52 -12.65 35.82
N GLU B 130 14.31 -11.82 36.85
CA GLU B 130 15.39 -11.11 37.55
C GLU B 130 16.61 -12.01 37.81
N GLY B 131 16.34 -13.21 38.31
CA GLY B 131 17.39 -14.16 38.66
C GLY B 131 18.17 -14.68 37.46
N ALA B 132 17.42 -15.17 36.48
CA ALA B 132 18.03 -15.67 35.25
C ALA B 132 18.77 -14.57 34.51
N LEU B 133 18.15 -13.40 34.39
CA LEU B 133 18.79 -12.29 33.68
C LEU B 133 20.12 -11.83 34.33
N ASP B 134 20.17 -11.89 35.64
CA ASP B 134 21.38 -11.51 36.37
C ASP B 134 22.56 -12.40 35.98
N ARG B 135 22.36 -13.71 36.11
CA ARG B 135 23.36 -14.71 35.80
C ARG B 135 23.83 -14.59 34.35
N PHE B 136 22.89 -14.26 33.48
CA PHE B 136 23.14 -14.05 32.07
C PHE B 136 24.05 -12.83 31.88
N ALA B 137 23.67 -11.70 32.46
CA ALA B 137 24.40 -10.45 32.32
C ALA B 137 25.88 -10.59 32.71
N GLN B 138 26.15 -11.55 33.59
CA GLN B 138 27.49 -11.90 34.05
C GLN B 138 28.43 -12.37 32.93
N PHE B 139 27.88 -13.06 31.92
CA PHE B 139 28.66 -13.63 30.79
C PHE B 139 29.48 -12.53 30.11
N PHE B 140 28.98 -11.31 30.24
CA PHE B 140 29.51 -10.15 29.55
C PHE B 140 30.16 -9.19 30.52
N LEU B 141 30.56 -9.68 31.69
CA LEU B 141 31.23 -8.85 32.69
C LEU B 141 32.55 -9.46 33.18
N SER B 142 32.47 -10.69 33.69
CA SER B 142 33.64 -11.40 34.17
C SER B 142 33.42 -12.92 34.10
N PRO B 143 33.48 -13.47 32.87
CA PRO B 143 33.42 -14.92 32.70
C PRO B 143 34.68 -15.55 33.28
N LEU B 144 34.54 -16.71 33.92
CA LEU B 144 35.69 -17.35 34.55
C LEU B 144 36.75 -17.83 33.59
N PHE B 145 36.35 -18.31 32.42
CA PHE B 145 37.26 -19.09 31.56
C PHE B 145 38.14 -20.07 32.35
N ASP B 146 37.53 -20.86 33.23
CA ASP B 146 38.26 -21.81 34.04
C ASP B 146 39.20 -22.67 33.21
N GLU B 147 40.36 -23.00 33.77
CA GLU B 147 41.40 -23.71 33.01
C GLU B 147 41.05 -25.17 32.74
N SER B 148 40.38 -25.81 33.69
CA SER B 148 40.09 -27.21 33.54
C SER B 148 38.76 -27.40 32.78
N ALA B 149 37.86 -26.42 32.93
CA ALA B 149 36.65 -26.30 32.09
C ALA B 149 37.02 -26.10 30.64
N LYS B 150 38.08 -25.33 30.39
CA LYS B 150 38.64 -25.14 29.04
C LYS B 150 39.05 -26.49 28.38
N ASP B 151 39.95 -27.21 29.05
CA ASP B 151 40.45 -28.50 28.58
C ASP B 151 39.37 -29.52 28.30
N ARG B 152 38.26 -29.42 29.03
CA ARG B 152 37.12 -30.32 28.84
C ARG B 152 36.24 -29.86 27.70
N GLU B 153 35.75 -28.62 27.79
CA GLU B 153 34.84 -28.09 26.78
C GLU B 153 35.42 -28.00 25.35
N VAL B 154 36.75 -28.08 25.18
CA VAL B 154 37.31 -28.16 23.83
C VAL B 154 36.80 -29.42 23.11
N ASN B 155 36.50 -30.47 23.88
CA ASN B 155 36.04 -31.74 23.32
C ASN B 155 34.65 -31.67 22.70
N ALA B 156 33.76 -30.91 23.32
CA ALA B 156 32.43 -30.66 22.79
C ALA B 156 32.51 -29.97 21.43
N VAL B 157 33.48 -29.06 21.29
CA VAL B 157 33.67 -28.32 20.04
C VAL B 157 34.20 -29.29 18.99
N ASP B 158 35.24 -30.05 19.34
CA ASP B 158 35.79 -31.07 18.45
C ASP B 158 34.71 -32.10 18.00
N SER B 159 33.89 -32.51 18.96
CA SER B 159 32.69 -33.27 18.69
C SER B 159 31.68 -32.57 17.73
N GLU B 160 31.36 -31.27 17.93
CA GLU B 160 30.49 -30.49 16.98
C GLU B 160 31.10 -30.69 15.58
N HIS B 161 32.42 -30.46 15.45
CA HIS B 161 33.04 -30.52 14.15
C HIS B 161 33.02 -31.93 13.57
N GLU B 162 33.30 -32.93 14.42
CA GLU B 162 33.28 -34.34 14.00
C GLU B 162 31.97 -34.67 13.32
N LYS B 163 30.88 -34.46 14.05
CA LYS B 163 29.53 -34.56 13.55
C LYS B 163 29.38 -33.98 12.12
N ASN B 164 30.07 -32.90 11.80
CA ASN B 164 29.83 -32.21 10.52
C ASN B 164 30.80 -32.58 9.45
N VAL B 165 31.91 -33.22 9.81
CA VAL B 165 32.95 -33.57 8.83
C VAL B 165 32.34 -34.33 7.65
N MET B 166 31.43 -35.24 7.98
CA MET B 166 30.81 -36.10 6.97
C MET B 166 29.48 -35.55 6.39
N ASN B 167 29.09 -34.34 6.80
CA ASN B 167 27.90 -33.66 6.27
C ASN B 167 28.16 -32.92 4.93
N ASP B 168 27.30 -33.16 3.95
CA ASP B 168 27.52 -32.62 2.60
C ASP B 168 27.36 -31.13 2.49
N ALA B 169 26.42 -30.56 3.25
CA ALA B 169 26.20 -29.12 3.26
C ALA B 169 27.37 -28.38 3.91
N TRP B 170 27.90 -28.95 5.02
CA TRP B 170 29.08 -28.39 5.68
C TRP B 170 30.35 -28.42 4.83
N ARG B 171 30.62 -29.56 4.20
CA ARG B 171 31.76 -29.69 3.31
C ARG B 171 31.74 -28.62 2.21
N LEU B 172 30.57 -28.47 1.60
CA LEU B 172 30.30 -27.48 0.55
C LEU B 172 30.37 -26.04 1.06
N PHE B 173 29.92 -25.86 2.29
CA PHE B 173 29.89 -24.56 2.90
C PHE B 173 31.32 -24.06 3.02
N GLN B 174 32.18 -24.95 3.51
CA GLN B 174 33.58 -24.63 3.70
C GLN B 174 34.38 -24.69 2.42
N LEU B 175 33.98 -25.54 1.48
CA LEU B 175 34.66 -25.58 0.19
C LEU B 175 34.56 -24.24 -0.55
N GLU B 176 33.42 -23.56 -0.43
CA GLU B 176 33.32 -22.21 -1.02
C GLU B 176 34.43 -21.32 -0.45
N LYS B 177 34.49 -21.25 0.88
CA LYS B 177 35.47 -20.44 1.57
C LYS B 177 36.88 -20.72 1.09
N ALA B 178 37.18 -21.98 0.80
CA ALA B 178 38.53 -22.31 0.40
C ALA B 178 38.78 -22.14 -1.11
N THR B 179 37.79 -21.71 -1.88
CA THR B 179 38.03 -21.50 -3.31
C THR B 179 37.99 -20.03 -3.72
N GLY B 180 37.76 -19.16 -2.75
CA GLY B 180 37.92 -17.72 -2.92
C GLY B 180 39.23 -17.29 -2.33
N ASN B 181 39.52 -15.99 -2.38
CA ASN B 181 40.77 -15.43 -1.86
C ASN B 181 41.21 -16.00 -0.50
N PRO B 182 42.42 -16.61 -0.45
CA PRO B 182 42.95 -17.17 0.80
C PRO B 182 43.34 -16.12 1.82
N LYS B 183 43.55 -14.88 1.37
CA LYS B 183 43.94 -13.81 2.28
C LYS B 183 42.71 -13.20 2.99
N HIS B 184 41.55 -13.32 2.35
CA HIS B 184 40.28 -12.82 2.87
C HIS B 184 39.79 -13.60 4.09
N PRO B 185 39.42 -12.91 5.17
CA PRO B 185 38.93 -13.57 6.40
C PRO B 185 37.71 -14.48 6.19
N PHE B 186 37.23 -14.55 4.95
CA PHE B 186 36.10 -15.39 4.55
C PHE B 186 36.54 -16.85 4.44
N SER B 187 37.83 -17.04 4.19
CA SER B 187 38.37 -18.39 4.03
C SER B 187 38.45 -19.10 5.36
N LYS B 188 38.29 -18.35 6.46
CA LYS B 188 38.50 -18.89 7.81
C LYS B 188 37.60 -20.07 8.18
N PHE B 189 38.17 -20.99 8.96
CA PHE B 189 37.42 -22.12 9.46
C PHE B 189 36.81 -21.66 10.78
N GLY B 190 35.49 -21.53 10.79
CA GLY B 190 34.77 -20.96 11.92
C GLY B 190 34.56 -21.87 13.11
N THR B 191 34.29 -23.15 12.86
CA THR B 191 33.88 -24.06 13.93
C THR B 191 34.98 -24.23 14.96
N GLY B 192 36.21 -24.36 14.47
CA GLY B 192 37.32 -24.87 15.26
C GLY B 192 37.15 -26.33 15.61
N ASN B 193 38.22 -26.94 16.13
CA ASN B 193 38.27 -28.32 16.63
C ASN B 193 39.49 -28.55 17.53
N LYS B 194 39.59 -29.75 18.12
CA LYS B 194 40.70 -30.12 19.04
C LYS B 194 42.11 -29.67 18.59
N TYR B 195 42.38 -29.80 17.29
CA TYR B 195 43.65 -29.36 16.73
C TYR B 195 43.84 -27.83 16.85
N THR B 196 42.92 -27.05 16.25
CA THR B 196 43.09 -25.59 16.15
C THR B 196 42.97 -24.88 17.49
N LEU B 197 42.20 -25.49 18.40
CA LEU B 197 41.86 -24.90 19.68
C LEU B 197 42.73 -25.39 20.85
N GLU B 198 43.62 -26.36 20.61
CA GLU B 198 44.44 -26.92 21.72
C GLU B 198 45.81 -27.27 21.11
N THR B 199 45.82 -28.25 20.21
CA THR B 199 47.06 -28.78 19.68
C THR B 199 48.01 -27.84 18.96
N ARG B 200 47.62 -27.27 17.82
CA ARG B 200 48.51 -26.28 17.12
C ARG B 200 48.84 -25.12 18.09
N PRO B 201 47.92 -24.77 19.04
CA PRO B 201 48.32 -23.77 20.05
C PRO B 201 49.43 -24.18 21.07
N ASN B 202 49.37 -25.36 21.65
CA ASN B 202 50.42 -25.77 22.59
C ASN B 202 51.76 -25.95 21.93
N GLN B 203 51.72 -26.34 20.67
CA GLN B 203 52.93 -26.51 19.90
C GLN B 203 53.56 -25.13 19.67
N GLU B 204 52.74 -24.17 19.26
CA GLU B 204 53.18 -22.80 19.02
C GLU B 204 53.22 -21.99 20.31
N GLY B 205 53.07 -22.66 21.45
CA GLY B 205 53.17 -22.05 22.77
C GLY B 205 52.23 -20.90 22.99
N ILE B 206 51.08 -20.91 22.31
CA ILE B 206 50.00 -19.96 22.54
C ILE B 206 49.29 -20.37 23.82
N ASP B 207 48.93 -19.41 24.65
CA ASP B 207 48.13 -19.75 25.81
C ASP B 207 46.67 -19.42 25.53
N VAL B 208 45.84 -20.45 25.56
CA VAL B 208 44.50 -20.32 25.03
C VAL B 208 43.51 -19.56 25.95
N ARG B 209 43.53 -19.85 27.25
CA ARG B 209 42.71 -19.10 28.23
C ARG B 209 42.91 -17.57 28.09
N GLN B 210 44.16 -17.18 27.93
CA GLN B 210 44.51 -15.79 27.78
C GLN B 210 43.96 -15.20 26.47
N GLU B 211 44.09 -15.95 25.40
CA GLU B 211 43.52 -15.54 24.14
C GLU B 211 42.00 -15.38 24.22
N LEU B 212 41.35 -16.23 25.03
CA LEU B 212 39.92 -16.10 25.27
C LEU B 212 39.66 -14.76 25.96
N LEU B 213 40.44 -14.46 26.99
CA LEU B 213 40.33 -13.18 27.65
C LEU B 213 40.71 -12.02 26.73
N LYS B 214 41.83 -12.14 26.00
CA LYS B 214 42.27 -11.10 25.06
C LYS B 214 41.09 -10.74 24.18
N PHE B 215 40.50 -11.76 23.58
CA PHE B 215 39.42 -11.63 22.62
C PHE B 215 38.16 -11.12 23.29
N HIS B 216 37.82 -11.68 24.44
CA HIS B 216 36.62 -11.24 25.15
C HIS B 216 36.67 -9.76 25.48
N SER B 217 37.80 -9.32 26.04
CA SER B 217 38.01 -7.93 26.37
C SER B 217 38.06 -7.06 25.13
N ALA B 218 38.75 -7.52 24.09
CA ALA B 218 39.00 -6.73 22.90
C ALA B 218 37.71 -6.47 22.11
N TYR B 219 36.71 -7.33 22.27
CA TYR B 219 35.60 -7.38 21.32
C TYR B 219 34.22 -7.37 21.91
N TYR B 220 34.08 -7.87 23.14
CA TYR B 220 32.78 -7.83 23.77
C TYR B 220 32.59 -6.47 24.42
N SER B 221 32.57 -5.42 23.60
CA SER B 221 32.29 -4.07 24.05
C SER B 221 30.81 -3.66 23.92
N SER B 222 30.32 -2.96 24.92
CA SER B 222 28.93 -2.56 24.94
C SER B 222 28.47 -1.85 23.66
N ASN B 223 29.40 -1.25 22.91
CA ASN B 223 29.02 -0.49 21.71
C ASN B 223 28.63 -1.41 20.54
N LEU B 224 28.95 -2.70 20.68
CA LEU B 224 28.65 -3.69 19.65
C LEU B 224 27.58 -4.64 20.13
N MET B 225 26.86 -4.25 21.18
CA MET B 225 25.84 -5.11 21.74
C MET B 225 24.44 -4.60 21.55
N ALA B 226 23.50 -5.54 21.46
CA ALA B 226 22.08 -5.24 21.46
C ALA B 226 21.39 -6.21 22.39
N VAL B 227 20.39 -5.73 23.11
CA VAL B 227 19.74 -6.55 24.11
C VAL B 227 18.25 -6.45 23.95
N VAL B 228 17.58 -7.60 24.09
CA VAL B 228 16.12 -7.68 24.07
C VAL B 228 15.64 -8.50 25.25
N VAL B 229 14.65 -7.96 25.96
CA VAL B 229 14.07 -8.59 27.16
C VAL B 229 12.54 -8.52 27.12
N LEU B 230 11.91 -9.64 27.49
CA LEU B 230 10.48 -9.82 27.41
C LEU B 230 9.97 -10.43 28.70
N GLY B 231 9.06 -9.73 29.38
CA GLY B 231 8.50 -10.23 30.62
C GLY B 231 7.10 -9.70 30.84
N ARG B 232 6.51 -10.04 31.99
CA ARG B 232 5.24 -9.44 32.43
C ARG B 232 5.41 -7.99 32.91
N GLU B 233 6.48 -7.73 33.66
CA GLU B 233 6.86 -6.39 34.13
C GLU B 233 6.52 -5.24 33.17
N SER B 234 5.94 -4.18 33.74
CA SER B 234 5.63 -2.94 33.00
C SER B 234 6.88 -2.45 32.28
N LEU B 235 6.71 -1.60 31.27
CA LEU B 235 7.85 -1.06 30.52
C LEU B 235 8.85 -0.31 31.41
N ASP B 236 8.34 0.42 32.41
CA ASP B 236 9.22 1.11 33.37
C ASP B 236 10.02 0.14 34.24
N ASP B 237 9.38 -0.88 34.79
CA ASP B 237 10.09 -1.92 35.52
C ASP B 237 11.20 -2.54 34.68
N LEU B 238 10.83 -2.95 33.46
CA LEU B 238 11.78 -3.60 32.56
C LEU B 238 12.94 -2.66 32.28
N THR B 239 12.67 -1.36 32.20
CA THR B 239 13.75 -0.40 32.00
C THR B 239 14.74 -0.42 33.18
N ASN B 240 14.21 -0.43 34.40
CA ASN B 240 15.04 -0.49 35.61
C ASN B 240 15.91 -1.70 35.59
N LEU B 241 15.27 -2.86 35.44
CA LEU B 241 15.92 -4.16 35.37
C LEU B 241 17.11 -4.23 34.39
N VAL B 242 16.98 -3.64 33.21
CA VAL B 242 18.10 -3.60 32.26
C VAL B 242 19.24 -2.74 32.77
N VAL B 243 18.95 -1.45 32.99
CA VAL B 243 19.88 -0.46 33.55
C VAL B 243 20.62 -0.99 34.81
N LYS B 244 19.86 -1.57 35.75
CA LYS B 244 20.41 -2.22 36.94
C LYS B 244 21.51 -3.24 36.61
N LEU B 245 21.31 -3.96 35.50
CA LEU B 245 22.16 -5.12 35.14
C LEU B 245 23.12 -4.93 33.93
N PHE B 246 22.96 -3.85 33.16
CA PHE B 246 23.69 -3.74 31.87
C PHE B 246 24.48 -2.48 31.64
N SER B 247 24.19 -1.44 32.44
CA SER B 247 24.90 -0.15 32.41
C SER B 247 26.35 -0.36 32.77
N GLU B 248 26.57 -1.39 33.59
CA GLU B 248 27.89 -1.84 34.01
C GLU B 248 28.79 -2.49 32.92
N VAL B 249 28.42 -2.49 31.63
CA VAL B 249 29.24 -3.17 30.61
C VAL B 249 30.25 -2.23 29.94
N GLU B 250 31.54 -2.53 30.09
CA GLU B 250 32.63 -1.64 29.60
C GLU B 250 32.47 -1.29 28.13
N ASN B 251 32.58 -0.01 27.79
CA ASN B 251 32.50 0.41 26.40
C ASN B 251 33.88 0.66 25.80
N LYS B 252 34.46 -0.36 25.19
CA LYS B 252 35.83 -0.24 24.67
C LYS B 252 35.85 0.45 23.31
N ASN B 253 34.68 0.91 22.89
CA ASN B 253 34.50 1.66 21.65
C ASN B 253 35.11 1.04 20.44
N VAL B 254 34.79 -0.22 20.21
CA VAL B 254 35.40 -1.00 19.15
C VAL B 254 34.80 -0.57 17.82
N PRO B 255 35.65 -0.34 16.81
CA PRO B 255 35.11 -0.17 15.46
C PRO B 255 34.57 -1.51 14.94
N LEU B 256 33.45 -1.47 14.22
CA LEU B 256 32.77 -2.67 13.72
C LEU B 256 33.35 -3.10 12.36
N PRO B 257 33.78 -4.38 12.23
CA PRO B 257 34.52 -4.82 11.02
C PRO B 257 33.76 -4.63 9.71
N GLU B 258 34.49 -4.22 8.68
CA GLU B 258 33.97 -4.07 7.32
C GLU B 258 34.80 -5.02 6.46
N PHE B 259 34.22 -5.53 5.38
CA PHE B 259 34.90 -6.43 4.45
C PHE B 259 34.53 -5.94 3.09
N PRO B 260 35.08 -4.75 2.71
CA PRO B 260 34.58 -4.06 1.52
C PRO B 260 35.08 -4.74 0.26
N GLU B 261 36.05 -5.63 0.37
CA GLU B 261 36.51 -6.37 -0.80
C GLU B 261 35.85 -7.72 -0.88
N HIS B 262 35.38 -8.07 -2.07
CA HIS B 262 34.76 -9.35 -2.25
C HIS B 262 35.74 -10.50 -2.14
N PRO B 263 35.35 -11.58 -1.43
CA PRO B 263 36.20 -12.78 -1.37
C PRO B 263 36.52 -13.32 -2.74
N PHE B 264 35.59 -13.16 -3.67
CA PHE B 264 35.81 -13.62 -5.03
C PHE B 264 36.29 -12.45 -5.89
N GLN B 265 37.54 -12.53 -6.32
CA GLN B 265 38.12 -11.53 -7.19
C GLN B 265 38.21 -12.07 -8.60
N GLU B 266 38.88 -11.31 -9.48
CA GLU B 266 39.00 -11.64 -10.90
C GLU B 266 39.32 -13.10 -11.23
N GLU B 267 40.41 -13.59 -10.64
CA GLU B 267 40.88 -14.96 -10.83
C GLU B 267 39.93 -16.03 -10.28
N HIS B 268 39.06 -15.65 -9.35
CA HIS B 268 38.09 -16.59 -8.78
C HIS B 268 36.77 -16.71 -9.55
N LEU B 269 36.69 -16.08 -10.72
CA LEU B 269 35.47 -16.14 -11.51
C LEU B 269 35.70 -16.92 -12.79
N LYS B 270 34.61 -17.36 -13.42
CA LYS B 270 34.66 -18.23 -14.62
C LYS B 270 35.27 -19.60 -14.28
N GLN B 271 35.06 -20.02 -13.03
CA GLN B 271 35.63 -21.23 -12.51
C GLN B 271 34.57 -22.31 -12.44
N LEU B 272 35.00 -23.55 -12.59
CA LEU B 272 34.10 -24.69 -12.48
C LEU B 272 34.66 -25.64 -11.42
N TYR B 273 33.79 -26.11 -10.53
CA TYR B 273 34.20 -27.07 -9.51
C TYR B 273 33.40 -28.35 -9.60
N LYS B 274 34.11 -29.46 -9.69
CA LYS B 274 33.50 -30.79 -9.70
C LYS B 274 33.91 -31.50 -8.40
N ILE B 275 32.90 -31.91 -7.63
CA ILE B 275 33.06 -32.24 -6.21
C ILE B 275 32.40 -33.57 -5.90
N VAL B 276 33.10 -34.46 -5.22
CA VAL B 276 32.52 -35.74 -4.82
C VAL B 276 31.75 -35.56 -3.50
N PRO B 277 30.41 -35.81 -3.48
CA PRO B 277 29.62 -35.74 -2.23
C PRO B 277 29.77 -36.99 -1.40
N ILE B 278 29.33 -36.94 -0.13
CA ILE B 278 29.24 -38.17 0.69
C ILE B 278 28.00 -38.98 0.32
N LYS B 279 26.82 -38.40 0.49
CA LYS B 279 25.59 -38.96 -0.06
C LYS B 279 25.65 -39.14 -1.58
N ASP B 280 24.72 -39.92 -2.12
CA ASP B 280 24.51 -40.02 -3.56
C ASP B 280 23.54 -38.87 -3.94
N ILE B 281 24.11 -37.69 -4.17
CA ILE B 281 23.35 -36.50 -4.53
C ILE B 281 23.94 -35.91 -5.80
N ARG B 282 23.08 -35.21 -6.54
CA ARG B 282 23.43 -34.65 -7.83
C ARG B 282 23.03 -33.16 -7.85
N ASN B 283 23.99 -32.25 -7.74
CA ASN B 283 23.66 -30.83 -7.59
C ASN B 283 24.48 -29.90 -8.46
N LEU B 284 23.83 -28.82 -8.86
CA LEU B 284 24.50 -27.73 -9.55
C LEU B 284 24.38 -26.42 -8.74
N TYR B 285 25.52 -25.87 -8.38
CA TYR B 285 25.56 -24.64 -7.62
C TYR B 285 26.10 -23.55 -8.50
N VAL B 286 25.22 -22.63 -8.88
CA VAL B 286 25.61 -21.46 -9.67
C VAL B 286 25.59 -20.23 -8.78
N THR B 287 26.68 -19.49 -8.80
CA THR B 287 26.85 -18.44 -7.81
C THR B 287 27.54 -17.19 -8.42
N PHE B 288 26.98 -16.01 -8.14
CA PHE B 288 27.52 -14.72 -8.60
C PHE B 288 27.86 -13.87 -7.40
N PRO B 289 29.03 -13.19 -7.45
CA PRO B 289 29.40 -12.18 -6.43
C PRO B 289 28.61 -10.88 -6.62
N ILE B 290 28.24 -10.25 -5.52
CA ILE B 290 27.57 -8.94 -5.58
C ILE B 290 28.04 -8.02 -4.45
N PRO B 291 27.90 -6.69 -4.63
CA PRO B 291 28.07 -5.76 -3.52
C PRO B 291 27.03 -5.99 -2.43
N ASP B 292 27.40 -5.68 -1.20
CA ASP B 292 26.47 -5.77 -0.11
C ASP B 292 25.17 -4.99 -0.40
N LEU B 293 24.08 -5.70 -0.67
CA LEU B 293 22.78 -5.06 -0.89
C LEU B 293 22.03 -4.60 0.36
N GLN B 294 22.60 -4.84 1.54
CA GLN B 294 21.94 -4.54 2.80
C GLN B 294 21.39 -3.15 2.85
N LYS B 295 22.22 -2.18 2.49
CA LYS B 295 21.86 -0.79 2.70
C LYS B 295 20.59 -0.43 1.93
N TYR B 296 20.34 -1.10 0.82
CA TYR B 296 19.12 -0.88 0.05
C TYR B 296 17.90 -1.61 0.57
N TYR B 297 17.95 -2.02 1.83
CA TYR B 297 16.90 -2.84 2.43
C TYR B 297 15.45 -2.36 2.20
N LYS B 298 15.25 -1.04 2.14
CA LYS B 298 13.87 -0.54 1.99
C LYS B 298 13.30 -0.72 0.59
N SER B 299 14.15 -0.76 -0.43
CA SER B 299 13.67 -1.11 -1.77
C SER B 299 13.87 -2.63 -2.04
N ASN B 300 14.90 -3.19 -1.42
CA ASN B 300 15.30 -4.60 -1.53
C ASN B 300 15.38 -5.22 -2.92
N PRO B 301 16.29 -4.72 -3.78
CA PRO B 301 16.33 -5.24 -5.15
C PRO B 301 16.64 -6.75 -5.22
N GLY B 302 17.40 -7.25 -4.23
CA GLY B 302 17.78 -8.67 -4.20
C GLY B 302 16.61 -9.61 -4.02
N HIS B 303 15.67 -9.22 -3.16
CA HIS B 303 14.49 -10.01 -2.96
C HIS B 303 13.64 -10.03 -4.21
N TYR B 304 13.44 -8.87 -4.81
CA TYR B 304 12.70 -8.78 -6.05
C TYR B 304 13.23 -9.82 -7.04
N LEU B 305 14.54 -9.84 -7.26
CA LEU B 305 15.07 -10.70 -8.33
C LEU B 305 15.02 -12.18 -7.96
N GLY B 306 15.30 -12.47 -6.68
CA GLY B 306 15.23 -13.83 -6.20
C GLY B 306 13.81 -14.33 -6.34
N HIS B 307 12.84 -13.44 -6.17
CA HIS B 307 11.44 -13.85 -6.30
C HIS B 307 11.09 -14.30 -7.74
N LEU B 308 11.58 -13.59 -8.77
CA LEU B 308 11.35 -14.02 -10.15
C LEU B 308 12.19 -15.26 -10.54
N ILE B 309 13.51 -15.17 -10.38
CA ILE B 309 14.41 -16.30 -10.64
C ILE B 309 13.97 -17.56 -9.86
N GLY B 310 13.49 -17.38 -8.64
CA GLY B 310 13.15 -18.51 -7.80
C GLY B 310 11.71 -18.93 -7.91
N HIS B 311 10.96 -18.26 -8.78
CA HIS B 311 9.56 -18.60 -9.00
C HIS B 311 9.38 -20.02 -9.55
N GLU B 312 8.29 -20.65 -9.13
CA GLU B 312 8.04 -22.05 -9.51
C GLU B 312 6.82 -22.29 -10.39
N GLY B 313 5.99 -21.26 -10.58
CA GLY B 313 4.75 -21.37 -11.33
C GLY B 313 4.93 -21.38 -12.84
N PRO B 314 3.81 -21.34 -13.56
CA PRO B 314 3.82 -21.37 -15.01
C PRO B 314 4.74 -20.32 -15.60
N GLY B 315 5.64 -20.74 -16.49
CA GLY B 315 6.47 -19.82 -17.24
C GLY B 315 7.80 -19.60 -16.58
N SER B 316 7.96 -20.11 -15.37
CA SER B 316 9.20 -19.93 -14.61
C SER B 316 10.35 -20.81 -15.11
N LEU B 317 11.58 -20.34 -14.91
CA LEU B 317 12.79 -21.12 -15.23
C LEU B 317 12.77 -22.54 -14.67
N LEU B 318 12.42 -22.71 -13.40
CA LEU B 318 12.28 -24.05 -12.85
C LEU B 318 11.36 -24.86 -13.72
N SER B 319 10.18 -24.33 -14.02
CA SER B 319 9.17 -25.03 -14.84
C SER B 319 9.71 -25.58 -16.16
N GLU B 320 10.53 -24.81 -16.87
CA GLU B 320 11.13 -25.30 -18.12
C GLU B 320 12.19 -26.39 -17.91
N LEU B 321 12.95 -26.27 -16.83
CA LEU B 321 14.04 -27.20 -16.58
C LEU B 321 13.48 -28.57 -16.14
N LYS B 322 12.31 -28.51 -15.53
CA LYS B 322 11.63 -29.68 -15.03
C LYS B 322 10.95 -30.37 -16.21
N SER B 323 10.55 -29.56 -17.20
CA SER B 323 9.90 -30.07 -18.40
C SER B 323 10.89 -30.78 -19.28
N LYS B 324 12.11 -30.25 -19.36
CA LYS B 324 13.14 -30.95 -20.08
C LYS B 324 13.68 -32.14 -19.26
N GLY B 325 13.06 -32.40 -18.09
CA GLY B 325 13.46 -33.47 -17.17
C GLY B 325 14.93 -33.36 -16.74
N TRP B 326 15.32 -32.15 -16.30
CA TRP B 326 16.72 -31.90 -15.95
C TRP B 326 16.95 -31.71 -14.47
N VAL B 327 16.01 -31.01 -13.83
CA VAL B 327 16.12 -30.64 -12.42
C VAL B 327 14.75 -30.80 -11.84
N ASN B 328 14.66 -30.97 -10.53
CA ASN B 328 13.36 -31.04 -9.85
C ASN B 328 13.04 -29.84 -9.00
N THR B 329 14.09 -29.29 -8.40
CA THR B 329 13.96 -28.22 -7.45
C THR B 329 15.03 -27.18 -7.76
N LEU B 330 14.72 -25.95 -7.37
CA LEU B 330 15.55 -24.80 -7.66
C LEU B 330 15.40 -23.78 -6.54
N VAL B 331 16.52 -23.30 -6.00
CA VAL B 331 16.46 -22.09 -5.19
C VAL B 331 17.34 -20.98 -5.74
N GLY B 332 16.84 -19.76 -5.61
CA GLY B 332 17.57 -18.60 -6.11
C GLY B 332 17.29 -17.35 -5.32
N GLY B 333 18.14 -16.35 -5.49
CA GLY B 333 18.04 -15.12 -4.72
C GLY B 333 19.34 -14.80 -4.03
N GLN B 334 19.29 -13.84 -3.10
CA GLN B 334 20.50 -13.31 -2.50
C GLN B 334 20.87 -14.15 -1.31
N LYS B 335 22.16 -14.31 -1.09
CA LYS B 335 22.72 -15.01 0.04
C LYS B 335 23.55 -13.98 0.79
N GLU B 336 23.45 -13.96 2.11
CA GLU B 336 24.29 -13.10 2.93
C GLU B 336 25.76 -13.46 2.79
N GLY B 337 26.61 -12.48 3.08
CA GLY B 337 28.06 -12.66 3.14
C GLY B 337 28.52 -12.04 4.44
N ALA B 338 28.99 -10.81 4.37
CA ALA B 338 29.24 -10.02 5.57
C ALA B 338 28.96 -8.56 5.20
N ARG B 339 29.23 -7.64 6.13
CA ARG B 339 29.23 -6.24 5.74
C ARG B 339 30.25 -6.04 4.65
N GLY B 340 29.79 -5.59 3.49
CA GLY B 340 30.72 -5.33 2.38
C GLY B 340 30.54 -6.25 1.20
N PHE B 341 30.09 -7.49 1.45
CA PHE B 341 29.83 -8.43 0.36
C PHE B 341 28.62 -9.37 0.52
N MET B 342 28.09 -9.80 -0.63
CA MET B 342 27.00 -10.76 -0.74
C MET B 342 27.12 -11.61 -1.98
N PHE B 343 26.17 -12.53 -2.11
CA PHE B 343 26.16 -13.50 -3.18
C PHE B 343 24.79 -13.56 -3.75
N PHE B 344 24.74 -13.97 -5.00
CA PHE B 344 23.47 -14.27 -5.61
C PHE B 344 23.61 -15.64 -6.18
N ILE B 345 22.64 -16.48 -5.86
CA ILE B 345 22.74 -17.88 -6.17
C ILE B 345 21.52 -18.40 -6.94
N ILE B 346 21.78 -19.29 -7.88
CA ILE B 346 20.76 -20.17 -8.43
C ILE B 346 21.29 -21.60 -8.29
N ASN B 347 20.56 -22.42 -7.53
CA ASN B 347 20.99 -23.79 -7.27
C ASN B 347 19.90 -24.79 -7.61
N VAL B 348 20.26 -25.83 -8.37
CA VAL B 348 19.31 -26.88 -8.72
C VAL B 348 19.89 -28.24 -8.35
N ASP B 349 19.01 -29.24 -8.18
CA ASP B 349 19.44 -30.63 -8.23
C ASP B 349 19.45 -31.18 -9.69
N LEU B 350 19.84 -32.42 -9.88
CA LEU B 350 20.07 -32.91 -11.23
C LEU B 350 19.58 -34.33 -11.38
N THR B 351 18.70 -34.55 -12.35
CA THR B 351 18.34 -35.89 -12.80
C THR B 351 19.51 -36.46 -13.57
N GLU B 352 19.61 -37.79 -13.70
CA GLU B 352 20.74 -38.38 -14.46
C GLU B 352 20.90 -37.69 -15.80
N GLU B 353 19.76 -37.38 -16.42
CA GLU B 353 19.74 -36.64 -17.65
C GLU B 353 20.34 -35.22 -17.46
N GLY B 354 19.82 -34.48 -16.47
CA GLY B 354 20.33 -33.14 -16.15
C GLY B 354 21.84 -33.07 -15.94
N LEU B 355 22.39 -34.08 -15.28
CA LEU B 355 23.81 -34.11 -15.02
C LEU B 355 24.57 -34.12 -16.34
N LEU B 356 24.03 -34.84 -17.31
CA LEU B 356 24.58 -34.87 -18.66
C LEU B 356 24.36 -33.54 -19.41
N HIS B 357 23.56 -32.65 -18.84
CA HIS B 357 23.15 -31.49 -19.58
C HIS B 357 23.39 -30.18 -18.88
N VAL B 358 24.48 -30.09 -18.14
CA VAL B 358 24.73 -28.92 -17.31
C VAL B 358 24.98 -27.62 -18.07
N GLU B 359 25.89 -27.62 -19.04
CA GLU B 359 26.08 -26.43 -19.85
C GLU B 359 24.70 -25.88 -20.29
N ASP B 360 23.81 -26.74 -20.75
CA ASP B 360 22.48 -26.35 -21.20
C ASP B 360 21.64 -25.69 -20.13
N ILE B 361 21.55 -26.36 -18.97
CA ILE B 361 20.78 -25.85 -17.85
C ILE B 361 21.21 -24.42 -17.60
N ILE B 362 22.52 -24.21 -17.50
CA ILE B 362 23.06 -22.89 -17.25
C ILE B 362 22.63 -21.87 -18.33
N LEU B 363 22.77 -22.23 -19.61
CA LEU B 363 22.30 -21.37 -20.71
C LEU B 363 20.85 -20.96 -20.46
N HIS B 364 20.02 -21.92 -20.08
CA HIS B 364 18.62 -21.67 -19.75
C HIS B 364 18.46 -20.70 -18.60
N MET B 365 19.40 -20.70 -17.66
CA MET B 365 19.37 -19.70 -16.60
C MET B 365 19.55 -18.32 -17.19
N PHE B 366 20.67 -18.11 -17.86
CA PHE B 366 20.94 -16.86 -18.56
C PHE B 366 19.84 -16.47 -19.55
N GLN B 367 19.22 -17.43 -20.21
CA GLN B 367 18.06 -17.08 -21.01
C GLN B 367 17.01 -16.39 -20.16
N TYR B 368 16.67 -16.97 -19.02
CA TYR B 368 15.68 -16.35 -18.15
C TYR B 368 16.15 -14.96 -17.75
N ILE B 369 17.42 -14.84 -17.41
CA ILE B 369 17.94 -13.56 -16.94
C ILE B 369 17.78 -12.56 -18.07
N GLN B 370 18.10 -13.00 -19.29
CA GLN B 370 17.87 -12.20 -20.47
C GLN B 370 16.44 -11.68 -20.60
N LYS B 371 15.45 -12.53 -20.43
CA LYS B 371 14.08 -12.08 -20.47
C LYS B 371 13.87 -10.90 -19.49
N LEU B 372 14.41 -11.03 -18.29
CA LEU B 372 14.19 -10.01 -17.28
C LEU B 372 14.87 -8.71 -17.68
N ARG B 373 16.13 -8.81 -18.11
CA ARG B 373 16.88 -7.63 -18.57
C ARG B 373 16.06 -6.97 -19.66
N ALA B 374 15.61 -7.81 -20.59
CA ALA B 374 14.93 -7.38 -21.80
C ALA B 374 13.50 -6.82 -21.63
N GLU B 375 13.00 -6.72 -20.40
CA GLU B 375 11.80 -5.93 -20.19
C GLU B 375 11.74 -5.25 -18.85
N GLY B 376 12.88 -5.25 -18.16
CA GLY B 376 13.09 -4.39 -17.02
C GLY B 376 11.99 -4.34 -15.99
N PRO B 377 12.36 -3.95 -14.78
CA PRO B 377 11.59 -3.90 -13.57
C PRO B 377 10.10 -3.61 -13.51
N GLN B 378 9.30 -4.53 -12.98
CA GLN B 378 7.87 -4.68 -13.20
C GLN B 378 7.35 -4.18 -11.87
N GLU B 379 6.84 -2.95 -11.84
CA GLU B 379 6.30 -2.39 -10.59
C GLU B 379 5.14 -3.22 -10.03
N TRP B 380 4.28 -3.72 -10.92
CA TRP B 380 3.13 -4.50 -10.44
C TRP B 380 3.60 -5.64 -9.55
N VAL B 381 4.71 -6.26 -9.97
CA VAL B 381 5.34 -7.34 -9.21
C VAL B 381 5.77 -6.87 -7.84
N PHE B 382 6.68 -5.90 -7.79
CA PHE B 382 7.10 -5.28 -6.53
C PHE B 382 5.90 -4.90 -5.63
N GLN B 383 4.90 -4.26 -6.25
CA GLN B 383 3.68 -3.86 -5.56
C GLN B 383 2.94 -5.07 -4.96
N GLU B 384 2.78 -6.14 -5.76
CA GLU B 384 2.22 -7.39 -5.24
C GLU B 384 3.01 -7.84 -4.00
N LEU B 385 4.34 -7.85 -4.09
CA LEU B 385 5.21 -8.25 -2.99
C LEU B 385 5.05 -7.36 -1.76
N LYS B 386 5.12 -6.05 -1.96
CA LYS B 386 4.82 -5.10 -0.87
C LYS B 386 3.49 -5.43 -0.14
N ASP B 387 2.40 -5.51 -0.91
CA ASP B 387 1.05 -5.74 -0.40
C ASP B 387 0.90 -7.01 0.40
N LEU B 388 1.59 -8.04 -0.08
CA LEU B 388 1.56 -9.35 0.53
C LEU B 388 2.30 -9.33 1.88
N ASN B 389 3.52 -8.77 1.87
CA ASN B 389 4.27 -8.50 3.08
C ASN B 389 3.45 -7.69 4.07
N ALA B 390 2.74 -6.68 3.58
CA ALA B 390 1.90 -5.83 4.41
C ALA B 390 0.96 -6.69 5.23
N VAL B 391 0.28 -7.62 4.55
CA VAL B 391 -0.67 -8.56 5.16
C VAL B 391 0.00 -9.58 6.06
N ALA B 392 1.05 -10.22 5.54
CA ALA B 392 1.78 -11.22 6.30
C ALA B 392 2.08 -10.59 7.66
N PHE B 393 2.57 -9.34 7.63
CA PHE B 393 2.92 -8.56 8.81
C PHE B 393 1.76 -8.18 9.72
N ARG B 394 0.67 -7.74 9.12
CA ARG B 394 -0.54 -7.40 9.86
C ARG B 394 -0.95 -8.59 10.73
N PHE B 395 -0.97 -9.79 10.15
CA PHE B 395 -1.56 -10.97 10.79
C PHE B 395 -0.57 -12.00 11.28
N LYS B 396 0.67 -11.56 11.50
CA LYS B 396 1.78 -12.41 11.96
C LYS B 396 1.37 -13.17 13.20
N ASP B 397 1.70 -14.46 13.28
CA ASP B 397 1.43 -15.24 14.50
C ASP B 397 2.27 -14.70 15.64
N LYS B 398 1.74 -14.74 16.86
CA LYS B 398 2.54 -14.31 17.98
C LYS B 398 3.65 -15.32 18.17
N GLU B 399 4.89 -14.82 18.16
CA GLU B 399 6.08 -15.66 18.26
C GLU B 399 6.25 -16.22 19.67
N ARG B 400 7.01 -17.30 19.77
CA ARG B 400 7.47 -17.78 21.07
C ARG B 400 8.57 -16.84 21.55
N PRO B 401 8.62 -16.56 22.88
CA PRO B 401 9.56 -15.58 23.44
C PRO B 401 11.05 -15.84 23.09
N ARG B 402 11.55 -17.03 23.44
CA ARG B 402 12.96 -17.37 23.20
C ARG B 402 13.44 -17.03 21.78
N GLY B 403 12.71 -17.51 20.77
CA GLY B 403 12.97 -17.15 19.39
C GLY B 403 12.88 -15.66 19.07
N TYR B 404 11.88 -14.99 19.65
CA TYR B 404 11.60 -13.59 19.31
C TYR B 404 12.71 -12.68 19.83
N THR B 405 13.09 -12.87 21.09
CA THR B 405 14.17 -12.07 21.67
C THR B 405 15.48 -12.22 20.92
N SER B 406 15.85 -13.47 20.63
CA SER B 406 17.06 -13.75 19.86
C SER B 406 17.06 -13.09 18.47
N LYS B 407 16.01 -13.36 17.69
CA LYS B 407 15.77 -12.74 16.37
C LYS B 407 15.91 -11.21 16.42
N ILE B 408 15.20 -10.58 17.36
CA ILE B 408 15.19 -9.14 17.49
C ILE B 408 16.58 -8.61 17.80
N ALA B 409 17.19 -9.16 18.86
CA ALA B 409 18.51 -8.74 19.28
C ALA B 409 19.49 -8.74 18.11
N GLY B 410 19.23 -9.62 17.15
CA GLY B 410 20.06 -9.70 15.94
C GLY B 410 19.87 -8.56 14.95
N ILE B 411 18.64 -8.08 14.81
CA ILE B 411 18.39 -7.05 13.80
C ILE B 411 18.44 -5.63 14.36
N LEU B 412 18.54 -5.52 15.68
CA LEU B 412 18.79 -4.27 16.35
C LEU B 412 20.05 -3.54 15.82
N HIS B 413 21.00 -4.28 15.24
CA HIS B 413 22.23 -3.70 14.69
C HIS B 413 22.04 -3.15 13.29
N TYR B 414 20.82 -3.19 12.76
CA TYR B 414 20.63 -3.03 11.33
C TYR B 414 19.61 -1.98 10.96
N TYR B 415 18.72 -1.68 11.91
CA TYR B 415 17.56 -0.79 11.71
C TYR B 415 17.36 0.07 12.95
N PRO B 416 17.05 1.37 12.78
CA PRO B 416 16.64 2.27 13.89
C PRO B 416 15.57 1.63 14.82
N LEU B 417 15.59 1.99 16.11
CA LEU B 417 14.78 1.30 17.13
C LEU B 417 13.28 1.25 16.82
N GLU B 418 12.80 2.31 16.19
CA GLU B 418 11.39 2.46 15.83
C GLU B 418 10.94 1.42 14.79
N GLU B 419 11.88 0.95 13.98
CA GLU B 419 11.53 0.09 12.86
C GLU B 419 12.11 -1.31 12.91
N VAL B 420 12.45 -1.82 14.09
CA VAL B 420 12.98 -3.19 14.17
C VAL B 420 11.87 -4.18 13.85
N LEU B 421 10.75 -4.00 14.54
CA LEU B 421 9.60 -4.86 14.34
C LEU B 421 9.15 -4.92 12.88
N THR B 422 9.39 -3.85 12.12
CA THR B 422 8.86 -3.77 10.75
C THR B 422 9.87 -4.04 9.65
N ALA B 423 11.13 -3.75 9.91
CA ALA B 423 12.14 -3.74 8.85
C ALA B 423 12.09 -4.98 7.97
N GLU B 424 12.14 -6.16 8.57
CA GLU B 424 12.29 -7.33 7.74
C GLU B 424 11.02 -7.78 7.04
N TYR B 425 9.91 -7.13 7.38
CA TYR B 425 8.64 -7.38 6.72
C TYR B 425 8.34 -6.36 5.64
N LEU B 426 8.25 -5.09 6.01
CA LEU B 426 7.75 -4.08 5.07
C LEU B 426 8.81 -3.58 4.02
N LEU B 427 8.39 -3.60 2.76
CA LEU B 427 9.12 -3.01 1.63
C LEU B 427 8.49 -1.67 1.35
N GLU B 428 9.24 -0.80 0.69
CA GLU B 428 8.84 0.59 0.69
C GLU B 428 8.76 1.23 -0.70
N GLU B 429 9.84 1.76 -1.24
CA GLU B 429 9.76 2.29 -2.60
C GLU B 429 10.49 1.47 -3.67
N PHE B 430 9.87 1.39 -4.84
CA PHE B 430 10.30 0.53 -5.93
C PHE B 430 11.48 1.13 -6.69
N ARG B 431 12.63 0.47 -6.69
CA ARG B 431 13.76 1.16 -7.26
C ARG B 431 14.35 0.47 -8.48
N PRO B 432 13.74 0.71 -9.66
CA PRO B 432 14.06 0.09 -10.94
C PRO B 432 15.55 0.10 -11.27
N ASP B 433 16.25 1.07 -10.71
CA ASP B 433 17.63 1.34 -11.07
C ASP B 433 18.54 0.38 -10.32
N LEU B 434 18.20 0.10 -9.07
CA LEU B 434 18.86 -0.91 -8.24
C LEU B 434 18.55 -2.29 -8.80
N ILE B 435 17.28 -2.52 -9.12
CA ILE B 435 16.91 -3.80 -9.67
C ILE B 435 17.87 -4.00 -10.82
N GLU B 436 17.99 -3.00 -11.70
CA GLU B 436 18.81 -3.17 -12.89
C GLU B 436 20.30 -3.17 -12.59
N MET B 437 20.70 -2.49 -11.51
CA MET B 437 22.09 -2.46 -11.10
C MET B 437 22.60 -3.89 -10.80
N VAL B 438 21.91 -4.58 -9.90
CA VAL B 438 22.17 -5.96 -9.48
C VAL B 438 22.05 -6.95 -10.63
N LEU B 439 20.95 -6.87 -11.36
CA LEU B 439 20.66 -7.71 -12.52
C LEU B 439 21.82 -7.70 -13.50
N ASP B 440 22.38 -6.51 -13.65
CA ASP B 440 23.53 -6.28 -14.49
C ASP B 440 24.80 -6.98 -13.97
N LYS B 441 24.80 -7.37 -12.71
CA LYS B 441 25.93 -8.08 -12.11
C LYS B 441 25.87 -9.60 -12.37
N LEU B 442 24.78 -10.07 -12.94
CA LEU B 442 24.62 -11.50 -13.12
C LEU B 442 24.82 -11.89 -14.54
N ARG B 443 26.08 -11.94 -14.98
CA ARG B 443 26.35 -12.36 -16.35
C ARG B 443 27.50 -13.35 -16.42
N PRO B 444 27.60 -14.10 -17.55
CA PRO B 444 28.58 -15.18 -17.69
C PRO B 444 29.98 -14.86 -17.17
N GLU B 445 30.49 -13.68 -17.48
CA GLU B 445 31.85 -13.29 -17.05
C GLU B 445 32.11 -13.22 -15.52
N ASN B 446 31.07 -13.08 -14.68
CA ASN B 446 31.29 -13.21 -13.23
C ASN B 446 30.53 -14.37 -12.52
N VAL B 447 30.55 -15.50 -13.20
CA VAL B 447 29.89 -16.69 -12.69
C VAL B 447 30.90 -17.68 -12.08
N ARG B 448 30.50 -18.28 -10.96
CA ARG B 448 31.16 -19.47 -10.43
C ARG B 448 30.20 -20.64 -10.50
N VAL B 449 30.69 -21.76 -11.00
CA VAL B 449 29.86 -22.94 -11.17
C VAL B 449 30.42 -24.15 -10.44
N ALA B 450 29.53 -24.84 -9.76
CA ALA B 450 29.93 -26.04 -9.03
C ALA B 450 28.97 -27.20 -9.30
N ILE B 451 29.55 -28.38 -9.50
CA ILE B 451 28.75 -29.58 -9.70
C ILE B 451 29.12 -30.64 -8.68
N VAL B 452 28.13 -31.32 -8.16
CA VAL B 452 28.34 -32.29 -7.10
C VAL B 452 27.79 -33.67 -7.53
N SER B 453 28.69 -34.64 -7.71
CA SER B 453 28.29 -35.94 -8.26
C SER B 453 29.18 -37.08 -7.82
N LYS B 454 28.58 -38.24 -7.62
CA LYS B 454 29.38 -39.44 -7.42
C LYS B 454 30.23 -39.78 -8.63
N SER B 455 29.94 -39.17 -9.78
CA SER B 455 30.62 -39.55 -10.99
C SER B 455 31.97 -38.88 -11.09
N PHE B 456 32.34 -38.12 -10.10
CA PHE B 456 33.66 -37.52 -10.15
C PHE B 456 34.63 -38.33 -9.32
N GLU B 457 34.09 -39.35 -8.65
CA GLU B 457 34.86 -40.29 -7.85
C GLU B 457 36.13 -40.76 -8.62
N GLY B 458 37.30 -40.60 -8.00
CA GLY B 458 38.57 -40.96 -8.62
C GLY B 458 39.06 -40.08 -9.76
N LYS B 459 38.38 -38.98 -10.05
CA LYS B 459 38.79 -38.07 -11.14
C LYS B 459 39.09 -36.64 -10.64
N THR B 460 39.35 -36.50 -9.34
CA THR B 460 39.54 -35.21 -8.70
C THR B 460 40.97 -35.10 -8.19
N ASP B 461 41.62 -33.96 -8.39
CA ASP B 461 42.99 -33.86 -7.93
C ASP B 461 43.22 -33.06 -6.64
N ARG B 462 42.16 -32.76 -5.91
CA ARG B 462 42.28 -31.81 -4.78
C ARG B 462 41.54 -32.18 -3.52
N THR B 463 42.01 -31.68 -2.39
CA THR B 463 41.39 -32.00 -1.10
C THR B 463 41.25 -30.73 -0.29
N GLU B 464 40.04 -30.38 0.13
CA GLU B 464 39.85 -29.22 1.00
C GLU B 464 40.44 -29.65 2.30
N GLU B 465 41.19 -28.74 2.94
CA GLU B 465 42.00 -29.17 4.06
C GLU B 465 41.24 -29.56 5.36
N TRP B 466 40.10 -28.93 5.66
CA TRP B 466 39.36 -29.15 6.94
C TRP B 466 38.30 -30.24 6.95
N TYR B 467 37.60 -30.40 5.84
CA TYR B 467 36.57 -31.40 5.72
C TYR B 467 37.10 -32.56 4.88
N GLY B 468 38.16 -32.31 4.13
CA GLY B 468 38.79 -33.35 3.33
C GLY B 468 38.09 -33.60 2.02
N THR B 469 37.12 -32.72 1.68
CA THR B 469 36.33 -32.79 0.46
C THR B 469 37.18 -32.99 -0.80
N GLN B 470 36.90 -34.08 -1.53
CA GLN B 470 37.53 -34.47 -2.81
C GLN B 470 37.01 -33.64 -3.99
N TYR B 471 37.88 -32.87 -4.65
CA TYR B 471 37.40 -32.01 -5.74
C TYR B 471 38.42 -31.63 -6.85
N LYS B 472 37.92 -30.97 -7.89
CA LYS B 472 38.73 -30.59 -9.03
C LYS B 472 38.30 -29.20 -9.51
N GLN B 473 39.27 -28.42 -9.98
CA GLN B 473 39.01 -27.06 -10.41
C GLN B 473 39.40 -26.84 -11.87
N GLU B 474 38.65 -26.00 -12.56
CA GLU B 474 38.83 -25.80 -13.99
C GLU B 474 38.35 -24.42 -14.36
N ALA B 475 39.06 -23.79 -15.30
CA ALA B 475 38.61 -22.55 -15.90
C ALA B 475 37.49 -22.94 -16.84
N ILE B 476 36.44 -22.14 -16.94
CA ILE B 476 35.38 -22.44 -17.89
C ILE B 476 35.85 -21.89 -19.23
N PRO B 477 35.94 -22.76 -20.26
CA PRO B 477 36.48 -22.35 -21.57
C PRO B 477 35.72 -21.17 -22.17
N ASP B 478 36.47 -20.28 -22.82
CA ASP B 478 35.92 -19.04 -23.41
C ASP B 478 34.80 -19.24 -24.40
N GLU B 479 34.90 -20.32 -25.15
CA GLU B 479 33.85 -20.68 -26.08
C GLU B 479 32.51 -20.85 -25.33
N VAL B 480 32.57 -21.34 -24.09
CA VAL B 480 31.35 -21.62 -23.31
C VAL B 480 30.76 -20.36 -22.68
N ILE B 481 31.61 -19.50 -22.13
CA ILE B 481 31.13 -18.21 -21.62
C ILE B 481 30.52 -17.43 -22.77
N LYS B 482 31.28 -17.29 -23.86
CA LYS B 482 30.82 -16.57 -25.04
C LYS B 482 29.41 -17.01 -25.44
N LYS B 483 29.19 -18.32 -25.45
CA LYS B 483 27.93 -18.90 -25.91
C LYS B 483 26.75 -18.58 -24.96
N TRP B 484 27.02 -18.44 -23.66
CA TRP B 484 26.04 -17.96 -22.67
C TRP B 484 25.81 -16.44 -22.72
N GLN B 485 26.83 -15.68 -23.07
CA GLN B 485 26.68 -14.25 -23.21
C GLN B 485 25.68 -13.95 -24.31
N ASN B 486 25.65 -14.81 -25.33
CA ASN B 486 24.71 -14.63 -26.44
C ASN B 486 23.36 -15.31 -26.27
N ALA B 487 23.06 -15.72 -25.04
CA ALA B 487 21.75 -16.30 -24.74
C ALA B 487 20.64 -15.42 -25.32
N ASP B 488 19.75 -16.03 -26.10
CA ASP B 488 18.60 -15.27 -26.59
C ASP B 488 17.40 -15.40 -25.66
N LEU B 489 16.25 -15.01 -26.20
CA LEU B 489 14.98 -15.12 -25.54
C LEU B 489 14.40 -16.46 -25.95
N ASN B 490 13.53 -16.99 -25.10
CA ASN B 490 13.04 -18.35 -25.26
C ASN B 490 11.56 -18.37 -24.85
N GLY B 491 10.67 -18.46 -25.84
CA GLY B 491 9.23 -18.29 -25.63
C GLY B 491 8.65 -18.93 -24.38
N LYS B 492 9.34 -19.95 -23.89
CA LYS B 492 8.99 -20.69 -22.69
C LYS B 492 9.06 -19.94 -21.36
N PHE B 493 9.67 -18.76 -21.40
CA PHE B 493 9.86 -17.96 -20.20
C PHE B 493 8.95 -16.74 -20.18
N LYS B 494 8.00 -16.79 -19.26
CA LYS B 494 7.05 -15.73 -19.05
C LYS B 494 7.31 -15.13 -17.68
N LEU B 495 6.90 -13.88 -17.46
CA LEU B 495 6.84 -13.43 -16.08
C LEU B 495 5.72 -14.22 -15.40
N PRO B 496 5.68 -14.21 -14.04
CA PRO B 496 4.54 -14.86 -13.41
C PRO B 496 3.29 -14.09 -13.77
N THR B 497 2.16 -14.73 -13.67
CA THR B 497 0.92 -14.05 -13.94
C THR B 497 0.50 -13.42 -12.59
N LYS B 498 -0.54 -12.57 -12.58
CA LYS B 498 -1.01 -11.95 -11.33
C LYS B 498 -1.45 -13.00 -10.33
N ASN B 499 -1.07 -12.84 -9.07
CA ASN B 499 -1.25 -13.91 -8.09
C ASN B 499 -2.71 -14.05 -7.71
N GLU B 500 -3.33 -15.06 -8.27
CA GLU B 500 -4.73 -15.39 -8.08
C GLU B 500 -5.12 -15.59 -6.61
N PHE B 501 -4.16 -15.93 -5.75
CA PHE B 501 -4.46 -16.43 -4.37
C PHE B 501 -4.47 -15.42 -3.23
N ILE B 502 -3.98 -14.21 -3.49
CA ILE B 502 -3.97 -13.16 -2.48
C ILE B 502 -5.26 -13.26 -1.67
N PRO B 503 -5.14 -13.38 -0.34
CA PRO B 503 -6.35 -13.28 0.49
C PRO B 503 -6.90 -11.85 0.46
N THR B 504 -8.22 -11.71 0.68
CA THR B 504 -8.91 -10.41 0.61
C THR B 504 -9.89 -10.37 1.76
N ASN B 505 -10.62 -11.46 1.95
CA ASN B 505 -11.56 -11.56 3.08
C ASN B 505 -10.92 -11.88 4.44
N PHE B 506 -10.74 -10.88 5.31
CA PHE B 506 -10.10 -11.08 6.62
C PHE B 506 -11.05 -11.04 7.81
N GLU B 507 -12.34 -11.12 7.54
CA GLU B 507 -13.32 -10.94 8.58
C GLU B 507 -13.28 -12.10 9.55
N ILE B 508 -13.13 -11.78 10.83
CA ILE B 508 -13.16 -12.77 11.88
C ILE B 508 -14.61 -13.05 12.31
N LEU B 509 -15.17 -14.18 11.82
CA LEU B 509 -16.56 -14.57 12.10
C LEU B 509 -16.77 -14.65 13.60
N PRO B 510 -17.83 -14.02 14.12
CA PRO B 510 -18.00 -13.97 15.58
C PRO B 510 -18.24 -15.36 16.19
N LEU B 511 -17.70 -15.56 17.39
CA LEU B 511 -17.83 -16.81 18.12
C LEU B 511 -19.29 -17.25 18.23
N GLU B 512 -19.58 -18.48 17.81
CA GLU B 512 -20.94 -19.03 17.82
C GLU B 512 -21.51 -19.16 19.22
N LYS B 513 -22.84 -19.15 19.33
CA LYS B 513 -23.55 -19.29 20.62
C LYS B 513 -23.05 -20.49 21.44
N GLU B 514 -23.01 -21.67 20.83
CA GLU B 514 -22.53 -22.82 21.57
C GLU B 514 -21.16 -23.29 21.02
N ALA B 515 -20.17 -22.40 21.04
CA ALA B 515 -18.82 -22.80 20.64
C ALA B 515 -18.05 -23.31 21.89
N THR B 516 -17.38 -24.45 21.77
CA THR B 516 -16.73 -25.14 22.91
C THR B 516 -15.27 -24.74 23.15
N PRO B 517 -14.78 -24.86 24.42
CA PRO B 517 -13.37 -24.62 24.78
C PRO B 517 -12.36 -25.61 24.14
N TYR B 518 -12.76 -26.88 24.01
CA TYR B 518 -11.95 -27.92 23.37
C TYR B 518 -12.65 -28.38 22.12
N PRO B 519 -11.97 -29.18 21.27
CA PRO B 519 -12.63 -29.57 20.02
C PRO B 519 -13.79 -30.51 20.29
N ALA B 520 -14.93 -30.20 19.67
CA ALA B 520 -16.11 -31.02 19.78
C ALA B 520 -16.12 -32.08 18.69
N LEU B 521 -16.73 -33.23 18.98
CA LEU B 521 -16.94 -34.22 17.93
C LEU B 521 -18.27 -33.94 17.19
N ILE B 522 -18.21 -33.02 16.24
CA ILE B 522 -19.42 -32.61 15.53
C ILE B 522 -19.87 -33.53 14.38
N LYS B 523 -19.19 -34.67 14.16
CA LYS B 523 -19.67 -35.68 13.18
C LYS B 523 -19.03 -37.06 13.39
N ASP B 524 -19.83 -38.13 13.23
CA ASP B 524 -19.34 -39.50 13.43
C ASP B 524 -20.02 -40.53 12.54
N THR B 525 -19.86 -40.41 11.23
CA THR B 525 -20.31 -41.48 10.38
C THR B 525 -19.23 -42.57 10.33
N ALA B 526 -19.53 -43.64 9.61
CA ALA B 526 -18.60 -44.71 9.41
C ALA B 526 -17.55 -44.17 8.46
N MET B 527 -17.98 -43.37 7.50
CA MET B 527 -17.00 -42.82 6.61
C MET B 527 -16.11 -41.74 7.21
N SER B 528 -16.62 -40.91 8.14
CA SER B 528 -15.78 -39.88 8.76
C SER B 528 -16.12 -39.42 10.18
N LYS B 529 -15.05 -39.30 10.98
CA LYS B 529 -15.07 -38.71 12.32
C LYS B 529 -14.55 -37.26 12.26
N LEU B 530 -15.40 -36.28 12.61
CA LEU B 530 -14.99 -34.88 12.50
C LEU B 530 -14.95 -34.13 13.82
N TRP B 531 -13.76 -33.57 14.09
CA TRP B 531 -13.52 -32.71 15.25
C TRP B 531 -13.40 -31.26 14.84
N PHE B 532 -14.04 -30.39 15.61
CA PHE B 532 -14.10 -28.98 15.26
C PHE B 532 -13.96 -28.12 16.47
N LYS B 533 -13.26 -27.01 16.31
CA LYS B 533 -13.25 -25.94 17.31
C LYS B 533 -13.04 -24.63 16.61
N GLN B 534 -13.88 -23.67 16.95
CA GLN B 534 -13.75 -22.32 16.47
C GLN B 534 -12.68 -21.58 17.31
N ASP B 535 -11.75 -20.91 16.64
CA ASP B 535 -10.70 -20.21 17.35
C ASP B 535 -11.29 -19.25 18.39
N ASP B 536 -10.93 -19.47 19.66
CA ASP B 536 -11.34 -18.56 20.75
C ASP B 536 -10.17 -17.82 21.43
N LYS B 537 -9.02 -17.76 20.80
CA LYS B 537 -7.85 -17.13 21.43
C LYS B 537 -7.16 -16.10 20.55
N PHE B 538 -7.09 -16.36 19.24
CA PHE B 538 -6.16 -15.62 18.40
C PHE B 538 -6.84 -14.68 17.40
N PHE B 539 -8.09 -14.93 17.06
CA PHE B 539 -8.87 -14.01 16.19
C PHE B 539 -8.09 -13.47 14.98
N LEU B 540 -7.41 -14.37 14.27
CA LEU B 540 -6.70 -14.05 13.03
C LEU B 540 -7.42 -14.74 11.86
N PRO B 541 -7.38 -14.14 10.66
CA PRO B 541 -8.18 -14.71 9.54
C PRO B 541 -7.60 -16.00 8.91
N LYS B 542 -7.39 -17.01 9.75
CA LYS B 542 -6.65 -18.23 9.40
C LYS B 542 -7.33 -19.48 9.91
N ALA B 543 -7.13 -20.59 9.22
CA ALA B 543 -7.66 -21.87 9.71
C ALA B 543 -6.68 -23.01 9.46
N ASN B 544 -6.72 -24.00 10.34
CA ASN B 544 -5.97 -25.22 10.14
C ASN B 544 -6.95 -26.35 9.87
N LEU B 545 -6.64 -27.15 8.86
CA LEU B 545 -7.55 -28.19 8.43
C LEU B 545 -6.82 -29.50 8.31
N ASN B 546 -6.91 -30.35 9.32
CA ASN B 546 -6.12 -31.59 9.32
C ASN B 546 -6.92 -32.85 9.05
N PHE B 547 -6.30 -33.83 8.40
CA PHE B 547 -6.99 -35.03 7.93
C PHE B 547 -6.13 -36.28 7.87
N GLU B 548 -6.37 -37.26 8.76
CA GLU B 548 -5.86 -38.64 8.54
C GLU B 548 -6.86 -39.39 7.65
N PHE B 549 -6.36 -40.03 6.60
CA PHE B 549 -7.13 -40.95 5.78
C PHE B 549 -6.58 -42.33 6.08
N PHE B 550 -7.43 -43.30 6.43
CA PHE B 550 -6.94 -44.67 6.71
C PHE B 550 -7.19 -45.64 5.60
N SER B 551 -6.15 -46.37 5.22
CA SER B 551 -6.31 -47.51 4.34
C SER B 551 -5.28 -48.53 4.71
N PRO B 552 -5.72 -49.78 4.87
CA PRO B 552 -4.90 -51.00 4.97
C PRO B 552 -3.80 -51.04 3.93
N PHE B 553 -4.09 -50.49 2.76
CA PHE B 553 -3.22 -50.64 1.61
C PHE B 553 -2.07 -49.67 1.52
N ALA B 554 -1.96 -48.81 2.51
CA ALA B 554 -0.92 -47.81 2.57
C ALA B 554 0.37 -48.49 2.99
N TYR B 555 0.22 -49.54 3.77
CA TYR B 555 1.34 -50.06 4.47
C TYR B 555 1.34 -51.58 4.58
N VAL B 556 0.51 -52.24 3.77
CA VAL B 556 0.33 -53.69 3.88
C VAL B 556 1.64 -54.46 3.66
N ASP B 557 2.46 -53.99 2.73
CA ASP B 557 3.79 -54.56 2.50
C ASP B 557 4.72 -53.48 1.93
N PRO B 558 6.05 -53.72 1.94
CA PRO B 558 6.99 -52.74 1.41
C PRO B 558 6.67 -52.24 0.00
N LEU B 559 6.25 -53.13 -0.89
CA LEU B 559 5.92 -52.70 -2.24
C LEU B 559 4.81 -51.65 -2.18
N HIS B 560 3.92 -51.81 -1.21
CA HIS B 560 2.78 -50.93 -1.07
C HIS B 560 3.08 -49.62 -0.34
N SER B 561 4.00 -49.64 0.62
CA SER B 561 4.53 -48.42 1.20
C SER B 561 5.14 -47.58 0.13
N ASN B 562 6.02 -48.20 -0.64
CA ASN B 562 6.66 -47.58 -1.78
C ASN B 562 5.74 -46.88 -2.73
N MET B 563 4.55 -47.42 -2.93
CA MET B 563 3.62 -46.88 -3.90
C MET B 563 2.84 -45.76 -3.28
N ALA B 564 2.37 -45.98 -2.04
CA ALA B 564 1.77 -44.93 -1.25
C ALA B 564 2.66 -43.69 -1.34
N TYR B 565 3.93 -43.85 -1.00
CA TYR B 565 4.83 -42.70 -0.98
C TYR B 565 4.94 -42.03 -2.34
N LEU B 566 5.30 -42.81 -3.34
CA LEU B 566 5.41 -42.33 -4.71
C LEU B 566 4.17 -41.64 -5.27
N TYR B 567 2.99 -42.09 -4.83
CA TYR B 567 1.76 -41.54 -5.35
C TYR B 567 1.68 -40.09 -4.89
N LEU B 568 1.82 -39.88 -3.57
CA LEU B 568 1.79 -38.56 -2.98
C LEU B 568 2.87 -37.62 -3.49
N GLU B 569 4.02 -38.18 -3.87
CA GLU B 569 5.11 -37.36 -4.35
C GLU B 569 4.79 -36.89 -5.72
N LEU B 570 4.10 -37.72 -6.49
CA LEU B 570 3.91 -37.42 -7.89
C LEU B 570 2.78 -36.45 -7.91
N LEU B 571 1.85 -36.67 -6.99
CA LEU B 571 0.71 -35.80 -6.83
C LEU B 571 1.22 -34.39 -6.56
N LYS B 572 2.00 -34.25 -5.50
CA LYS B 572 2.62 -32.98 -5.10
C LYS B 572 3.41 -32.36 -6.23
N ASP B 573 4.12 -33.20 -6.97
CA ASP B 573 4.98 -32.70 -8.01
C ASP B 573 4.17 -32.04 -9.09
N SER B 574 2.98 -32.55 -9.38
CA SER B 574 2.22 -31.95 -10.47
C SER B 574 1.29 -30.83 -10.00
N LEU B 575 0.83 -30.91 -8.76
CA LEU B 575 0.14 -29.80 -8.09
C LEU B 575 0.99 -28.57 -7.89
N ASN B 576 2.30 -28.75 -7.94
CA ASN B 576 3.22 -27.70 -7.51
C ASN B 576 3.07 -26.33 -8.17
N GLU B 577 3.04 -26.26 -9.50
CA GLU B 577 2.93 -24.95 -10.18
C GLU B 577 1.71 -24.18 -9.71
N TYR B 578 0.59 -24.87 -9.61
CA TYR B 578 -0.59 -24.29 -9.01
C TYR B 578 -0.46 -23.89 -7.51
N ALA B 579 0.29 -24.64 -6.71
CA ALA B 579 0.21 -24.49 -5.25
C ALA B 579 1.21 -23.48 -4.75
N TYR B 580 2.14 -23.14 -5.63
CA TYR B 580 3.27 -22.31 -5.30
C TYR B 580 2.73 -20.93 -5.05
N ALA B 581 1.93 -20.46 -6.00
CA ALA B 581 1.24 -19.18 -5.91
C ALA B 581 0.54 -19.06 -4.54
N ALA B 582 -0.18 -20.11 -4.15
CA ALA B 582 -0.96 -20.09 -2.94
C ALA B 582 -0.04 -19.99 -1.75
N GLU B 583 1.12 -20.62 -1.86
CA GLU B 583 2.10 -20.60 -0.80
C GLU B 583 2.57 -19.19 -0.49
N LEU B 584 3.06 -18.52 -1.53
CA LEU B 584 3.36 -17.11 -1.52
C LEU B 584 2.25 -16.28 -0.87
N ALA B 585 1.00 -16.69 -1.03
CA ALA B 585 -0.13 -15.95 -0.50
C ALA B 585 -0.57 -16.43 0.86
N GLY B 586 0.32 -17.12 1.57
CA GLY B 586 0.06 -17.57 2.94
C GLY B 586 -0.92 -18.71 3.09
N LEU B 587 -1.12 -19.48 2.01
CA LEU B 587 -1.98 -20.65 2.07
C LEU B 587 -1.13 -21.84 1.74
N SER B 588 -1.04 -22.82 2.63
CA SER B 588 -0.19 -23.97 2.29
C SER B 588 -0.72 -25.34 2.68
N TYR B 589 -0.18 -26.35 2.00
CA TYR B 589 -0.56 -27.71 2.29
C TYR B 589 0.62 -28.60 2.58
N ASP B 590 0.30 -29.64 3.32
CA ASP B 590 1.21 -30.67 3.73
C ASP B 590 0.53 -32.00 3.43
N LEU B 591 1.14 -32.82 2.58
CA LEU B 591 0.54 -34.09 2.18
C LEU B 591 1.57 -35.18 2.11
N GLN B 592 1.45 -36.14 3.01
CA GLN B 592 2.37 -37.30 3.06
C GLN B 592 1.77 -38.59 3.57
N ASN B 593 2.32 -39.71 3.08
CA ASN B 593 1.87 -41.05 3.49
C ASN B 593 2.27 -41.38 4.91
N THR B 594 1.38 -42.04 5.64
CA THR B 594 1.66 -42.55 7.00
C THR B 594 1.63 -44.10 7.07
N ILE B 595 1.87 -44.66 8.25
CA ILE B 595 1.81 -46.12 8.41
C ILE B 595 0.34 -46.59 8.38
N TYR B 596 -0.59 -45.65 8.48
CA TYR B 596 -2.00 -45.97 8.53
C TYR B 596 -2.77 -45.53 7.27
N GLY B 597 -2.17 -44.65 6.48
CA GLY B 597 -2.79 -44.12 5.27
C GLY B 597 -2.11 -42.87 4.71
N MET B 598 -2.86 -41.75 4.68
CA MET B 598 -2.35 -40.44 4.22
C MET B 598 -2.70 -39.34 5.17
N TYR B 599 -1.81 -38.35 5.22
CA TYR B 599 -2.01 -37.18 6.06
C TYR B 599 -2.09 -36.00 5.15
N LEU B 600 -3.02 -35.09 5.43
CA LEU B 600 -3.19 -33.92 4.62
C LEU B 600 -3.56 -32.80 5.53
N SER B 601 -2.87 -31.69 5.36
CA SER B 601 -3.10 -30.54 6.21
C SER B 601 -3.07 -29.27 5.37
N VAL B 602 -4.07 -28.42 5.58
CA VAL B 602 -4.09 -27.09 4.98
C VAL B 602 -4.14 -26.02 6.06
N LYS B 603 -3.13 -25.17 6.02
CA LYS B 603 -2.92 -24.13 7.00
C LYS B 603 -2.89 -22.77 6.29
N GLY B 604 -3.24 -21.70 6.99
CA GLY B 604 -3.05 -20.36 6.43
C GLY B 604 -4.29 -19.49 6.43
N TYR B 605 -4.28 -18.44 5.60
CA TYR B 605 -5.48 -17.61 5.50
C TYR B 605 -6.67 -18.43 5.06
N ASN B 606 -7.73 -18.31 5.83
CA ASN B 606 -8.91 -19.14 5.59
C ASN B 606 -9.65 -18.80 4.30
N ASP B 607 -9.47 -17.57 3.83
CA ASP B 607 -10.15 -17.09 2.62
C ASP B 607 -10.18 -18.06 1.41
N LYS B 608 -9.05 -18.39 0.79
CA LYS B 608 -9.08 -19.26 -0.41
C LYS B 608 -8.94 -20.76 -0.05
N GLN B 609 -9.02 -21.06 1.24
CA GLN B 609 -8.72 -22.40 1.72
C GLN B 609 -9.58 -23.46 1.03
N PRO B 610 -10.90 -23.23 0.94
CA PRO B 610 -11.73 -24.14 0.18
C PRO B 610 -11.31 -24.39 -1.28
N ILE B 611 -10.87 -23.34 -1.99
CA ILE B 611 -10.45 -23.54 -3.39
C ILE B 611 -9.32 -24.56 -3.45
N LEU B 612 -8.33 -24.41 -2.57
CA LEU B 612 -7.11 -25.22 -2.69
C LEU B 612 -7.37 -26.66 -2.29
N LEU B 613 -7.99 -26.83 -1.12
CA LEU B 613 -8.41 -28.12 -0.65
C LEU B 613 -9.12 -28.86 -1.76
N LYS B 614 -10.22 -28.30 -2.27
CA LYS B 614 -10.98 -28.86 -3.38
C LYS B 614 -10.06 -29.30 -4.48
N LYS B 615 -9.19 -28.40 -4.98
CA LYS B 615 -8.32 -28.77 -6.11
C LYS B 615 -7.54 -30.03 -5.75
N ILE B 616 -7.02 -30.11 -4.52
CA ILE B 616 -6.24 -31.29 -4.08
C ILE B 616 -7.05 -32.59 -4.14
N ILE B 617 -8.11 -32.71 -3.34
CA ILE B 617 -8.94 -33.90 -3.33
C ILE B 617 -9.34 -34.27 -4.77
N GLU B 618 -9.73 -33.27 -5.52
CA GLU B 618 -10.10 -33.48 -6.91
C GLU B 618 -8.94 -34.10 -7.66
N LYS B 619 -7.78 -33.43 -7.56
CA LYS B 619 -6.59 -33.76 -8.34
C LYS B 619 -6.02 -35.08 -7.89
N MET B 620 -6.39 -35.49 -6.70
CA MET B 620 -5.88 -36.73 -6.14
C MET B 620 -6.75 -37.93 -6.52
N ALA B 621 -8.07 -37.75 -6.49
CA ALA B 621 -9.00 -38.81 -6.87
C ALA B 621 -9.12 -39.00 -8.38
N THR B 622 -8.41 -38.19 -9.17
CA THR B 622 -8.50 -38.22 -10.62
C THR B 622 -7.10 -38.22 -11.20
N PHE B 623 -6.10 -38.31 -10.34
CA PHE B 623 -4.69 -38.14 -10.75
C PHE B 623 -4.22 -39.08 -11.88
N GLU B 624 -3.62 -38.51 -12.93
CA GLU B 624 -2.93 -39.31 -13.93
C GLU B 624 -1.42 -39.07 -13.89
N ILE B 625 -0.66 -40.16 -13.92
CA ILE B 625 0.78 -40.10 -13.75
C ILE B 625 1.47 -39.69 -15.05
N ASP B 626 2.52 -38.89 -14.97
CA ASP B 626 3.35 -38.67 -16.15
C ASP B 626 4.53 -39.64 -16.16
N GLU B 627 4.61 -40.41 -17.24
CA GLU B 627 5.72 -41.33 -17.49
C GLU B 627 7.08 -40.80 -16.96
N LYS B 628 7.59 -39.70 -17.55
CA LYS B 628 8.90 -39.13 -17.19
C LYS B 628 9.04 -38.81 -15.70
N ARG B 629 8.05 -38.12 -15.12
CA ARG B 629 8.04 -37.77 -13.68
C ARG B 629 8.24 -39.03 -12.80
N PHE B 630 7.36 -40.01 -12.99
CA PHE B 630 7.43 -41.29 -12.30
C PHE B 630 8.84 -41.90 -12.38
N GLU B 631 9.44 -41.87 -13.56
CA GLU B 631 10.76 -42.47 -13.70
C GLU B 631 11.77 -41.67 -12.87
N ILE B 632 11.63 -40.35 -12.93
CA ILE B 632 12.54 -39.42 -12.26
C ILE B 632 12.46 -39.48 -10.71
N ILE B 633 11.23 -39.48 -10.22
CA ILE B 633 11.00 -39.48 -8.80
C ILE B 633 11.41 -40.81 -8.18
N LYS B 634 11.14 -41.91 -8.88
CA LYS B 634 11.60 -43.25 -8.48
C LYS B 634 13.11 -43.29 -8.27
N GLU B 635 13.85 -42.76 -9.24
CA GLU B 635 15.31 -42.73 -9.17
C GLU B 635 15.84 -41.90 -7.98
N ALA B 636 15.20 -40.74 -7.76
CA ALA B 636 15.46 -39.91 -6.59
C ALA B 636 15.13 -40.62 -5.26
N TYR B 637 14.00 -41.31 -5.21
CA TYR B 637 13.56 -41.99 -4.00
C TYR B 637 14.48 -43.17 -3.66
N MET B 638 14.92 -43.88 -4.69
CA MET B 638 15.88 -44.93 -4.53
C MET B 638 17.16 -44.41 -3.88
N ARG B 639 17.71 -43.31 -4.40
CA ARG B 639 18.88 -42.63 -3.80
C ARG B 639 18.60 -42.18 -2.38
N SER B 640 17.51 -41.45 -2.19
CA SER B 640 17.03 -41.10 -0.85
C SER B 640 17.13 -42.28 0.13
N LEU B 641 16.58 -43.44 -0.23
CA LEU B 641 16.64 -44.61 0.64
C LEU B 641 18.06 -45.06 0.86
N ASN B 642 18.84 -45.15 -0.22
CA ASN B 642 20.26 -45.50 -0.12
C ASN B 642 21.05 -44.51 0.72
N ASN B 643 20.69 -43.23 0.64
CA ASN B 643 21.39 -42.17 1.34
C ASN B 643 21.27 -42.23 2.84
N PHE B 644 20.39 -43.06 3.39
CA PHE B 644 20.36 -43.22 4.84
C PHE B 644 21.69 -43.76 5.43
N ARG B 645 22.38 -44.60 4.65
CA ARG B 645 23.73 -45.11 4.92
C ARG B 645 24.63 -44.02 5.55
N ALA B 646 24.50 -42.79 5.03
CA ALA B 646 25.31 -41.61 5.40
C ALA B 646 24.72 -40.66 6.48
N GLU B 647 23.61 -41.04 7.12
CA GLU B 647 23.08 -40.24 8.25
C GLU B 647 23.89 -40.46 9.49
N GLN B 648 23.65 -39.61 10.48
CA GLN B 648 24.39 -39.60 11.72
C GLN B 648 24.14 -40.88 12.59
N PRO B 649 25.18 -41.38 13.28
CA PRO B 649 25.03 -42.55 14.15
C PRO B 649 23.88 -42.46 15.13
N HIS B 650 23.70 -41.32 15.79
CA HIS B 650 22.59 -41.20 16.73
C HIS B 650 21.23 -41.37 16.01
N GLN B 651 21.10 -40.88 14.78
CA GLN B 651 19.86 -41.08 14.04
C GLN B 651 19.65 -42.57 13.68
N HIS B 652 20.72 -43.24 13.23
CA HIS B 652 20.68 -44.70 13.07
C HIS B 652 20.19 -45.44 14.32
N ALA B 653 20.68 -45.05 15.49
CA ALA B 653 20.29 -45.72 16.71
C ALA B 653 18.80 -45.64 16.94
N MET B 654 18.24 -44.44 16.75
CA MET B 654 16.81 -44.20 16.95
C MET B 654 15.98 -44.98 15.93
N TYR B 655 16.49 -45.03 14.72
CA TYR B 655 15.85 -45.73 13.63
C TYR B 655 15.67 -47.24 13.91
N TYR B 656 16.75 -47.89 14.29
CA TYR B 656 16.69 -49.30 14.63
C TYR B 656 15.82 -49.53 15.84
N LEU B 657 15.77 -48.57 16.75
CA LEU B 657 14.94 -48.73 17.94
C LEU B 657 13.48 -48.70 17.58
N ARG B 658 13.12 -47.85 16.63
CA ARG B 658 11.72 -47.75 16.22
C ARG B 658 11.35 -49.08 15.52
N LEU B 659 12.27 -49.62 14.70
CA LEU B 659 12.10 -50.90 14.04
C LEU B 659 11.94 -52.03 15.02
N LEU B 660 12.77 -52.04 16.04
CA LEU B 660 12.73 -53.09 17.03
C LEU B 660 11.47 -53.07 17.87
N MET B 661 10.99 -51.88 18.24
CA MET B 661 9.89 -51.75 19.20
C MET B 661 8.50 -51.68 18.61
N THR B 662 8.39 -51.58 17.28
CA THR B 662 7.07 -51.49 16.63
C THR B 662 6.71 -52.79 15.97
N GLU B 663 5.40 -53.08 15.99
CA GLU B 663 4.87 -54.37 15.65
C GLU B 663 5.13 -54.76 14.22
N VAL B 664 4.85 -53.82 13.33
CA VAL B 664 5.12 -53.95 11.91
C VAL B 664 5.82 -52.66 11.55
N ALA B 665 6.95 -52.76 10.84
CA ALA B 665 7.68 -51.59 10.39
C ALA B 665 8.67 -51.99 9.31
N TRP B 666 8.40 -51.64 8.06
CA TRP B 666 9.30 -52.01 6.98
C TRP B 666 10.56 -51.19 7.03
N THR B 667 11.68 -51.76 6.61
CA THR B 667 12.99 -51.13 6.76
C THR B 667 13.44 -50.51 5.45
N LYS B 668 14.39 -49.58 5.53
CA LYS B 668 14.86 -48.89 4.33
C LYS B 668 15.34 -49.93 3.35
N ASP B 669 15.83 -51.05 3.86
CA ASP B 669 16.37 -52.13 3.03
C ASP B 669 15.25 -52.86 2.30
N GLU B 670 14.24 -53.22 3.07
CA GLU B 670 13.06 -53.88 2.56
C GLU B 670 12.46 -53.02 1.46
N LEU B 671 12.21 -51.75 1.77
CA LEU B 671 11.72 -50.78 0.80
C LEU B 671 12.60 -50.62 -0.43
N LYS B 672 13.92 -50.60 -0.26
CA LYS B 672 14.81 -50.29 -1.38
C LYS B 672 14.74 -51.34 -2.45
N GLU B 673 14.72 -52.59 -2.01
CA GLU B 673 14.69 -53.71 -2.94
C GLU B 673 13.31 -54.08 -3.43
N ALA B 674 12.27 -53.72 -2.70
CA ALA B 674 10.88 -53.82 -3.21
C ALA B 674 10.47 -52.69 -4.18
N LEU B 675 11.41 -51.82 -4.52
CA LEU B 675 11.12 -50.63 -5.31
C LEU B 675 11.31 -50.87 -6.80
N ASP B 676 12.14 -51.85 -7.14
CA ASP B 676 12.38 -52.22 -8.53
C ASP B 676 11.11 -52.83 -9.07
N ASP B 677 10.37 -53.50 -8.19
CA ASP B 677 9.10 -54.08 -8.54
C ASP B 677 8.01 -53.07 -8.89
N VAL B 678 8.05 -51.87 -8.29
CA VAL B 678 7.06 -50.79 -8.58
C VAL B 678 7.17 -50.30 -10.04
N THR B 679 6.17 -50.65 -10.86
CA THR B 679 6.14 -50.24 -12.27
C THR B 679 4.96 -49.33 -12.52
N LEU B 680 5.01 -48.62 -13.65
CA LEU B 680 3.98 -47.63 -13.95
C LEU B 680 2.54 -48.21 -13.85
N PRO B 681 2.22 -49.28 -14.63
CA PRO B 681 1.02 -50.09 -14.47
C PRO B 681 0.67 -50.45 -13.01
N ARG B 682 1.60 -51.02 -12.25
CA ARG B 682 1.27 -51.40 -10.87
C ARG B 682 0.83 -50.20 -9.99
N LEU B 683 1.30 -49.00 -10.32
CA LEU B 683 0.95 -47.75 -9.59
C LEU B 683 -0.46 -47.25 -9.92
N LYS B 684 -0.74 -47.19 -11.22
CA LYS B 684 -2.07 -46.86 -11.74
C LYS B 684 -3.13 -47.74 -11.09
N ALA B 685 -2.87 -49.04 -11.06
CA ALA B 685 -3.72 -49.96 -10.34
C ALA B 685 -3.84 -49.64 -8.85
N PHE B 686 -2.74 -49.23 -8.23
CA PHE B 686 -2.70 -49.03 -6.79
C PHE B 686 -3.62 -47.92 -6.28
N ILE B 687 -3.69 -46.82 -7.02
CA ILE B 687 -4.38 -45.64 -6.53
C ILE B 687 -5.91 -45.82 -6.36
N PRO B 688 -6.63 -46.25 -7.42
CA PRO B 688 -8.06 -46.36 -7.15
C PRO B 688 -8.31 -47.47 -6.13
N GLN B 689 -7.36 -48.41 -6.10
CA GLN B 689 -7.37 -49.52 -5.15
C GLN B 689 -7.24 -48.90 -3.78
N LEU B 690 -6.30 -47.96 -3.63
CA LEU B 690 -6.05 -47.27 -2.36
C LEU B 690 -7.21 -46.40 -1.91
N LEU B 691 -7.75 -45.66 -2.86
CA LEU B 691 -8.76 -44.69 -2.55
C LEU B 691 -10.12 -45.32 -2.31
N SER B 692 -10.34 -46.52 -2.88
CA SER B 692 -11.65 -47.19 -2.87
C SER B 692 -12.30 -47.31 -1.47
N ARG B 693 -11.49 -47.49 -0.43
CA ARG B 693 -12.06 -47.66 0.89
C ARG B 693 -11.24 -46.94 1.95
N LEU B 694 -11.90 -46.03 2.66
CA LEU B 694 -11.23 -45.11 3.58
C LEU B 694 -12.02 -44.80 4.85
N HIS B 695 -11.34 -44.34 5.87
CA HIS B 695 -11.98 -43.63 6.95
C HIS B 695 -11.28 -42.28 7.02
N ILE B 696 -12.03 -41.21 7.26
CA ILE B 696 -11.35 -39.96 7.44
C ILE B 696 -11.53 -39.49 8.87
N GLU B 697 -10.41 -39.10 9.48
CA GLU B 697 -10.48 -38.34 10.72
C GLU B 697 -9.90 -36.96 10.46
N ALA B 698 -10.53 -35.94 11.07
CA ALA B 698 -10.25 -34.54 10.77
C ALA B 698 -10.36 -33.67 11.99
N LEU B 699 -9.48 -32.68 12.06
CA LEU B 699 -9.58 -31.56 12.99
C LEU B 699 -9.70 -30.37 12.08
N LEU B 700 -10.71 -29.55 12.30
CA LEU B 700 -10.75 -28.26 11.62
C LEU B 700 -10.82 -27.24 12.71
N HIS B 701 -9.71 -26.52 12.90
CA HIS B 701 -9.52 -25.59 14.00
C HIS B 701 -9.24 -24.24 13.37
N GLY B 702 -9.95 -23.21 13.81
CA GLY B 702 -9.67 -21.84 13.35
C GLY B 702 -10.88 -20.94 13.19
N ASN B 703 -10.73 -19.97 12.30
CA ASN B 703 -11.77 -18.99 11.97
C ASN B 703 -12.79 -19.57 10.97
N ILE B 704 -13.50 -20.61 11.41
CA ILE B 704 -14.69 -21.13 10.71
C ILE B 704 -15.73 -21.62 11.72
N THR B 705 -16.90 -21.97 11.20
CA THR B 705 -18.07 -22.21 12.02
C THR B 705 -18.51 -23.64 11.88
N LYS B 706 -19.27 -24.13 12.87
CA LYS B 706 -19.77 -25.50 12.82
C LYS B 706 -20.36 -25.82 11.43
N GLN B 707 -21.19 -24.93 10.88
CA GLN B 707 -21.78 -25.17 9.58
C GLN B 707 -20.77 -25.19 8.44
N ALA B 708 -19.76 -24.32 8.53
CA ALA B 708 -18.76 -24.24 7.50
C ALA B 708 -17.93 -25.51 7.53
N ALA B 709 -17.71 -26.00 8.75
CA ALA B 709 -16.86 -27.16 8.99
C ALA B 709 -17.51 -28.38 8.41
N LEU B 710 -18.77 -28.60 8.82
CA LEU B 710 -19.55 -29.69 8.28
C LEU B 710 -19.49 -29.60 6.77
N GLY B 711 -19.72 -28.39 6.24
CA GLY B 711 -19.62 -28.12 4.81
C GLY B 711 -18.31 -28.50 4.16
N ILE B 712 -17.19 -28.18 4.81
CA ILE B 712 -15.86 -28.57 4.31
C ILE B 712 -15.69 -30.10 4.28
N MET B 713 -16.02 -30.74 5.39
CA MET B 713 -16.01 -32.18 5.42
C MET B 713 -16.85 -32.79 4.31
N GLN B 714 -18.12 -32.37 4.21
CA GLN B 714 -19.00 -32.90 3.19
C GLN B 714 -18.35 -32.76 1.82
N MET B 715 -17.86 -31.57 1.51
CA MET B 715 -17.16 -31.33 0.26
C MET B 715 -16.05 -32.36 -0.01
N VAL B 716 -15.29 -32.67 1.02
CA VAL B 716 -14.18 -33.63 0.89
C VAL B 716 -14.69 -35.02 0.56
N GLU B 717 -15.52 -35.56 1.46
CA GLU B 717 -16.29 -36.78 1.22
C GLU B 717 -16.91 -36.82 -0.18
N ASP B 718 -17.62 -35.76 -0.56
CA ASP B 718 -18.37 -35.74 -1.80
C ASP B 718 -17.49 -35.94 -3.00
N THR B 719 -16.27 -35.41 -2.95
CA THR B 719 -15.38 -35.50 -4.09
C THR B 719 -14.81 -36.90 -4.22
N LEU B 720 -14.55 -37.52 -3.07
CA LEU B 720 -14.05 -38.88 -3.07
C LEU B 720 -15.09 -39.89 -3.55
N ILE B 721 -16.33 -39.76 -3.07
CA ILE B 721 -17.45 -40.60 -3.50
C ILE B 721 -17.67 -40.54 -5.00
N GLU B 722 -17.58 -39.33 -5.58
CA GLU B 722 -17.85 -39.15 -6.99
C GLU B 722 -16.70 -39.55 -7.91
N HIS B 723 -15.49 -39.14 -7.57
CA HIS B 723 -14.37 -39.42 -8.46
C HIS B 723 -13.67 -40.76 -8.19
N ALA B 724 -13.75 -41.22 -6.94
CA ALA B 724 -12.97 -42.35 -6.50
C ALA B 724 -13.85 -43.52 -6.09
N HIS B 725 -15.16 -43.30 -6.06
CA HIS B 725 -16.13 -44.33 -5.64
C HIS B 725 -15.83 -44.84 -4.22
N THR B 726 -15.41 -43.92 -3.37
CA THR B 726 -14.97 -44.28 -2.04
C THR B 726 -16.15 -44.60 -1.12
N LYS B 727 -16.05 -45.76 -0.47
CA LYS B 727 -17.03 -46.16 0.56
C LYS B 727 -16.31 -46.56 1.86
N PRO B 728 -17.04 -46.61 2.99
CA PRO B 728 -16.39 -46.64 4.33
C PRO B 728 -15.62 -47.94 4.68
N LEU B 729 -14.90 -47.92 5.81
CA LEU B 729 -14.14 -49.05 6.35
C LEU B 729 -14.86 -49.64 7.54
N LEU B 730 -14.74 -50.94 7.76
CA LEU B 730 -15.31 -51.53 8.98
C LEU B 730 -14.59 -50.99 10.21
N PRO B 731 -15.33 -50.84 11.34
CA PRO B 731 -14.65 -50.44 12.58
C PRO B 731 -13.54 -51.42 12.90
N SER B 732 -13.83 -52.72 12.81
CA SER B 732 -12.85 -53.78 13.12
C SER B 732 -11.55 -53.68 12.34
N GLN B 733 -11.59 -53.14 11.13
CA GLN B 733 -10.37 -53.07 10.35
C GLN B 733 -9.59 -51.78 10.58
N LEU B 734 -10.02 -51.00 11.57
CA LEU B 734 -9.28 -49.77 11.95
C LEU B 734 -8.18 -49.98 13.02
N VAL B 735 -7.12 -50.76 12.69
CA VAL B 735 -6.10 -51.19 13.69
C VAL B 735 -4.87 -50.28 13.91
N ARG B 736 -4.66 -49.85 15.16
CA ARG B 736 -3.38 -49.27 15.63
C ARG B 736 -2.29 -50.37 15.73
N TYR B 737 -1.02 -49.97 15.78
CA TYR B 737 0.09 -50.90 16.07
C TYR B 737 0.46 -50.95 17.53
N ARG B 738 1.07 -52.05 17.93
CA ARG B 738 1.44 -52.24 19.33
C ARG B 738 2.95 -52.18 19.56
N GLU B 739 3.34 -51.83 20.78
CA GLU B 739 4.71 -51.96 21.16
C GLU B 739 5.03 -53.34 21.74
N VAL B 740 6.19 -53.85 21.37
CA VAL B 740 6.79 -55.06 21.93
C VAL B 740 6.84 -54.90 23.45
N GLN B 741 6.53 -55.97 24.18
CA GLN B 741 6.51 -55.95 25.64
C GLN B 741 7.74 -56.67 26.22
N LEU B 742 8.70 -55.90 26.70
CA LEU B 742 9.96 -56.42 27.21
C LEU B 742 9.75 -57.13 28.54
N PRO B 743 10.49 -58.24 28.74
CA PRO B 743 10.38 -59.04 29.95
C PRO B 743 10.92 -58.32 31.18
N ASP B 744 10.26 -58.51 32.32
CA ASP B 744 10.79 -58.11 33.63
C ASP B 744 12.21 -58.62 33.79
N ARG B 745 13.17 -57.70 33.96
CA ARG B 745 14.62 -57.98 34.13
C ARG B 745 15.35 -58.29 32.81
N GLY B 746 14.75 -58.00 31.66
CA GLY B 746 15.40 -58.31 30.36
C GLY B 746 16.42 -57.27 29.93
N TRP B 747 17.48 -57.69 29.22
CA TRP B 747 18.35 -56.72 28.56
C TRP B 747 18.77 -57.16 27.17
N PHE B 748 18.20 -56.51 26.16
CA PHE B 748 18.58 -56.81 24.78
C PHE B 748 19.42 -55.70 24.15
N VAL B 749 20.35 -56.09 23.30
CA VAL B 749 21.18 -55.16 22.60
C VAL B 749 21.14 -55.64 21.19
N TYR B 750 20.85 -54.73 20.27
CA TYR B 750 21.00 -54.96 18.84
C TYR B 750 22.14 -54.05 18.41
N GLN B 751 22.96 -54.46 17.45
CA GLN B 751 24.10 -53.62 17.09
C GLN B 751 24.56 -53.60 15.64
N GLN B 752 24.90 -52.41 15.15
CA GLN B 752 25.22 -52.20 13.76
C GLN B 752 26.41 -51.28 13.64
N ARG B 753 26.98 -51.22 12.46
CA ARG B 753 28.07 -50.31 12.16
C ARG B 753 27.54 -49.23 11.22
N ASN B 754 27.92 -47.98 11.47
CA ASN B 754 27.75 -46.86 10.55
C ASN B 754 28.91 -46.88 9.56
N GLU B 755 28.65 -46.90 8.26
CA GLU B 755 29.77 -47.00 7.33
C GLU B 755 30.39 -45.67 6.97
N VAL B 756 29.87 -44.58 7.51
CA VAL B 756 30.29 -43.24 7.08
C VAL B 756 30.99 -42.41 8.17
N HIS B 757 30.33 -42.26 9.31
CA HIS B 757 30.86 -41.44 10.38
C HIS B 757 31.78 -42.25 11.27
N ASN B 758 32.99 -41.77 11.49
CA ASN B 758 33.85 -42.47 12.40
C ASN B 758 33.60 -42.07 13.84
N ASN B 759 32.38 -42.28 14.30
CA ASN B 759 31.94 -41.91 15.62
C ASN B 759 30.80 -42.87 15.91
N SER B 760 30.62 -43.28 17.15
CA SER B 760 29.58 -44.24 17.43
C SER B 760 28.33 -43.55 17.97
N GLY B 761 27.22 -44.31 18.03
CA GLY B 761 25.93 -43.83 18.55
C GLY B 761 25.22 -44.88 19.38
N ILE B 762 24.35 -44.45 20.28
CA ILE B 762 23.68 -45.36 21.18
C ILE B 762 22.35 -44.79 21.67
N GLU B 763 21.26 -45.53 21.53
CA GLU B 763 20.07 -45.21 22.29
C GLU B 763 19.87 -46.28 23.35
N ILE B 764 19.54 -45.85 24.57
CA ILE B 764 19.16 -46.80 25.60
C ILE B 764 17.72 -46.60 25.97
N TYR B 765 16.96 -47.69 25.97
CA TYR B 765 15.56 -47.58 26.32
C TYR B 765 15.21 -48.42 27.53
N TYR B 766 14.77 -47.73 28.58
CA TYR B 766 14.21 -48.36 29.76
C TYR B 766 12.73 -48.18 29.62
N GLN B 767 12.02 -49.26 29.31
CA GLN B 767 10.59 -49.17 29.10
C GLN B 767 9.84 -49.26 30.41
N THR B 768 8.84 -48.41 30.64
CA THR B 768 8.08 -48.51 31.89
C THR B 768 6.68 -49.10 32.06
N ASP B 769 5.68 -48.57 31.35
CA ASP B 769 4.37 -49.22 31.14
C ASP B 769 3.49 -48.37 30.21
N MET B 770 2.25 -48.81 29.97
CA MET B 770 1.34 -48.03 29.13
C MET B 770 1.20 -46.65 29.73
N GLN B 771 0.98 -45.66 28.88
CA GLN B 771 0.66 -44.35 29.37
C GLN B 771 -0.63 -44.46 30.17
N SER B 772 -0.68 -43.71 31.25
CA SER B 772 -1.87 -43.44 32.04
C SER B 772 -1.51 -42.19 32.83
N THR B 773 -2.48 -41.50 33.42
CA THR B 773 -2.14 -40.27 34.17
C THR B 773 -0.94 -40.45 35.11
N SER B 774 -0.99 -41.51 35.94
CA SER B 774 0.04 -41.76 36.96
C SER B 774 1.41 -42.17 36.39
N GLU B 775 1.42 -43.12 35.45
CA GLU B 775 2.66 -43.56 34.84
C GLU B 775 3.31 -42.42 34.06
N ASN B 776 2.49 -41.67 33.31
CA ASN B 776 2.98 -40.51 32.57
C ASN B 776 3.78 -39.64 33.49
N MET B 777 3.17 -39.24 34.61
CA MET B 777 3.74 -38.22 35.49
C MET B 777 4.93 -38.68 36.33
N PHE B 778 4.95 -39.96 36.70
CA PHE B 778 6.14 -40.54 37.33
C PHE B 778 7.34 -40.34 36.41
N LEU B 779 7.19 -40.84 35.18
CA LEU B 779 8.22 -40.72 34.17
C LEU B 779 8.66 -39.26 33.96
N GLU B 780 7.71 -38.38 33.66
CA GLU B 780 8.00 -36.97 33.36
C GLU B 780 8.75 -36.24 34.48
N LEU B 781 8.43 -36.54 35.74
CA LEU B 781 9.10 -35.91 36.90
C LEU B 781 10.53 -36.40 37.05
N PHE B 782 10.72 -37.69 37.01
CA PHE B 782 12.06 -38.23 37.00
C PHE B 782 12.87 -37.63 35.83
N ALA B 783 12.26 -37.55 34.66
CA ALA B 783 12.99 -37.06 33.48
C ALA B 783 13.48 -35.65 33.73
N GLN B 784 12.65 -34.91 34.46
CA GLN B 784 12.87 -33.52 34.75
C GLN B 784 14.00 -33.41 35.77
N ILE B 785 13.95 -34.25 36.79
CA ILE B 785 14.96 -34.20 37.84
C ILE B 785 16.34 -34.51 37.28
N ILE B 786 16.42 -35.54 36.43
CA ILE B 786 17.70 -36.04 35.95
C ILE B 786 18.17 -35.27 34.74
N SER B 787 17.31 -34.38 34.25
CA SER B 787 17.53 -33.77 32.94
C SER B 787 18.84 -33.00 32.81
N GLU B 788 19.02 -31.95 33.62
CA GLU B 788 20.27 -31.18 33.49
C GLU B 788 21.48 -31.90 34.14
N PRO B 789 21.28 -32.59 35.27
CA PRO B 789 22.31 -33.49 35.75
C PRO B 789 22.86 -34.42 34.66
N ALA B 790 21.97 -35.05 33.88
CA ALA B 790 22.39 -35.97 32.82
C ALA B 790 23.36 -35.29 31.89
N PHE B 791 22.88 -34.19 31.31
CA PHE B 791 23.65 -33.36 30.42
C PHE B 791 24.95 -32.95 31.09
N ASN B 792 24.85 -32.49 32.34
CA ASN B 792 26.02 -32.02 33.03
C ASN B 792 27.11 -33.07 33.23
N THR B 793 26.72 -34.24 33.75
CA THR B 793 27.69 -35.30 34.01
C THR B 793 28.26 -35.88 32.73
N LEU B 794 27.39 -36.22 31.80
CA LEU B 794 27.77 -37.01 30.65
C LEU B 794 28.43 -36.17 29.56
N ARG B 795 27.99 -34.91 29.42
CA ARG B 795 28.63 -33.96 28.50
C ARG B 795 29.65 -33.02 29.17
N THR B 796 29.15 -32.06 29.97
CA THR B 796 30.02 -31.04 30.58
C THR B 796 31.17 -31.67 31.36
N LYS B 797 30.85 -32.52 32.34
CA LYS B 797 31.89 -33.21 33.12
C LYS B 797 32.68 -34.23 32.31
N GLU B 798 32.01 -35.33 31.93
CA GLU B 798 32.68 -36.48 31.29
C GLU B 798 33.08 -36.27 29.81
N GLN B 799 32.42 -35.34 29.14
CA GLN B 799 32.70 -35.05 27.72
C GLN B 799 32.67 -36.31 26.84
N LEU B 800 31.58 -37.07 26.91
CA LEU B 800 31.45 -38.31 26.14
C LEU B 800 31.21 -37.95 24.68
N GLY B 801 30.45 -36.89 24.48
CA GLY B 801 30.30 -36.32 23.14
C GLY B 801 29.48 -35.04 23.15
N TYR B 802 29.42 -34.44 21.97
CA TYR B 802 28.61 -33.25 21.75
C TYR B 802 27.10 -33.52 21.92
N ILE B 803 26.64 -34.61 21.35
CA ILE B 803 25.24 -35.00 21.44
C ILE B 803 25.00 -35.94 22.62
N VAL B 804 24.30 -35.44 23.63
CA VAL B 804 23.97 -36.18 24.84
C VAL B 804 22.58 -35.74 25.18
N PHE B 805 21.65 -36.69 25.28
CA PHE B 805 20.23 -36.37 25.46
C PHE B 805 19.60 -37.38 26.41
N SER B 806 18.71 -36.93 27.27
CA SER B 806 17.89 -37.86 28.05
C SER B 806 16.40 -37.44 27.99
N GLY B 807 15.55 -38.02 28.83
CA GLY B 807 14.13 -37.67 28.80
C GLY B 807 13.26 -38.75 28.19
N PRO B 808 11.92 -38.57 28.25
CA PRO B 808 10.88 -39.58 27.92
C PRO B 808 10.79 -40.10 26.45
N ARG B 809 10.47 -41.39 26.28
CA ARG B 809 10.03 -41.91 24.98
C ARG B 809 8.56 -42.31 25.01
N ARG B 810 7.83 -41.88 23.99
CA ARG B 810 6.41 -42.18 23.85
C ARG B 810 6.15 -42.77 22.47
N ALA B 811 5.45 -43.88 22.41
CA ALA B 811 5.15 -44.56 21.13
C ALA B 811 4.08 -45.63 21.32
N ASN B 812 3.20 -45.73 20.31
CA ASN B 812 2.15 -46.71 20.32
C ASN B 812 1.47 -46.83 21.67
N GLY B 813 1.49 -45.77 22.48
CA GLY B 813 0.77 -45.79 23.76
C GLY B 813 1.56 -46.28 24.95
N ILE B 814 2.76 -46.81 24.68
CA ILE B 814 3.68 -47.19 25.73
C ILE B 814 4.68 -46.06 25.97
N GLN B 815 5.52 -46.18 27.01
CA GLN B 815 6.54 -45.18 27.31
C GLN B 815 7.71 -45.70 28.13
N GLY B 816 8.67 -44.81 28.37
CA GLY B 816 9.84 -45.08 29.23
C GLY B 816 10.94 -44.03 29.05
N LEU B 817 12.08 -44.29 29.67
CA LEU B 817 13.20 -43.36 29.67
C LEU B 817 14.21 -43.69 28.58
N ARG B 818 14.54 -42.70 27.76
CA ARG B 818 15.62 -42.91 26.78
C ARG B 818 16.85 -42.04 27.06
N PHE B 819 18.00 -42.52 26.59
CA PHE B 819 19.26 -41.78 26.62
C PHE B 819 19.81 -41.92 25.23
N ILE B 820 20.25 -40.81 24.65
CA ILE B 820 20.90 -40.82 23.33
C ILE B 820 22.28 -40.18 23.42
N ILE B 821 23.31 -40.85 22.89
CA ILE B 821 24.64 -40.26 22.86
C ILE B 821 25.36 -40.60 21.59
N GLN B 822 25.98 -39.59 20.98
CA GLN B 822 26.92 -39.84 19.92
C GLN B 822 28.31 -39.51 20.46
N SER B 823 29.30 -40.34 20.13
CA SER B 823 30.57 -40.30 20.83
C SER B 823 31.71 -40.97 20.09
N GLU B 824 32.93 -40.67 20.54
CA GLU B 824 34.12 -41.24 19.98
C GLU B 824 34.38 -42.57 20.66
N LYS B 825 33.98 -42.66 21.93
CA LYS B 825 34.07 -43.89 22.72
C LYS B 825 33.16 -45.01 22.17
N PRO B 826 33.50 -46.28 22.45
CA PRO B 826 32.61 -47.39 22.13
C PRO B 826 31.36 -47.42 23.04
N PRO B 827 30.27 -47.99 22.53
CA PRO B 827 29.03 -48.12 23.30
C PRO B 827 29.24 -48.92 24.58
N HIS B 828 29.96 -50.03 24.46
CA HIS B 828 30.24 -50.87 25.61
C HIS B 828 30.75 -50.01 26.78
N TYR B 829 31.36 -48.88 26.45
CA TYR B 829 31.86 -47.96 27.45
C TYR B 829 30.76 -47.01 27.90
N LEU B 830 30.09 -46.37 26.93
CA LEU B 830 29.00 -45.46 27.22
C LEU B 830 28.02 -46.11 28.19
N GLU B 831 27.52 -47.30 27.82
CA GLU B 831 26.61 -48.05 28.68
C GLU B 831 26.94 -47.93 30.16
N SER B 832 28.19 -48.16 30.53
CA SER B 832 28.56 -48.11 31.94
C SER B 832 28.42 -46.70 32.52
N ARG B 833 28.81 -45.70 31.74
CA ARG B 833 28.76 -44.34 32.23
C ARG B 833 27.33 -43.86 32.48
N VAL B 834 26.41 -44.17 31.57
CA VAL B 834 24.99 -43.88 31.78
C VAL B 834 24.50 -44.60 33.04
N GLU B 835 24.96 -45.83 33.20
CA GLU B 835 24.56 -46.65 34.33
C GLU B 835 25.11 -46.10 35.63
N ALA B 836 26.39 -45.72 35.57
CA ALA B 836 27.09 -45.08 36.67
C ALA B 836 26.33 -43.85 37.09
N PHE B 837 25.97 -43.03 36.10
CA PHE B 837 25.26 -41.78 36.31
C PHE B 837 23.94 -41.98 37.08
N LEU B 838 23.31 -43.13 36.85
CA LEU B 838 21.98 -43.41 37.35
C LEU B 838 22.03 -43.61 38.88
N ILE B 839 23.12 -44.19 39.35
CA ILE B 839 23.36 -44.38 40.78
C ILE B 839 23.56 -43.01 41.46
N THR B 840 24.50 -42.23 40.89
CA THR B 840 24.82 -40.85 41.27
C THR B 840 23.55 -40.04 41.43
N MET B 841 22.55 -40.46 40.66
CA MET B 841 21.31 -39.73 40.56
C MET B 841 20.36 -40.20 41.65
N GLU B 842 20.52 -41.45 42.08
CA GLU B 842 19.71 -42.00 43.17
C GLU B 842 20.16 -41.40 44.50
N LYS B 843 21.47 -41.40 44.73
CA LYS B 843 22.03 -40.75 45.91
C LYS B 843 21.59 -39.29 45.89
N SER B 844 21.61 -38.68 44.70
CA SER B 844 21.31 -37.28 44.56
C SER B 844 19.89 -36.91 45.00
N ILE B 845 18.94 -37.82 44.79
CA ILE B 845 17.54 -37.60 45.15
C ILE B 845 17.28 -38.00 46.61
N GLU B 846 17.94 -39.07 47.05
CA GLU B 846 17.96 -39.48 48.45
C GLU B 846 18.27 -38.27 49.34
N ASP B 847 19.28 -37.52 48.93
CA ASP B 847 19.78 -36.37 49.68
C ASP B 847 19.08 -35.06 49.34
N MET B 848 18.50 -34.94 48.15
CA MET B 848 18.03 -33.61 47.69
C MET B 848 16.95 -32.97 48.57
N THR B 849 17.10 -31.65 48.73
CA THR B 849 16.38 -30.88 49.75
C THR B 849 14.88 -31.02 49.54
N GLU B 850 14.11 -30.65 50.56
CA GLU B 850 12.68 -30.75 50.42
C GLU B 850 12.19 -29.91 49.23
N GLU B 851 12.33 -28.60 49.33
CA GLU B 851 11.81 -27.72 48.31
C GLU B 851 12.70 -27.61 47.08
N ALA B 852 13.83 -28.32 47.07
CA ALA B 852 14.57 -28.53 45.82
C ALA B 852 13.63 -29.33 44.90
N PHE B 853 13.15 -30.44 45.44
CA PHE B 853 12.10 -31.27 44.86
C PHE B 853 10.87 -30.47 44.41
N GLN B 854 10.35 -29.61 45.28
CA GLN B 854 9.14 -28.88 44.93
C GLN B 854 9.39 -27.88 43.80
N LYS B 855 10.64 -27.47 43.61
CA LYS B 855 11.06 -26.64 42.48
C LYS B 855 10.89 -27.40 41.17
N HIS B 856 11.27 -28.68 41.20
CA HIS B 856 11.22 -29.54 40.03
C HIS B 856 9.77 -29.82 39.61
N ILE B 857 8.91 -30.06 40.60
CA ILE B 857 7.46 -30.15 40.37
C ILE B 857 6.94 -28.84 39.71
N GLN B 858 7.34 -27.72 40.28
CA GLN B 858 6.95 -26.42 39.78
C GLN B 858 7.47 -26.18 38.36
N ALA B 859 8.70 -26.60 38.09
CA ALA B 859 9.28 -26.38 36.77
C ALA B 859 8.53 -27.22 35.74
N LEU B 860 8.27 -28.49 36.08
CA LEU B 860 7.50 -29.37 35.20
C LEU B 860 6.13 -28.77 34.91
N ALA B 861 5.43 -28.43 35.99
CA ALA B 861 4.11 -27.79 35.94
C ALA B 861 4.04 -26.63 34.94
N ILE B 862 4.92 -25.64 35.09
CA ILE B 862 4.91 -24.49 34.18
C ILE B 862 5.10 -24.93 32.72
N ARG B 863 6.04 -25.84 32.46
CA ARG B 863 6.27 -26.42 31.11
C ARG B 863 4.98 -26.95 30.53
N ARG B 864 4.28 -27.75 31.31
CA ARG B 864 3.13 -28.44 30.81
C ARG B 864 1.92 -27.55 30.61
N LEU B 865 1.83 -26.48 31.41
CA LEU B 865 0.69 -25.57 31.38
C LEU B 865 0.97 -24.30 30.60
N ASP B 866 2.13 -24.23 29.96
CA ASP B 866 2.46 -23.11 29.10
C ASP B 866 1.40 -23.05 28.00
N LYS B 867 0.67 -21.94 27.92
CA LYS B 867 -0.41 -21.81 26.92
C LYS B 867 0.16 -21.66 25.49
N PRO B 868 -0.54 -22.21 24.47
CA PRO B 868 -0.13 -22.02 23.06
C PRO B 868 -0.16 -20.54 22.63
N LYS B 869 0.79 -20.09 21.82
CA LYS B 869 0.84 -18.65 21.47
C LYS B 869 0.33 -18.35 20.06
N LYS B 870 0.25 -19.39 19.23
CA LYS B 870 -0.34 -19.28 17.89
C LYS B 870 -1.27 -20.44 17.66
N LEU B 871 -2.15 -20.27 16.68
CA LEU B 871 -3.16 -21.26 16.36
C LEU B 871 -2.55 -22.64 16.17
N SER B 872 -1.57 -22.74 15.28
CA SER B 872 -1.03 -24.04 14.92
C SER B 872 -0.37 -24.78 16.10
N ALA B 873 0.12 -24.03 17.08
CA ALA B 873 0.65 -24.61 18.32
C ALA B 873 -0.47 -25.34 19.06
N GLU B 874 -1.63 -24.69 19.14
CA GLU B 874 -2.79 -25.28 19.75
C GLU B 874 -3.26 -26.50 18.94
N SER B 875 -3.40 -26.36 17.62
CA SER B 875 -3.82 -27.49 16.77
C SER B 875 -2.97 -28.75 16.94
N ALA B 876 -1.65 -28.60 17.02
CA ALA B 876 -0.78 -29.71 17.29
C ALA B 876 -1.16 -30.39 18.60
N LYS B 877 -1.37 -29.60 19.65
CA LYS B 877 -1.77 -30.14 20.95
C LYS B 877 -3.02 -30.98 20.81
N TYR B 878 -3.95 -30.53 19.97
CA TYR B 878 -5.19 -31.25 19.73
C TYR B 878 -4.94 -32.48 18.88
N TRP B 879 -4.31 -32.28 17.72
CA TRP B 879 -3.99 -33.39 16.83
C TRP B 879 -3.32 -34.53 17.60
N GLY B 880 -2.34 -34.17 18.42
CA GLY B 880 -1.64 -35.13 19.24
C GLY B 880 -2.64 -36.08 19.86
N GLU B 881 -3.56 -35.53 20.66
CA GLU B 881 -4.66 -36.27 21.28
C GLU B 881 -5.48 -37.10 20.31
N ILE B 882 -5.67 -36.57 19.11
CA ILE B 882 -6.43 -37.26 18.07
C ILE B 882 -5.66 -38.41 17.39
N ILE B 883 -4.57 -38.14 16.68
CA ILE B 883 -3.95 -39.26 15.96
C ILE B 883 -3.46 -40.34 16.93
N SER B 884 -3.18 -39.95 18.17
CA SER B 884 -2.73 -40.88 19.21
C SER B 884 -3.85 -41.69 19.83
N GLN B 885 -5.10 -41.39 19.47
CA GLN B 885 -6.28 -42.14 19.92
C GLN B 885 -6.67 -41.93 21.37
N GLN B 886 -6.11 -40.94 22.03
CA GLN B 886 -6.38 -40.80 23.46
C GLN B 886 -7.44 -39.75 23.78
N TYR B 887 -7.59 -38.80 22.87
CA TYR B 887 -8.69 -37.84 22.91
C TYR B 887 -8.82 -37.07 24.21
N ASN B 888 -7.69 -36.88 24.88
CA ASN B 888 -7.69 -36.34 26.21
C ASN B 888 -7.24 -34.87 26.16
N PHE B 889 -8.18 -34.01 25.81
CA PHE B 889 -7.92 -32.59 25.53
C PHE B 889 -7.66 -31.73 26.74
N ASP B 890 -8.13 -32.17 27.90
CA ASP B 890 -7.94 -31.45 29.16
C ASP B 890 -6.70 -32.00 29.93
N ARG B 891 -5.88 -32.76 29.18
CA ARG B 891 -4.76 -33.53 29.73
C ARG B 891 -3.91 -32.80 30.77
N ASP B 892 -3.44 -31.60 30.38
CA ASP B 892 -2.50 -30.83 31.18
C ASP B 892 -2.98 -30.50 32.56
N ASN B 893 -4.23 -30.06 32.65
CA ASN B 893 -4.86 -29.73 33.92
C ASN B 893 -4.96 -30.92 34.87
N THR B 894 -5.42 -32.06 34.37
CA THR B 894 -5.54 -33.24 35.23
C THR B 894 -4.15 -33.77 35.61
N GLU B 895 -3.27 -33.92 34.62
CA GLU B 895 -1.93 -34.46 34.88
C GLU B 895 -1.08 -33.60 35.81
N VAL B 896 -1.23 -32.28 35.68
CA VAL B 896 -0.52 -31.33 36.55
C VAL B 896 -1.12 -31.31 37.97
N ALA B 897 -2.44 -31.34 38.07
CA ALA B 897 -3.08 -31.49 39.36
C ALA B 897 -2.57 -32.76 40.02
N TYR B 898 -2.43 -33.84 39.28
CA TYR B 898 -1.92 -35.10 39.86
C TYR B 898 -0.41 -35.10 40.14
N LEU B 899 0.34 -34.41 39.28
CA LEU B 899 1.77 -34.18 39.49
C LEU B 899 2.03 -33.62 40.89
N LYS B 900 1.17 -32.70 41.33
CA LYS B 900 1.39 -32.07 42.63
C LYS B 900 1.28 -32.93 43.91
N THR B 901 0.41 -33.95 43.93
CA THR B 901 0.34 -34.85 45.10
C THR B 901 1.48 -35.86 45.15
N LEU B 902 2.29 -35.88 44.11
CA LEU B 902 3.44 -36.78 43.99
C LEU B 902 4.55 -36.41 44.98
N THR B 903 5.05 -37.39 45.74
CA THR B 903 6.06 -37.13 46.78
C THR B 903 7.43 -37.72 46.44
N LYS B 904 8.50 -37.18 47.05
CA LYS B 904 9.86 -37.70 46.80
C LYS B 904 9.88 -39.22 47.01
N GLU B 905 9.14 -39.67 48.02
CA GLU B 905 8.84 -41.08 48.28
C GLU B 905 8.55 -41.88 47.02
N ASP B 906 7.53 -41.37 46.33
CA ASP B 906 6.94 -42.02 45.17
C ASP B 906 8.01 -42.21 44.11
N ILE B 907 8.66 -41.11 43.74
CA ILE B 907 9.74 -41.12 42.76
C ILE B 907 10.78 -42.20 43.09
N ILE B 908 11.15 -42.32 44.37
CA ILE B 908 12.10 -43.35 44.75
C ILE B 908 11.55 -44.77 44.53
N LYS B 909 10.35 -45.06 45.04
CA LYS B 909 9.76 -46.40 44.82
C LYS B 909 9.76 -46.72 43.32
N PHE B 910 9.24 -45.78 42.53
CA PHE B 910 9.22 -45.83 41.08
C PHE B 910 10.59 -46.12 40.47
N TYR B 911 11.62 -45.39 40.88
CA TYR B 911 12.97 -45.69 40.41
C TYR B 911 13.43 -47.10 40.80
N LYS B 912 13.13 -47.50 42.03
CA LYS B 912 13.56 -48.78 42.56
C LYS B 912 12.86 -49.95 41.90
N GLU B 913 11.55 -49.79 41.72
CA GLU B 913 10.69 -50.74 40.99
C GLU B 913 11.01 -50.88 39.49
N MET B 914 11.28 -49.75 38.82
CA MET B 914 11.32 -49.72 37.35
C MET B 914 12.68 -49.58 36.70
N LEU B 915 13.51 -48.65 37.19
CA LEU B 915 14.73 -48.21 36.46
C LEU B 915 16.08 -48.64 37.04
N ALA B 916 16.13 -48.76 38.37
CA ALA B 916 17.32 -49.22 39.06
C ALA B 916 17.85 -50.50 38.42
N VAL B 917 19.17 -50.65 38.33
CA VAL B 917 19.79 -51.80 37.68
C VAL B 917 19.22 -53.14 38.14
N ASP B 918 18.74 -53.19 39.39
CA ASP B 918 18.21 -54.43 39.96
C ASP B 918 16.76 -54.22 40.39
N ALA B 919 16.04 -53.48 39.56
CA ALA B 919 14.62 -53.33 39.74
C ALA B 919 14.01 -54.65 39.30
N PRO B 920 13.03 -55.17 40.07
CA PRO B 920 12.27 -56.37 39.64
C PRO B 920 11.68 -56.21 38.23
N ARG B 921 11.34 -54.97 37.87
CA ARG B 921 10.62 -54.67 36.62
C ARG B 921 11.45 -53.88 35.57
N ARG B 922 12.77 -54.00 35.61
CA ARG B 922 13.59 -53.28 34.68
C ARG B 922 13.52 -53.90 33.28
N HIS B 923 13.11 -53.10 32.30
CA HIS B 923 12.98 -53.55 30.92
C HIS B 923 13.89 -52.73 30.07
N LYS B 924 14.89 -53.34 29.48
CA LYS B 924 15.91 -52.55 28.88
C LYS B 924 16.29 -53.03 27.50
N VAL B 925 16.33 -52.10 26.54
CA VAL B 925 16.90 -52.39 25.23
C VAL B 925 17.89 -51.33 24.90
N SER B 926 18.87 -51.70 24.08
CA SER B 926 19.94 -50.83 23.71
C SER B 926 20.25 -51.05 22.25
N VAL B 927 20.45 -49.95 21.52
CA VAL B 927 20.92 -50.01 20.15
C VAL B 927 22.31 -49.40 20.09
N HIS B 928 23.32 -50.20 19.69
CA HIS B 928 24.69 -49.74 19.61
C HIS B 928 25.05 -49.56 18.16
N VAL B 929 25.24 -48.33 17.72
CA VAL B 929 25.79 -48.13 16.39
C VAL B 929 27.26 -47.82 16.49
N LEU B 930 28.08 -48.71 15.94
CA LEU B 930 29.54 -48.60 16.02
C LEU B 930 30.06 -47.70 14.94
N ALA B 931 31.01 -46.86 15.33
CA ALA B 931 31.82 -46.07 14.40
C ALA B 931 32.43 -46.85 13.25
N ARG B 932 32.69 -46.17 12.14
CA ARG B 932 33.27 -46.80 10.97
C ARG B 932 34.39 -47.82 11.33
N GLU B 933 35.04 -47.68 12.49
CA GLU B 933 36.34 -48.32 12.83
C GLU B 933 36.40 -49.54 13.73
N MET B 934 35.40 -49.65 14.59
CA MET B 934 35.47 -50.36 15.84
C MET B 934 35.23 -51.83 15.67
N ASP B 935 34.99 -52.52 16.77
CA ASP B 935 34.75 -53.96 16.74
C ASP B 935 33.46 -54.29 16.00
N ASN B 950 39.69 -39.27 38.59
CA ASN B 950 38.78 -39.57 37.48
C ASN B 950 37.25 -39.64 37.88
N LEU B 951 36.61 -40.80 37.66
CA LEU B 951 35.14 -40.90 37.51
C LEU B 951 34.39 -41.72 38.58
N SER B 952 33.05 -41.63 38.58
CA SER B 952 32.19 -42.37 39.51
C SER B 952 32.16 -43.88 39.26
N GLN B 953 31.71 -44.64 40.24
CA GLN B 953 31.66 -46.10 40.16
C GLN B 953 30.53 -46.60 39.26
N ALA B 954 30.89 -47.20 38.13
CA ALA B 954 29.90 -47.88 37.30
C ALA B 954 29.55 -49.24 37.93
N PRO B 955 28.25 -49.61 37.93
CA PRO B 955 27.77 -50.92 38.47
C PRO B 955 28.13 -52.12 37.59
N ALA B 956 27.80 -53.34 38.03
CA ALA B 956 28.07 -54.52 37.22
C ALA B 956 26.82 -54.90 36.44
N LEU B 957 27.02 -55.21 35.15
CA LEU B 957 25.90 -55.39 34.24
C LEU B 957 25.77 -56.82 33.71
N PRO B 958 24.53 -57.35 33.66
CA PRO B 958 24.31 -58.70 33.13
C PRO B 958 24.82 -58.93 31.69
N GLN B 959 25.09 -60.18 31.35
CA GLN B 959 25.23 -60.58 29.96
C GLN B 959 23.95 -60.18 29.21
N PRO B 960 24.07 -59.43 28.10
CA PRO B 960 22.82 -59.14 27.41
C PRO B 960 22.50 -60.14 26.33
N GLU B 961 21.20 -60.29 26.05
CA GLU B 961 20.80 -61.06 24.90
C GLU B 961 20.97 -60.23 23.64
N VAL B 962 21.68 -60.82 22.69
CA VAL B 962 22.12 -60.12 21.50
C VAL B 962 21.17 -60.39 20.33
N ILE B 963 20.17 -59.52 20.17
CA ILE B 963 19.26 -59.53 19.03
C ILE B 963 20.01 -59.74 17.72
N GLN B 964 19.58 -60.76 17.01
CA GLN B 964 20.28 -61.25 15.87
C GLN B 964 19.46 -60.98 14.63
N ASN B 965 18.18 -60.69 14.82
CA ASN B 965 17.21 -60.62 13.75
C ASN B 965 15.96 -59.94 14.28
N MET B 966 15.59 -58.79 13.74
CA MET B 966 14.48 -58.08 14.39
C MET B 966 13.12 -58.78 14.26
N THR B 967 13.03 -59.70 13.32
CA THR B 967 11.79 -60.42 13.17
C THR B 967 11.71 -61.48 14.25
N GLU B 968 12.79 -62.28 14.35
CA GLU B 968 12.92 -63.25 15.45
C GLU B 968 12.69 -62.54 16.78
N PHE B 969 13.39 -61.44 17.00
CA PHE B 969 13.20 -60.65 18.20
C PHE B 969 11.71 -60.44 18.54
N LYS B 970 11.01 -59.76 17.65
CA LYS B 970 9.60 -59.36 17.78
C LYS B 970 8.63 -60.53 17.94
N ARG B 971 8.76 -61.51 17.05
CA ARG B 971 8.03 -62.79 17.13
C ARG B 971 8.21 -63.42 18.51
N GLY B 972 9.46 -63.38 19.02
CA GLY B 972 9.85 -63.89 20.33
C GLY B 972 9.22 -63.32 21.60
N LEU B 973 8.52 -62.19 21.54
CA LEU B 973 7.90 -61.66 22.77
C LEU B 973 6.52 -61.00 22.61
N PRO B 974 5.82 -60.76 23.74
CA PRO B 974 4.45 -60.26 23.67
C PRO B 974 4.31 -58.84 23.15
N LEU B 975 3.07 -58.43 22.89
CA LEU B 975 2.75 -57.09 22.44
C LEU B 975 1.85 -56.43 23.46
N PHE B 976 2.02 -55.13 23.66
CA PHE B 976 1.20 -54.44 24.64
C PHE B 976 -0.25 -54.34 24.18
N PRO B 977 -1.17 -54.05 25.12
CA PRO B 977 -2.51 -53.60 24.71
C PRO B 977 -2.35 -52.28 23.97
N LEU B 978 -3.40 -51.87 23.26
CA LEU B 978 -3.50 -50.50 22.77
C LEU B 978 -4.13 -49.65 23.88
N VAL B 979 -3.81 -48.36 23.93
CA VAL B 979 -4.35 -47.49 25.00
C VAL B 979 -5.87 -47.25 24.80
N LYS B 980 -6.60 -47.10 25.90
CA LYS B 980 -8.02 -46.73 25.86
C LYS B 980 -8.26 -45.26 25.45
N PRO B 981 -9.33 -44.97 24.65
CA PRO B 981 -9.79 -43.56 24.46
C PRO B 981 -10.43 -42.98 25.74
N HIS B 982 -10.65 -41.66 25.80
CA HIS B 982 -11.05 -41.01 27.08
C HIS B 982 -12.57 -41.05 27.44
N ALA C 1 -21.25 38.81 -24.97
CA ALA C 1 -20.27 37.71 -25.04
C ALA C 1 -20.58 36.80 -26.26
N SER C 2 -19.53 36.34 -26.97
CA SER C 2 -19.56 35.20 -27.93
C SER C 2 -19.74 33.99 -27.01
N LEU C 3 -20.45 32.91 -27.38
CA LEU C 3 -20.50 31.73 -26.46
C LEU C 3 -19.12 31.03 -26.37
N ALA C 4 -18.78 30.53 -25.17
CA ALA C 4 -17.46 29.91 -24.90
C ALA C 4 -17.47 28.39 -25.15
N LYS C 45 -23.81 19.93 -18.16
CA LYS C 45 -22.75 19.98 -19.18
C LYS C 45 -21.95 18.66 -19.29
N ARG C 46 -21.29 18.27 -18.20
CA ARG C 46 -20.15 17.33 -18.19
C ARG C 46 -20.01 16.69 -16.80
N SER C 47 -20.55 15.47 -16.65
CA SER C 47 -20.57 14.71 -15.37
C SER C 47 -19.17 14.26 -14.87
N ARG C 48 -18.87 14.47 -13.57
CA ARG C 48 -17.49 14.50 -13.03
C ARG C 48 -17.18 13.65 -11.76
N GLN C 49 -16.12 14.07 -11.04
CA GLN C 49 -15.79 13.76 -9.61
C GLN C 49 -14.96 14.90 -8.89
N VAL C 50 -14.69 14.75 -7.58
CA VAL C 50 -14.11 15.84 -6.75
C VAL C 50 -14.49 17.29 -7.18
N ALA D 1 12.07 -21.99 -5.18
CA ALA D 1 11.88 -21.18 -3.97
C ALA D 1 12.87 -20.01 -3.99
N SER D 2 12.44 -18.85 -3.47
CA SER D 2 13.29 -17.67 -3.13
C SER D 2 14.24 -18.08 -1.96
N LEU D 3 15.51 -17.67 -1.93
CA LEU D 3 16.40 -18.15 -0.84
C LEU D 3 15.98 -17.72 0.61
N ALA D 4 16.08 -18.65 1.57
CA ALA D 4 15.63 -18.49 2.97
C ALA D 4 16.02 -17.15 3.65
N SER D 47 27.00 -22.78 13.99
CA SER D 47 27.75 -23.36 15.11
C SER D 47 27.06 -23.17 16.48
N ARG D 48 26.26 -24.16 16.91
CA ARG D 48 25.39 -24.07 18.10
C ARG D 48 25.90 -25.05 19.17
N GLN D 49 25.09 -25.31 20.20
CA GLN D 49 25.51 -26.19 21.32
C GLN D 49 24.49 -27.38 21.40
N VAL D 50 23.19 -27.11 21.61
CA VAL D 50 22.10 -27.90 22.26
C VAL D 50 20.80 -27.99 21.43
#